data_3NV4
# 
_entry.id   3NV4 
# 
_audit_conform.dict_name       mmcif_pdbx.dic 
_audit_conform.dict_version    5.380 
_audit_conform.dict_location   http://mmcif.pdb.org/dictionaries/ascii/mmcif_pdbx.dic 
# 
loop_
_database_2.database_id 
_database_2.database_code 
_database_2.pdbx_database_accession 
_database_2.pdbx_DOI 
PDB   3NV4         pdb_00003nv4 10.2210/pdb3nv4/pdb 
RCSB  RCSB060316   ?            ?                   
WWPDB D_1000060316 ?            ?                   
# 
loop_
_pdbx_database_related.db_name 
_pdbx_database_related.db_id 
_pdbx_database_related.details 
_pdbx_database_related.content_type 
PDB 3NV1 'The same protein without ligand'                   unspecified 
PDB 3NV2 'The same protein with N-acetyllactosamine'         unspecified 
PDB 3NV3 'The same protein with biantennary oligosaccharide' unspecified 
# 
_pdbx_database_status.status_code                     REL 
_pdbx_database_status.entry_id                        3NV4 
_pdbx_database_status.recvd_initial_deposition_date   2010-07-07 
_pdbx_database_status.deposit_site                    RCSB 
_pdbx_database_status.process_site                    PDBJ 
_pdbx_database_status.status_code_sf                  REL 
_pdbx_database_status.status_code_mr                  ? 
_pdbx_database_status.SG_entry                        ? 
_pdbx_database_status.pdb_format_compatible           Y 
_pdbx_database_status.status_code_cs                  ? 
_pdbx_database_status.status_code_nmr_data            ? 
_pdbx_database_status.methods_development_category    ? 
# 
loop_
_audit_author.name 
_audit_author.pdbx_ordinal 
'Yoshida, H.'  1 
'Kamitori, S.' 2 
# 
_citation.id                        primary 
_citation.title                     
'X-ray structures of human galectin-9 C-terminal domain in complexes with a biantennary oligosaccharide and sialyllactose' 
_citation.journal_abbrev            J.Biol.Chem. 
_citation.journal_volume            285 
_citation.page_first                36969 
_citation.page_last                 36976 
_citation.year                      2010 
_citation.journal_id_ASTM           JBCHA3 
_citation.country                   US 
_citation.journal_id_ISSN           0021-9258 
_citation.journal_id_CSD            0071 
_citation.book_publisher            ? 
_citation.pdbx_database_id_PubMed   20861009 
_citation.pdbx_database_id_DOI      10.1074/jbc.M110.163402 
# 
loop_
_citation_author.citation_id 
_citation_author.name 
_citation_author.ordinal 
_citation_author.identifier_ORCID 
primary 'Yoshida, H.'   1 ? 
primary 'Teraoka, M.'   2 ? 
primary 'Nishi, N.'     3 ? 
primary 'Nakakita, S.'  4 ? 
primary 'Nakamura, T.'  5 ? 
primary 'Hirashima, M.' 6 ? 
primary 'Kamitori, S.'  7 ? 
# 
_cell.entry_id           3NV4 
_cell.length_a           70.766 
_cell.length_b           70.766 
_cell.length_c           50.480 
_cell.angle_alpha        90.00 
_cell.angle_beta         90.00 
_cell.angle_gamma        120.00 
_cell.Z_PDB              6 
_cell.pdbx_unique_axis   ? 
_cell.length_a_esd       ? 
_cell.length_b_esd       ? 
_cell.length_c_esd       ? 
_cell.angle_alpha_esd    ? 
_cell.angle_beta_esd     ? 
_cell.angle_gamma_esd    ? 
# 
_symmetry.entry_id                         3NV4 
_symmetry.space_group_name_H-M             'P 63' 
_symmetry.pdbx_full_space_group_name_H-M   ? 
_symmetry.cell_setting                     ? 
_symmetry.Int_Tables_number                173 
_symmetry.space_group_name_Hall            ? 
# 
loop_
_entity.id 
_entity.type 
_entity.src_method 
_entity.pdbx_description 
_entity.formula_weight 
_entity.pdbx_number_of_molecules 
_entity.pdbx_ec 
_entity.pdbx_mutation 
_entity.pdbx_fragment 
_entity.details 
1 polymer     man 'Galectin 9 short isoform variant'                                                       15729.982 1   ? ? 
'C-terminal carbohydrate recognition domain, residues 186-323' ? 
2 branched    man 'N-acetyl-alpha-neuraminic acid-(2-3)-beta-D-galactopyranose-(1-4)-beta-D-glucopyranose' 633.552   1   ? ? ? ? 
3 non-polymer syn 'NICKEL (II) ION'                                                                        58.693    1   ? ? ? ? 
4 water       nat water                                                                                    18.015    128 ? ? ? ? 
# 
_entity_name_com.entity_id   1 
_entity_name_com.name        Galectin-9 
# 
_entity_poly.entity_id                      1 
_entity_poly.type                           'polypeptide(L)' 
_entity_poly.nstd_linkage                   no 
_entity_poly.nstd_monomer                   no 
_entity_poly.pdbx_seq_one_letter_code       
;YPHPAYPMPFITTILGGLYPSKSILLSGTVLPSAQRFHINLCSGNHIAFHLNPRFDENAVVRNTQIDNSWGSEERSLPRK
MPFVRGQSFSVWILCEAHCLKVAVDGQHLFEYYHRLRNLPTINRLEVGGDIQLTHVQT
;
_entity_poly.pdbx_seq_one_letter_code_can   
;YPHPAYPMPFITTILGGLYPSKSILLSGTVLPSAQRFHINLCSGNHIAFHLNPRFDENAVVRNTQIDNSWGSEERSLPRK
MPFVRGQSFSVWILCEAHCLKVAVDGQHLFEYYHRLRNLPTINRLEVGGDIQLTHVQT
;
_entity_poly.pdbx_strand_id                 A 
_entity_poly.pdbx_target_identifier         ? 
# 
loop_
_entity_poly_seq.entity_id 
_entity_poly_seq.num 
_entity_poly_seq.mon_id 
_entity_poly_seq.hetero 
1 1   TYR n 
1 2   PRO n 
1 3   HIS n 
1 4   PRO n 
1 5   ALA n 
1 6   TYR n 
1 7   PRO n 
1 8   MET n 
1 9   PRO n 
1 10  PHE n 
1 11  ILE n 
1 12  THR n 
1 13  THR n 
1 14  ILE n 
1 15  LEU n 
1 16  GLY n 
1 17  GLY n 
1 18  LEU n 
1 19  TYR n 
1 20  PRO n 
1 21  SER n 
1 22  LYS n 
1 23  SER n 
1 24  ILE n 
1 25  LEU n 
1 26  LEU n 
1 27  SER n 
1 28  GLY n 
1 29  THR n 
1 30  VAL n 
1 31  LEU n 
1 32  PRO n 
1 33  SER n 
1 34  ALA n 
1 35  GLN n 
1 36  ARG n 
1 37  PHE n 
1 38  HIS n 
1 39  ILE n 
1 40  ASN n 
1 41  LEU n 
1 42  CYS n 
1 43  SER n 
1 44  GLY n 
1 45  ASN n 
1 46  HIS n 
1 47  ILE n 
1 48  ALA n 
1 49  PHE n 
1 50  HIS n 
1 51  LEU n 
1 52  ASN n 
1 53  PRO n 
1 54  ARG n 
1 55  PHE n 
1 56  ASP n 
1 57  GLU n 
1 58  ASN n 
1 59  ALA n 
1 60  VAL n 
1 61  VAL n 
1 62  ARG n 
1 63  ASN n 
1 64  THR n 
1 65  GLN n 
1 66  ILE n 
1 67  ASP n 
1 68  ASN n 
1 69  SER n 
1 70  TRP n 
1 71  GLY n 
1 72  SER n 
1 73  GLU n 
1 74  GLU n 
1 75  ARG n 
1 76  SER n 
1 77  LEU n 
1 78  PRO n 
1 79  ARG n 
1 80  LYS n 
1 81  MET n 
1 82  PRO n 
1 83  PHE n 
1 84  VAL n 
1 85  ARG n 
1 86  GLY n 
1 87  GLN n 
1 88  SER n 
1 89  PHE n 
1 90  SER n 
1 91  VAL n 
1 92  TRP n 
1 93  ILE n 
1 94  LEU n 
1 95  CYS n 
1 96  GLU n 
1 97  ALA n 
1 98  HIS n 
1 99  CYS n 
1 100 LEU n 
1 101 LYS n 
1 102 VAL n 
1 103 ALA n 
1 104 VAL n 
1 105 ASP n 
1 106 GLY n 
1 107 GLN n 
1 108 HIS n 
1 109 LEU n 
1 110 PHE n 
1 111 GLU n 
1 112 TYR n 
1 113 TYR n 
1 114 HIS n 
1 115 ARG n 
1 116 LEU n 
1 117 ARG n 
1 118 ASN n 
1 119 LEU n 
1 120 PRO n 
1 121 THR n 
1 122 ILE n 
1 123 ASN n 
1 124 ARG n 
1 125 LEU n 
1 126 GLU n 
1 127 VAL n 
1 128 GLY n 
1 129 GLY n 
1 130 ASP n 
1 131 ILE n 
1 132 GLN n 
1 133 LEU n 
1 134 THR n 
1 135 HIS n 
1 136 VAL n 
1 137 GLN n 
1 138 THR n 
# 
_entity_src_gen.entity_id                          1 
_entity_src_gen.pdbx_src_id                        1 
_entity_src_gen.pdbx_alt_source_flag               sample 
_entity_src_gen.pdbx_seq_type                      ? 
_entity_src_gen.pdbx_beg_seq_num                   ? 
_entity_src_gen.pdbx_end_seq_num                   ? 
_entity_src_gen.gene_src_common_name               human 
_entity_src_gen.gene_src_genus                     ? 
_entity_src_gen.pdbx_gene_src_gene                 ? 
_entity_src_gen.gene_src_species                   ? 
_entity_src_gen.gene_src_strain                    ? 
_entity_src_gen.gene_src_tissue                    ? 
_entity_src_gen.gene_src_tissue_fraction           ? 
_entity_src_gen.gene_src_details                   ? 
_entity_src_gen.pdbx_gene_src_fragment             ? 
_entity_src_gen.pdbx_gene_src_scientific_name      'Homo sapiens' 
_entity_src_gen.pdbx_gene_src_ncbi_taxonomy_id     9606 
_entity_src_gen.pdbx_gene_src_variant              ? 
_entity_src_gen.pdbx_gene_src_cell_line            ? 
_entity_src_gen.pdbx_gene_src_atcc                 ? 
_entity_src_gen.pdbx_gene_src_organ                ? 
_entity_src_gen.pdbx_gene_src_organelle            ? 
_entity_src_gen.pdbx_gene_src_cell                 ? 
_entity_src_gen.pdbx_gene_src_cellular_location    ? 
_entity_src_gen.host_org_common_name               ? 
_entity_src_gen.pdbx_host_org_scientific_name      'Escherichia coli' 
_entity_src_gen.pdbx_host_org_ncbi_taxonomy_id     469008 
_entity_src_gen.host_org_genus                     ? 
_entity_src_gen.pdbx_host_org_gene                 ? 
_entity_src_gen.pdbx_host_org_organ                ? 
_entity_src_gen.host_org_species                   ? 
_entity_src_gen.pdbx_host_org_tissue               ? 
_entity_src_gen.pdbx_host_org_tissue_fraction      ? 
_entity_src_gen.pdbx_host_org_strain               'BL21(DE3)' 
_entity_src_gen.pdbx_host_org_variant              ? 
_entity_src_gen.pdbx_host_org_cell_line            ? 
_entity_src_gen.pdbx_host_org_atcc                 ? 
_entity_src_gen.pdbx_host_org_culture_collection   ? 
_entity_src_gen.pdbx_host_org_cell                 ? 
_entity_src_gen.pdbx_host_org_organelle            ? 
_entity_src_gen.pdbx_host_org_cellular_location    ? 
_entity_src_gen.pdbx_host_org_vector_type          PLASMID 
_entity_src_gen.pdbx_host_org_vector               ? 
_entity_src_gen.host_org_details                   ? 
_entity_src_gen.expression_system_id               ? 
_entity_src_gen.plasmid_name                       pGEX-4T-2 
_entity_src_gen.plasmid_details                    ? 
_entity_src_gen.pdbx_description                   ? 
# 
_struct_ref.id                         1 
_struct_ref.db_name                    UNP 
_struct_ref.db_code                    Q53FQ0_HUMAN 
_struct_ref.pdbx_db_accession          Q53FQ0 
_struct_ref.entity_id                  1 
_struct_ref.pdbx_seq_one_letter_code   
;YPHPAYPMPFITTILGGLYPSKSILLSGTVLPSAQRFHINLCSGNHIAFHLNPRFDENAVVRNTQIDNSWGSEERSLPRK
MPFVRGQSFSVWILCEAHCLKVAVDGQHLFEYYHRLRNLPTINRLEVGGDIQLTHVQT
;
_struct_ref.pdbx_align_begin           218 
_struct_ref.pdbx_db_isoform            ? 
# 
_struct_ref_seq.align_id                      1 
_struct_ref_seq.ref_id                        1 
_struct_ref_seq.pdbx_PDB_id_code              3NV4 
_struct_ref_seq.pdbx_strand_id                A 
_struct_ref_seq.seq_align_beg                 1 
_struct_ref_seq.pdbx_seq_align_beg_ins_code   ? 
_struct_ref_seq.seq_align_end                 138 
_struct_ref_seq.pdbx_seq_align_end_ins_code   ? 
_struct_ref_seq.pdbx_db_accession             Q53FQ0 
_struct_ref_seq.db_align_beg                  186 
_struct_ref_seq.pdbx_db_align_beg_ins_code    ? 
_struct_ref_seq.db_align_end                  323 
_struct_ref_seq.pdbx_db_align_end_ins_code    ? 
_struct_ref_seq.pdbx_auth_seq_align_beg       186 
_struct_ref_seq.pdbx_auth_seq_align_end       323 
# 
loop_
_chem_comp.id 
_chem_comp.type 
_chem_comp.mon_nstd_flag 
_chem_comp.name 
_chem_comp.pdbx_synonyms 
_chem_comp.formula 
_chem_comp.formula_weight 
ALA 'L-peptide linking'           y ALANINE                          ? 'C3 H7 N O2'     89.093  
ARG 'L-peptide linking'           y ARGININE                         ? 'C6 H15 N4 O2 1' 175.209 
ASN 'L-peptide linking'           y ASPARAGINE                       ? 'C4 H8 N2 O3'    132.118 
ASP 'L-peptide linking'           y 'ASPARTIC ACID'                  ? 'C4 H7 N O4'     133.103 
BGC 'D-saccharide, beta linking'  . beta-D-glucopyranose             'beta-D-glucose; D-glucose; glucose' 'C6 H12 O6'      180.156 
CYS 'L-peptide linking'           y CYSTEINE                         ? 'C3 H7 N O2 S'   121.158 
GAL 'D-saccharide, beta linking'  . beta-D-galactopyranose           'beta-D-galactose; D-galactose; galactose' 'C6 H12 O6'      
180.156 
GLN 'L-peptide linking'           y GLUTAMINE                        ? 'C5 H10 N2 O3'   146.144 
GLU 'L-peptide linking'           y 'GLUTAMIC ACID'                  ? 'C5 H9 N O4'     147.129 
GLY 'peptide linking'             y GLYCINE                          ? 'C2 H5 N O2'     75.067  
HIS 'L-peptide linking'           y HISTIDINE                        ? 'C6 H10 N3 O2 1' 156.162 
HOH non-polymer                   . WATER                            ? 'H2 O'           18.015  
ILE 'L-peptide linking'           y ISOLEUCINE                       ? 'C6 H13 N O2'    131.173 
LEU 'L-peptide linking'           y LEUCINE                          ? 'C6 H13 N O2'    131.173 
LYS 'L-peptide linking'           y LYSINE                           ? 'C6 H15 N2 O2 1' 147.195 
MET 'L-peptide linking'           y METHIONINE                       ? 'C5 H11 N O2 S'  149.211 
NI  non-polymer                   . 'NICKEL (II) ION'                ? 'Ni 2'           58.693  
PHE 'L-peptide linking'           y PHENYLALANINE                    ? 'C9 H11 N O2'    165.189 
PRO 'L-peptide linking'           y PROLINE                          ? 'C5 H9 N O2'     115.130 
SER 'L-peptide linking'           y SERINE                           ? 'C3 H7 N O3'     105.093 
SIA 'D-saccharide, alpha linking' . 'N-acetyl-alpha-neuraminic acid' 
'N-acetylneuraminic acid; sialic acid; alpha-sialic acid; O-SIALIC ACID' 'C11 H19 N O9'   309.270 
THR 'L-peptide linking'           y THREONINE                        ? 'C4 H9 N O3'     119.119 
TRP 'L-peptide linking'           y TRYPTOPHAN                       ? 'C11 H12 N2 O2'  204.225 
TYR 'L-peptide linking'           y TYROSINE                         ? 'C9 H11 N O3'    181.189 
VAL 'L-peptide linking'           y VALINE                           ? 'C5 H11 N O2'    117.146 
# 
_exptl.entry_id          3NV4 
_exptl.method            'X-RAY DIFFRACTION' 
_exptl.crystals_number   1 
# 
_exptl_crystal.id                    1 
_exptl_crystal.density_meas          ? 
_exptl_crystal.density_Matthews      2.32 
_exptl_crystal.density_percent_sol   46.97 
_exptl_crystal.description           ? 
_exptl_crystal.F_000                 ? 
_exptl_crystal.preparation           ? 
# 
_exptl_crystal_grow.crystal_id      1 
_exptl_crystal_grow.method          'VAPOR DIFFUSION, HANGING DROP' 
_exptl_crystal_grow.temp            293 
_exptl_crystal_grow.temp_details    ? 
_exptl_crystal_grow.pH              8.5 
_exptl_crystal_grow.pdbx_details    
'20% PEG MME 2000, 0.1M Tris pH 8.5, 0.01M nickel chloride hexahydrate, VAPOR DIFFUSION, HANGING DROP, temperature 293K' 
_exptl_crystal_grow.pdbx_pH_range   . 
# 
_diffrn.id                     1 
_diffrn.ambient_temp           100 
_diffrn.ambient_temp_details   ? 
_diffrn.crystal_id             1 
# 
_diffrn_detector.diffrn_id              1 
_diffrn_detector.detector               CCD 
_diffrn_detector.type                   'ADSC QUANTUM 210r' 
_diffrn_detector.pdbx_collection_date   2010-02-28 
_diffrn_detector.details                ? 
# 
_diffrn_radiation.diffrn_id                        1 
_diffrn_radiation.wavelength_id                    1 
_diffrn_radiation.pdbx_monochromatic_or_laue_m_l   M 
_diffrn_radiation.monochromator                    ? 
_diffrn_radiation.pdbx_diffrn_protocol             'SINGLE WAVELENGTH' 
_diffrn_radiation.pdbx_scattering_type             x-ray 
# 
_diffrn_radiation_wavelength.id           1 
_diffrn_radiation_wavelength.wavelength   1.0 
_diffrn_radiation_wavelength.wt           1.0 
# 
_diffrn_source.diffrn_id                   1 
_diffrn_source.source                      SYNCHROTRON 
_diffrn_source.type                        'PHOTON FACTORY BEAMLINE AR-NW12A' 
_diffrn_source.pdbx_synchrotron_site       'Photon Factory' 
_diffrn_source.pdbx_synchrotron_beamline   AR-NW12A 
_diffrn_source.pdbx_wavelength             ? 
_diffrn_source.pdbx_wavelength_list        1.0 
# 
_reflns.entry_id                     3NV4 
_reflns.observed_criterion_sigma_I   0.0 
_reflns.observed_criterion_sigma_F   0.0 
_reflns.d_resolution_low             50 
_reflns.d_resolution_high            1.99 
_reflns.number_obs                   9959 
_reflns.number_all                   ? 
_reflns.pdbx_number_measured_all     55160 
_reflns.percent_possible_obs         99.7 
_reflns.pdbx_Rmerge_I_obs            0.047 
_reflns.pdbx_Rsym_value              ? 
_reflns.pdbx_netI_over_sigmaI        16.4 
_reflns.B_iso_Wilson_estimate        15.1 
_reflns.pdbx_redundancy              5.5 
_reflns.R_free_details               ? 
_reflns.limit_h_max                  ? 
_reflns.limit_h_min                  ? 
_reflns.limit_k_max                  ? 
_reflns.limit_k_min                  ? 
_reflns.limit_l_max                  ? 
_reflns.limit_l_min                  ? 
_reflns.observed_criterion_F_max     ? 
_reflns.observed_criterion_F_min     ? 
_reflns.pdbx_chi_squared             ? 
_reflns.pdbx_scaling_rejects         ? 
_reflns.pdbx_diffrn_id               1 
_reflns.pdbx_ordinal                 1 
# 
_reflns_shell.d_res_high                  1.99 
_reflns_shell.d_res_low                   2.02 
_reflns_shell.percent_possible_all        95.5 
_reflns_shell.Rmerge_I_obs                0.215 
_reflns_shell.pdbx_Rsym_value             ? 
_reflns_shell.meanI_over_sigI_obs         7.9 
_reflns_shell.pdbx_redundancy             5.1 
_reflns_shell.percent_possible_obs        ? 
_reflns_shell.number_unique_all           ? 
_reflns_shell.number_measured_all         ? 
_reflns_shell.number_measured_obs         ? 
_reflns_shell.number_unique_obs           ? 
_reflns_shell.pdbx_chi_squared            ? 
_reflns_shell.pdbx_rejects                ? 
_reflns_shell.pdbx_netI_over_sigmaI_obs   ? 
_reflns_shell.number_possible             ? 
_reflns_shell.Rmerge_F_all                ? 
_reflns_shell.Rmerge_F_obs                ? 
_reflns_shell.Rmerge_I_all                ? 
_reflns_shell.meanI_over_sigI_all         ? 
_reflns_shell.pdbx_Rrim_I_all             ? 
_reflns_shell.pdbx_Rpim_I_all             ? 
_reflns_shell.pdbx_diffrn_id              ? 
_reflns_shell.pdbx_ordinal                1 
# 
_refine.entry_id                                 3NV4 
_refine.ls_number_reflns_obs                     9744 
_refine.ls_number_reflns_all                     9744 
_refine.pdbx_ls_sigma_I                          ? 
_refine.pdbx_ls_sigma_F                          0.0 
_refine.pdbx_data_cutoff_high_absF               175887.84 
_refine.pdbx_data_cutoff_low_absF                0.000000 
_refine.pdbx_data_cutoff_high_rms_absF           ? 
_refine.ls_d_res_low                             30.64 
_refine.ls_d_res_high                            1.99 
_refine.ls_percent_reflns_obs                    97.8 
_refine.ls_R_factor_obs                          0.183 
_refine.ls_R_factor_all                          0.188 
_refine.ls_R_factor_R_work                       0.183 
_refine.ls_R_factor_R_free                       0.226 
_refine.ls_R_factor_R_free_error                 0.007 
_refine.ls_R_factor_R_free_error_details         ? 
_refine.ls_percent_reflns_R_free                 10.3 
_refine.ls_number_reflns_R_free                  1005 
_refine.ls_number_parameters                     ? 
_refine.ls_number_restraints                     ? 
_refine.occupancy_min                            ? 
_refine.occupancy_max                            ? 
_refine.correlation_coeff_Fo_to_Fc               ? 
_refine.correlation_coeff_Fo_to_Fc_free          ? 
_refine.B_iso_mean                               30.8 
_refine.aniso_B[1][1]                            1.04 
_refine.aniso_B[2][2]                            1.04 
_refine.aniso_B[3][3]                            -2.09 
_refine.aniso_B[1][2]                            1.86 
_refine.aniso_B[1][3]                            0.00 
_refine.aniso_B[2][3]                            0.00 
_refine.solvent_model_details                    'FLAT MODEL' 
_refine.solvent_model_param_ksol                 0.39339 
_refine.solvent_model_param_bsol                 70.7596 
_refine.pdbx_solvent_vdw_probe_radii             ? 
_refine.pdbx_solvent_ion_probe_radii             ? 
_refine.pdbx_solvent_shrinkage_radii             ? 
_refine.pdbx_ls_cross_valid_method               THROUGHOUT 
_refine.details                                  ? 
_refine.pdbx_starting_model                      'PDB entry 3KOE' 
_refine.pdbx_method_to_determine_struct          'MOLECULAR REPLACEMENT' 
_refine.pdbx_isotropic_thermal_model             RESTRAINED 
_refine.pdbx_stereochemistry_target_values       'Engh & Huber' 
_refine.pdbx_stereochem_target_val_spec_case     ? 
_refine.pdbx_R_Free_selection_details            RANDOM 
_refine.pdbx_overall_ESU_R_Free                  ? 
_refine.overall_SU_ML                            ? 
_refine.overall_SU_B                             ? 
_refine.overall_SU_R_Cruickshank_DPI             ? 
_refine.ls_redundancy_reflns_obs                 ? 
_refine.B_iso_min                                ? 
_refine.B_iso_max                                ? 
_refine.overall_SU_R_free                        ? 
_refine.ls_wR_factor_R_free                      ? 
_refine.ls_wR_factor_R_work                      ? 
_refine.overall_FOM_free_R_set                   ? 
_refine.overall_FOM_work_R_set                   ? 
_refine.pdbx_refine_id                           'X-RAY DIFFRACTION' 
_refine.pdbx_overall_phase_error                 ? 
_refine.pdbx_overall_ESU_R                       ? 
_refine.pdbx_diffrn_id                           1 
_refine.pdbx_TLS_residual_ADP_flag               ? 
_refine.pdbx_overall_SU_R_free_Cruickshank_DPI   ? 
_refine.pdbx_overall_SU_R_Blow_DPI               ? 
_refine.pdbx_overall_SU_R_free_Blow_DPI          ? 
# 
_refine_analyze.entry_id                        3NV4 
_refine_analyze.Luzzati_coordinate_error_obs    0.19 
_refine_analyze.Luzzati_sigma_a_obs             0.09 
_refine_analyze.Luzzati_d_res_low_obs           5.00 
_refine_analyze.Luzzati_coordinate_error_free   0.25 
_refine_analyze.Luzzati_sigma_a_free            0.14 
_refine_analyze.Luzzati_d_res_low_free          ? 
_refine_analyze.number_disordered_residues      ? 
_refine_analyze.occupancy_sum_hydrogen          ? 
_refine_analyze.occupancy_sum_non_hydrogen      ? 
_refine_analyze.pdbx_Luzzati_d_res_high_obs     ? 
_refine_analyze.pdbx_refine_id                  'X-RAY DIFFRACTION' 
# 
_refine_hist.pdbx_refine_id                   'X-RAY DIFFRACTION' 
_refine_hist.cycle_id                         LAST 
_refine_hist.pdbx_number_atoms_protein        1091 
_refine_hist.pdbx_number_atoms_nucleic_acid   0 
_refine_hist.pdbx_number_atoms_ligand         44 
_refine_hist.number_atoms_solvent             128 
_refine_hist.number_atoms_total               1263 
_refine_hist.d_res_high                       1.99 
_refine_hist.d_res_low                        30.64 
# 
loop_
_refine_ls_restr.type 
_refine_ls_restr.dev_ideal 
_refine_ls_restr.dev_ideal_target 
_refine_ls_restr.weight 
_refine_ls_restr.number 
_refine_ls_restr.pdbx_refine_id 
_refine_ls_restr.pdbx_restraint_function 
c_bond_d           0.006 ? ? ? 'X-RAY DIFFRACTION' ? 
c_angle_deg        1.5   ? ? ? 'X-RAY DIFFRACTION' ? 
c_dihedral_angle_d 26.3  ? ? ? 'X-RAY DIFFRACTION' ? 
c_improper_angle_d 0.86  ? ? ? 'X-RAY DIFFRACTION' ? 
# 
_refine_ls_shell.pdbx_refine_id                   'X-RAY DIFFRACTION' 
_refine_ls_shell.pdbx_total_number_of_bins_used   6 
_refine_ls_shell.d_res_high                       1.99 
_refine_ls_shell.d_res_low                        2.11 
_refine_ls_shell.number_reflns_R_work             1390 
_refine_ls_shell.R_factor_R_work                  0.184 
_refine_ls_shell.percent_reflns_obs               93.6 
_refine_ls_shell.R_factor_R_free                  0.229 
_refine_ls_shell.R_factor_R_free_error            0.018 
_refine_ls_shell.percent_reflns_R_free            10.2 
_refine_ls_shell.number_reflns_R_free             158 
_refine_ls_shell.number_reflns_all                ? 
_refine_ls_shell.R_factor_all                     ? 
_refine_ls_shell.number_reflns_obs                1390 
_refine_ls_shell.redundancy_reflns_obs            ? 
# 
loop_
_pdbx_xplor_file.pdbx_refine_id 
_pdbx_xplor_file.serial_no 
_pdbx_xplor_file.param_file 
_pdbx_xplor_file.topol_file 
'X-RAY DIFFRACTION' 1 protein_rep.param  protein.top      
'X-RAY DIFFRACTION' 2 carbohydrate.param carbohydrate.top 
'X-RAY DIFFRACTION' 3 ion.param          ion.top          
'X-RAY DIFFRACTION' 4 water_rep.param    water.top        
# 
_struct.entry_id                  3NV4 
_struct.title                     'Crystal structure of human galectin-9 C-terminal CRD in complex with Sialyllactose' 
_struct.pdbx_model_details        ? 
_struct.pdbx_CASP_flag            ? 
_struct.pdbx_model_type_details   ? 
# 
_struct_keywords.entry_id        3NV4 
_struct_keywords.pdbx_keywords   'SUGAR BINDING PROTEIN' 
_struct_keywords.text            'Sugar Binding, Sugar Binding Protein' 
# 
loop_
_struct_asym.id 
_struct_asym.pdbx_blank_PDB_chainid_flag 
_struct_asym.pdbx_modified 
_struct_asym.entity_id 
_struct_asym.details 
A N N 1 ? 
B N N 2 ? 
C N N 3 ? 
D N N 4 ? 
# 
_struct_biol.id        1 
_struct_biol.details   'AUTHOR STATES THAT THE BIOLOGICAL ASSEMBLY IS UNKNOWN.' 
# 
_struct_conf.conf_type_id            HELX_P 
_struct_conf.id                      HELX_P1 
_struct_conf.pdbx_PDB_helix_id       1 
_struct_conf.beg_label_comp_id       ASN 
_struct_conf.beg_label_asym_id       A 
_struct_conf.beg_label_seq_id        118 
_struct_conf.pdbx_beg_PDB_ins_code   ? 
_struct_conf.end_label_comp_id       ILE 
_struct_conf.end_label_asym_id       A 
_struct_conf.end_label_seq_id        122 
_struct_conf.pdbx_end_PDB_ins_code   ? 
_struct_conf.beg_auth_comp_id        ASN 
_struct_conf.beg_auth_asym_id        A 
_struct_conf.beg_auth_seq_id         303 
_struct_conf.end_auth_comp_id        ILE 
_struct_conf.end_auth_asym_id        A 
_struct_conf.end_auth_seq_id         307 
_struct_conf.pdbx_PDB_helix_class    5 
_struct_conf.details                 ? 
_struct_conf.pdbx_PDB_helix_length   5 
# 
_struct_conf_type.id          HELX_P 
_struct_conf_type.criteria    ? 
_struct_conf_type.reference   ? 
# 
loop_
_struct_conn.id 
_struct_conn.conn_type_id 
_struct_conn.pdbx_leaving_atom_flag 
_struct_conn.pdbx_PDB_id 
_struct_conn.ptnr1_label_asym_id 
_struct_conn.ptnr1_label_comp_id 
_struct_conn.ptnr1_label_seq_id 
_struct_conn.ptnr1_label_atom_id 
_struct_conn.pdbx_ptnr1_label_alt_id 
_struct_conn.pdbx_ptnr1_PDB_ins_code 
_struct_conn.pdbx_ptnr1_standard_comp_id 
_struct_conn.ptnr1_symmetry 
_struct_conn.ptnr2_label_asym_id 
_struct_conn.ptnr2_label_comp_id 
_struct_conn.ptnr2_label_seq_id 
_struct_conn.ptnr2_label_atom_id 
_struct_conn.pdbx_ptnr2_label_alt_id 
_struct_conn.pdbx_ptnr2_PDB_ins_code 
_struct_conn.ptnr1_auth_asym_id 
_struct_conn.ptnr1_auth_comp_id 
_struct_conn.ptnr1_auth_seq_id 
_struct_conn.ptnr2_auth_asym_id 
_struct_conn.ptnr2_auth_comp_id 
_struct_conn.ptnr2_auth_seq_id 
_struct_conn.ptnr2_symmetry 
_struct_conn.pdbx_ptnr3_label_atom_id 
_struct_conn.pdbx_ptnr3_label_seq_id 
_struct_conn.pdbx_ptnr3_label_comp_id 
_struct_conn.pdbx_ptnr3_label_asym_id 
_struct_conn.pdbx_ptnr3_label_alt_id 
_struct_conn.pdbx_ptnr3_PDB_ins_code 
_struct_conn.details 
_struct_conn.pdbx_dist_value 
_struct_conn.pdbx_value_order 
_struct_conn.pdbx_role 
covale1 covale both ? B BGC .   O4  ? ? ? 1_555 B GAL . C1 ? ? B BGC 1   B GAL 2   1_555 ? ? ? ? ? ? ? 1.384 ? ? 
covale2 covale both ? B GAL .   O3  ? ? ? 1_555 B SIA . C2 ? ? B GAL 2   B SIA 3   1_555 ? ? ? ? ? ? ? 1.384 ? ? 
metalc1 metalc ?    ? D HOH .   O   ? ? ? 1_555 C NI  . NI ? ? A HOH 12  A NI  401 1_555 ? ? ? ? ? ? ? 2.149 ? ? 
metalc2 metalc ?    ? A HIS 135 NE2 ? ? ? 1_555 C NI  . NI ? ? A HIS 320 A NI  401 1_555 ? ? ? ? ? ? ? 2.193 ? ? 
# 
loop_
_struct_conn_type.id 
_struct_conn_type.criteria 
_struct_conn_type.reference 
covale ? ? 
metalc ? ? 
# 
_struct_mon_prot_cis.pdbx_id                1 
_struct_mon_prot_cis.label_comp_id          MET 
_struct_mon_prot_cis.label_seq_id           8 
_struct_mon_prot_cis.label_asym_id          A 
_struct_mon_prot_cis.label_alt_id           . 
_struct_mon_prot_cis.pdbx_PDB_ins_code      ? 
_struct_mon_prot_cis.auth_comp_id           MET 
_struct_mon_prot_cis.auth_seq_id            193 
_struct_mon_prot_cis.auth_asym_id           A 
_struct_mon_prot_cis.pdbx_label_comp_id_2   PRO 
_struct_mon_prot_cis.pdbx_label_seq_id_2    9 
_struct_mon_prot_cis.pdbx_label_asym_id_2   A 
_struct_mon_prot_cis.pdbx_PDB_ins_code_2    ? 
_struct_mon_prot_cis.pdbx_auth_comp_id_2    PRO 
_struct_mon_prot_cis.pdbx_auth_seq_id_2     194 
_struct_mon_prot_cis.pdbx_auth_asym_id_2    A 
_struct_mon_prot_cis.pdbx_PDB_model_num     1 
_struct_mon_prot_cis.pdbx_omega_angle       0.17 
# 
loop_
_struct_sheet.id 
_struct_sheet.type 
_struct_sheet.number_strands 
_struct_sheet.details 
A ? 6 ? 
B ? 5 ? 
# 
loop_
_struct_sheet_order.sheet_id 
_struct_sheet_order.range_id_1 
_struct_sheet_order.range_id_2 
_struct_sheet_order.offset 
_struct_sheet_order.sense 
A 1 2 ? anti-parallel 
A 2 3 ? anti-parallel 
A 3 4 ? anti-parallel 
A 4 5 ? anti-parallel 
A 5 6 ? anti-parallel 
B 1 2 ? anti-parallel 
B 2 3 ? anti-parallel 
B 3 4 ? anti-parallel 
B 4 5 ? anti-parallel 
# 
loop_
_struct_sheet_range.sheet_id 
_struct_sheet_range.id 
_struct_sheet_range.beg_label_comp_id 
_struct_sheet_range.beg_label_asym_id 
_struct_sheet_range.beg_label_seq_id 
_struct_sheet_range.pdbx_beg_PDB_ins_code 
_struct_sheet_range.end_label_comp_id 
_struct_sheet_range.end_label_asym_id 
_struct_sheet_range.end_label_seq_id 
_struct_sheet_range.pdbx_end_PDB_ins_code 
_struct_sheet_range.beg_auth_comp_id 
_struct_sheet_range.beg_auth_asym_id 
_struct_sheet_range.beg_auth_seq_id 
_struct_sheet_range.end_auth_comp_id 
_struct_sheet_range.end_auth_asym_id 
_struct_sheet_range.end_auth_seq_id 
A 1 PHE A 10  ? THR A 13  ? PHE A 195 THR A 198 
A 2 ARG A 124 ? GLY A 129 ? ARG A 309 GLY A 314 
A 3 PHE A 37  ? SER A 43  ? PHE A 222 SER A 228 
A 4 HIS A 46  ? ARG A 54  ? HIS A 231 ARG A 239 
A 5 ALA A 59  ? ILE A 66  ? ALA A 244 ILE A 251 
A 6 SER A 69  ? TRP A 70  ? SER A 254 TRP A 255 
B 1 GLN A 107 ? TYR A 113 ? GLN A 292 TYR A 298 
B 2 CYS A 99  ? VAL A 104 ? CYS A 284 VAL A 289 
B 3 SER A 88  ? CYS A 95  ? SER A 273 CYS A 280 
B 4 SER A 23  ? VAL A 30  ? SER A 208 VAL A 215 
B 5 ILE A 131 ? GLN A 137 ? ILE A 316 GLN A 322 
# 
loop_
_pdbx_struct_sheet_hbond.sheet_id 
_pdbx_struct_sheet_hbond.range_id_1 
_pdbx_struct_sheet_hbond.range_id_2 
_pdbx_struct_sheet_hbond.range_1_label_atom_id 
_pdbx_struct_sheet_hbond.range_1_label_comp_id 
_pdbx_struct_sheet_hbond.range_1_label_asym_id 
_pdbx_struct_sheet_hbond.range_1_label_seq_id 
_pdbx_struct_sheet_hbond.range_1_PDB_ins_code 
_pdbx_struct_sheet_hbond.range_1_auth_atom_id 
_pdbx_struct_sheet_hbond.range_1_auth_comp_id 
_pdbx_struct_sheet_hbond.range_1_auth_asym_id 
_pdbx_struct_sheet_hbond.range_1_auth_seq_id 
_pdbx_struct_sheet_hbond.range_2_label_atom_id 
_pdbx_struct_sheet_hbond.range_2_label_comp_id 
_pdbx_struct_sheet_hbond.range_2_label_asym_id 
_pdbx_struct_sheet_hbond.range_2_label_seq_id 
_pdbx_struct_sheet_hbond.range_2_PDB_ins_code 
_pdbx_struct_sheet_hbond.range_2_auth_atom_id 
_pdbx_struct_sheet_hbond.range_2_auth_comp_id 
_pdbx_struct_sheet_hbond.range_2_auth_asym_id 
_pdbx_struct_sheet_hbond.range_2_auth_seq_id 
A 1 2 N THR A 12  ? N THR A 197 O LEU A 125 ? O LEU A 310 
A 2 3 O ARG A 124 ? O ARG A 309 N CYS A 42  ? N CYS A 227 
A 3 4 N ILE A 39  ? N ILE A 224 O LEU A 51  ? O LEU A 236 
A 4 5 N ARG A 54  ? N ARG A 239 O ALA A 59  ? O ALA A 244 
A 5 6 N ILE A 66  ? N ILE A 251 O SER A 69  ? O SER A 254 
B 1 2 O LEU A 109 ? O LEU A 294 N VAL A 102 ? N VAL A 287 
B 2 3 O LYS A 101 ? O LYS A 286 N LEU A 94  ? N LEU A 279 
B 3 4 O VAL A 91  ? O VAL A 276 N LEU A 26  ? N LEU A 211 
B 4 5 N THR A 29  ? N THR A 214 O GLN A 132 ? O GLN A 317 
# 
_atom_sites.entry_id                    3NV4 
_atom_sites.fract_transf_matrix[1][1]   -0.00157499 
_atom_sites.fract_transf_matrix[1][2]   0.00458231 
_atom_sites.fract_transf_matrix[1][3]   -0.01558128 
_atom_sites.fract_transf_matrix[2][1]   -0.01267559 
_atom_sites.fract_transf_matrix[2][2]   -0.00527858 
_atom_sites.fract_transf_matrix[2][3]   -0.00881536 
_atom_sites.fract_transf_matrix[3][1]   -0.01053682 
_atom_sites.fract_transf_matrix[3][2]   0.01577560 
_atom_sites.fract_transf_matrix[3][3]   0.00570455 
_atom_sites.fract_transf_vector[1]      0.602757 
_atom_sites.fract_transf_vector[2]      0.731718 
_atom_sites.fract_transf_vector[3]      0.488016 
# 
loop_
_atom_type.symbol 
C  
N  
NI 
O  
S  
# 
loop_
_atom_site.group_PDB 
_atom_site.id 
_atom_site.type_symbol 
_atom_site.label_atom_id 
_atom_site.label_alt_id 
_atom_site.label_comp_id 
_atom_site.label_asym_id 
_atom_site.label_entity_id 
_atom_site.label_seq_id 
_atom_site.pdbx_PDB_ins_code 
_atom_site.Cartn_x 
_atom_site.Cartn_y 
_atom_site.Cartn_z 
_atom_site.occupancy 
_atom_site.B_iso_or_equiv 
_atom_site.pdbx_formal_charge 
_atom_site.auth_seq_id 
_atom_site.auth_comp_id 
_atom_site.auth_asym_id 
_atom_site.auth_atom_id 
_atom_site.pdbx_PDB_model_num 
ATOM   1    N  N   . HIS A 1 3   ? 0.834   -20.370 10.376  1.00 66.13 ? 188 HIS A N   1 
ATOM   2    C  CA  . HIS A 1 3   ? 0.020   -19.141 10.137  1.00 65.94 ? 188 HIS A CA  1 
ATOM   3    C  C   . HIS A 1 3   ? -0.780  -19.217 8.835   1.00 64.34 ? 188 HIS A C   1 
ATOM   4    O  O   . HIS A 1 3   ? -0.212  -19.299 7.744   1.00 64.37 ? 188 HIS A O   1 
ATOM   5    C  CB  . HIS A 1 3   ? 0.927   -17.902 10.128  1.00 68.17 ? 188 HIS A CB  1 
ATOM   6    C  CG  . HIS A 1 3   ? 2.132   -18.030 9.245   1.00 69.74 ? 188 HIS A CG  1 
ATOM   7    N  ND1 . HIS A 1 3   ? 2.048   -18.085 7.870   1.00 70.49 ? 188 HIS A ND1 1 
ATOM   8    C  CD2 . HIS A 1 3   ? 3.451   -18.115 9.544   1.00 70.53 ? 188 HIS A CD2 1 
ATOM   9    C  CE1 . HIS A 1 3   ? 3.262   -18.199 7.360   1.00 70.88 ? 188 HIS A CE1 1 
ATOM   10   N  NE2 . HIS A 1 3   ? 4.131   -18.220 8.355   1.00 70.69 ? 188 HIS A NE2 1 
ATOM   11   N  N   . PRO A 1 4   ? -2.118  -19.177 8.938   1.00 62.22 ? 189 PRO A N   1 
ATOM   12   C  CA  . PRO A 1 4   ? -2.978  -19.244 7.755   1.00 59.71 ? 189 PRO A CA  1 
ATOM   13   C  C   . PRO A 1 4   ? -3.000  -17.913 7.013   1.00 56.51 ? 189 PRO A C   1 
ATOM   14   O  O   . PRO A 1 4   ? -2.057  -17.129 7.111   1.00 57.76 ? 189 PRO A O   1 
ATOM   15   C  CB  . PRO A 1 4   ? -4.335  -19.606 8.343   1.00 60.31 ? 189 PRO A CB  1 
ATOM   16   C  CG  . PRO A 1 4   ? -4.318  -18.875 9.641   1.00 61.95 ? 189 PRO A CG  1 
ATOM   17   C  CD  . PRO A 1 4   ? -2.927  -19.172 10.171  1.00 62.21 ? 189 PRO A CD  1 
ATOM   18   N  N   . ALA A 1 5   ? -4.075  -17.654 6.279   1.00 51.40 ? 190 ALA A N   1 
ATOM   19   C  CA  . ALA A 1 5   ? -4.165  -16.419 5.518   1.00 46.25 ? 190 ALA A CA  1 
ATOM   20   C  C   . ALA A 1 5   ? -5.398  -15.582 5.820   1.00 42.40 ? 190 ALA A C   1 
ATOM   21   O  O   . ALA A 1 5   ? -6.439  -16.099 6.225   1.00 42.07 ? 190 ALA A O   1 
ATOM   22   C  CB  . ALA A 1 5   ? -4.113  -16.733 4.031   1.00 46.19 ? 190 ALA A CB  1 
ATOM   23   N  N   . TYR A 1 6   ? -5.258  -14.277 5.623   1.00 35.77 ? 191 TYR A N   1 
ATOM   24   C  CA  . TYR A 1 6   ? -6.349  -13.339 5.828   1.00 30.79 ? 191 TYR A CA  1 
ATOM   25   C  C   . TYR A 1 6   ? -7.308  -13.497 4.656   1.00 29.93 ? 191 TYR A C   1 
ATOM   26   O  O   . TYR A 1 6   ? -6.945  -14.046 3.615   1.00 28.23 ? 191 TYR A O   1 
ATOM   27   C  CB  . TYR A 1 6   ? -5.837  -11.895 5.794   1.00 27.26 ? 191 TYR A CB  1 
ATOM   28   C  CG  . TYR A 1 6   ? -5.188  -11.386 7.053   1.00 24.65 ? 191 TYR A CG  1 
ATOM   29   C  CD1 . TYR A 1 6   ? -5.549  -10.142 7.573   1.00 23.41 ? 191 TYR A CD1 1 
ATOM   30   C  CD2 . TYR A 1 6   ? -4.203  -12.121 7.715   1.00 24.18 ? 191 TYR A CD2 1 
ATOM   31   C  CE1 . TYR A 1 6   ? -4.947  -9.632  8.718   1.00 24.82 ? 191 TYR A CE1 1 
ATOM   32   C  CE2 . TYR A 1 6   ? -3.588  -11.619 8.874   1.00 25.55 ? 191 TYR A CE2 1 
ATOM   33   C  CZ  . TYR A 1 6   ? -3.967  -10.374 9.365   1.00 26.66 ? 191 TYR A CZ  1 
ATOM   34   O  OH  . TYR A 1 6   ? -3.375  -9.854  10.498  1.00 25.18 ? 191 TYR A OH  1 
ATOM   35   N  N   . PRO A 1 7   ? -8.553  -13.040 4.816   1.00 28.22 ? 192 PRO A N   1 
ATOM   36   C  CA  . PRO A 1 7   ? -9.474  -13.164 3.688   1.00 28.50 ? 192 PRO A CA  1 
ATOM   37   C  C   . PRO A 1 7   ? -9.038  -12.093 2.680   1.00 30.80 ? 192 PRO A C   1 
ATOM   38   O  O   . PRO A 1 7   ? -8.424  -11.082 3.058   1.00 28.47 ? 192 PRO A O   1 
ATOM   39   C  CB  . PRO A 1 7   ? -10.829 -12.857 4.315   1.00 30.69 ? 192 PRO A CB  1 
ATOM   40   C  CG  . PRO A 1 7   ? -10.475 -11.871 5.403   1.00 29.06 ? 192 PRO A CG  1 
ATOM   41   C  CD  . PRO A 1 7   ? -9.237  -12.500 6.006   1.00 29.99 ? 192 PRO A CD  1 
ATOM   42   N  N   . MET A 1 8   ? -9.329  -12.318 1.404   1.00 29.38 ? 193 MET A N   1 
ATOM   43   C  CA  . MET A 1 8   ? -8.963  -11.364 0.364   1.00 29.48 ? 193 MET A CA  1 
ATOM   44   C  C   . MET A 1 8   ? -10.173 -11.105 -0.520  1.00 29.22 ? 193 MET A C   1 
ATOM   45   O  O   . MET A 1 8   ? -10.801 -12.041 -1.016  1.00 30.21 ? 193 MET A O   1 
ATOM   46   C  CB  . MET A 1 8   ? -7.804  -11.908 -0.479  1.00 30.00 ? 193 MET A CB  1 
ATOM   47   C  CG  . MET A 1 8   ? -6.434  -11.833 0.195   1.00 31.46 ? 193 MET A CG  1 
ATOM   48   S  SD  . MET A 1 8   ? -5.834  -10.124 0.401   1.00 33.03 ? 193 MET A SD  1 
ATOM   49   C  CE  . MET A 1 8   ? -5.563  -9.677  -1.318  1.00 27.64 ? 193 MET A CE  1 
ATOM   50   N  N   . PRO A 1 9   ? -10.506 -9.824  -0.739  1.00 27.32 ? 194 PRO A N   1 
ATOM   51   C  CA  . PRO A 1 9   ? -9.781  -8.673  -0.186  1.00 25.53 ? 194 PRO A CA  1 
ATOM   52   C  C   . PRO A 1 9   ? -9.946  -8.519  1.322   1.00 25.68 ? 194 PRO A C   1 
ATOM   53   O  O   . PRO A 1 9   ? -10.897 -9.034  1.911   1.00 24.98 ? 194 PRO A O   1 
ATOM   54   C  CB  . PRO A 1 9   ? -10.381 -7.491  -0.948  1.00 25.41 ? 194 PRO A CB  1 
ATOM   55   C  CG  . PRO A 1 9   ? -11.814 -7.940  -1.146  1.00 26.82 ? 194 PRO A CG  1 
ATOM   56   C  CD  . PRO A 1 9   ? -11.636 -9.380  -1.576  1.00 26.64 ? 194 PRO A CD  1 
ATOM   57   N  N   . PHE A 1 10  ? -9.012  -7.813  1.946   1.00 24.88 ? 195 PHE A N   1 
ATOM   58   C  CA  . PHE A 1 10  ? -9.080  -7.580  3.382   1.00 24.09 ? 195 PHE A CA  1 
ATOM   59   C  C   . PHE A 1 10  ? -9.320  -6.098  3.631   1.00 25.60 ? 195 PHE A C   1 
ATOM   60   O  O   . PHE A 1 10  ? -8.573  -5.246  3.141   1.00 24.05 ? 195 PHE A O   1 
ATOM   61   C  CB  . PHE A 1 10  ? -7.780  -8.000  4.076   1.00 25.03 ? 195 PHE A CB  1 
ATOM   62   C  CG  . PHE A 1 10  ? -7.770  -7.705  5.552   1.00 27.13 ? 195 PHE A CG  1 
ATOM   63   C  CD1 . PHE A 1 10  ? -8.727  -8.272  6.394   1.00 26.51 ? 195 PHE A CD1 1 
ATOM   64   C  CD2 . PHE A 1 10  ? -6.836  -6.829  6.096   1.00 25.96 ? 195 PHE A CD2 1 
ATOM   65   C  CE1 . PHE A 1 10  ? -8.757  -7.964  7.763   1.00 27.28 ? 195 PHE A CE1 1 
ATOM   66   C  CE2 . PHE A 1 10  ? -6.855  -6.515  7.459   1.00 28.93 ? 195 PHE A CE2 1 
ATOM   67   C  CZ  . PHE A 1 10  ? -7.819  -7.083  8.293   1.00 27.15 ? 195 PHE A CZ  1 
ATOM   68   N  N   . ILE A 1 11  ? -10.372 -5.791  4.377   1.00 26.15 ? 196 ILE A N   1 
ATOM   69   C  CA  . ILE A 1 11  ? -10.689 -4.404  4.688   1.00 29.13 ? 196 ILE A CA  1 
ATOM   70   C  C   . ILE A 1 11  ? -10.819 -4.252  6.194   1.00 31.24 ? 196 ILE A C   1 
ATOM   71   O  O   . ILE A 1 11  ? -11.482 -5.054  6.849   1.00 28.94 ? 196 ILE A O   1 
ATOM   72   C  CB  . ILE A 1 11  ? -12.010 -3.953  4.032   1.00 31.65 ? 196 ILE A CB  1 
ATOM   73   C  CG1 . ILE A 1 11  ? -11.891 -4.003  2.506   1.00 32.87 ? 196 ILE A CG1 1 
ATOM   74   C  CG2 . ILE A 1 11  ? -12.347 -2.534  4.472   1.00 33.54 ? 196 ILE A CG2 1 
ATOM   75   C  CD1 . ILE A 1 11  ? -11.837 -5.404  1.931   1.00 38.55 ? 196 ILE A CD1 1 
ATOM   76   N  N   . THR A 1 12  ? -10.175 -3.230  6.745   1.00 31.47 ? 197 THR A N   1 
ATOM   77   C  CA  . THR A 1 12  ? -10.248 -3.003  8.180   1.00 33.11 ? 197 THR A CA  1 
ATOM   78   C  C   . THR A 1 12  ? -10.096 -1.524  8.494   1.00 34.88 ? 197 THR A C   1 
ATOM   79   O  O   . THR A 1 12  ? -9.376  -0.796  7.809   1.00 31.40 ? 197 THR A O   1 
ATOM   80   C  CB  . THR A 1 12  ? -9.154  -3.794  8.932   1.00 34.35 ? 197 THR A CB  1 
ATOM   81   O  OG1 . THR A 1 12  ? -9.336  -3.639  10.344  1.00 37.70 ? 197 THR A OG1 1 
ATOM   82   C  CG2 . THR A 1 12  ? -7.771  -3.292  8.552   1.00 33.42 ? 197 THR A CG2 1 
ATOM   83   N  N   . THR A 1 13  ? -10.790 -1.078  9.530   1.00 35.37 ? 198 THR A N   1 
ATOM   84   C  CA  . THR A 1 13  ? -10.711 0.312   9.926   1.00 36.24 ? 198 THR A CA  1 
ATOM   85   C  C   . THR A 1 13  ? -9.396  0.541   10.662  1.00 36.02 ? 198 THR A C   1 
ATOM   86   O  O   . THR A 1 13  ? -8.850  -0.373  11.283  1.00 35.51 ? 198 THR A O   1 
ATOM   87   C  CB  . THR A 1 13  ? -11.880 0.693   10.861  1.00 36.82 ? 198 THR A CB  1 
ATOM   88   O  OG1 . THR A 1 13  ? -13.126 0.445   10.198  1.00 38.04 ? 198 THR A OG1 1 
ATOM   89   C  CG2 . THR A 1 13  ? -11.805 2.165   11.233  1.00 38.69 ? 198 THR A CG2 1 
ATOM   90   N  N   . ILE A 1 14  ? -8.878  1.758   10.549  1.00 35.12 ? 199 ILE A N   1 
ATOM   91   C  CA  . ILE A 1 14  ? -7.656  2.159   11.226  1.00 35.65 ? 199 ILE A CA  1 
ATOM   92   C  C   . ILE A 1 14  ? -8.141  3.225   12.198  1.00 35.28 ? 199 ILE A C   1 
ATOM   93   O  O   . ILE A 1 14  ? -8.136  4.415   11.879  1.00 34.29 ? 199 ILE A O   1 
ATOM   94   C  CB  . ILE A 1 14  ? -6.642  2.796   10.255  1.00 36.99 ? 199 ILE A CB  1 
ATOM   95   C  CG1 . ILE A 1 14  ? -6.272  1.796   9.156   1.00 36.57 ? 199 ILE A CG1 1 
ATOM   96   C  CG2 . ILE A 1 14  ? -5.398  3.240   11.022  1.00 36.60 ? 199 ILE A CG2 1 
ATOM   97   C  CD1 . ILE A 1 14  ? -5.436  2.394   8.043   1.00 37.57 ? 199 ILE A CD1 1 
ATOM   98   N  N   . LEU A 1 15  ? -8.599  2.789   13.367  1.00 36.41 ? 200 LEU A N   1 
ATOM   99   C  CA  . LEU A 1 15  ? -9.109  3.710   14.379  1.00 36.61 ? 200 LEU A CA  1 
ATOM   100  C  C   . LEU A 1 15  ? -8.120  4.819   14.691  1.00 34.92 ? 200 LEU A C   1 
ATOM   101  O  O   . LEU A 1 15  ? -6.952  4.565   14.982  1.00 33.80 ? 200 LEU A O   1 
ATOM   102  C  CB  . LEU A 1 15  ? -9.467  2.952   15.661  1.00 38.63 ? 200 LEU A CB  1 
ATOM   103  C  CG  . LEU A 1 15  ? -10.758 2.134   15.584  1.00 41.70 ? 200 LEU A CG  1 
ATOM   104  C  CD1 . LEU A 1 15  ? -10.971 1.361   16.882  1.00 43.54 ? 200 LEU A CD1 1 
ATOM   105  C  CD2 . LEU A 1 15  ? -11.928 3.074   15.322  1.00 42.58 ? 200 LEU A CD2 1 
ATOM   106  N  N   . GLY A 1 16  ? -8.603  6.055   14.623  1.00 35.74 ? 201 GLY A N   1 
ATOM   107  C  CA  . GLY A 1 16  ? -7.749  7.195   14.889  1.00 36.24 ? 201 GLY A CA  1 
ATOM   108  C  C   . GLY A 1 16  ? -7.170  7.741   13.600  1.00 36.85 ? 201 GLY A C   1 
ATOM   109  O  O   . GLY A 1 16  ? -6.720  8.887   13.547  1.00 35.76 ? 201 GLY A O   1 
ATOM   110  N  N   . GLY A 1 17  ? -7.183  6.918   12.555  1.00 35.09 ? 202 GLY A N   1 
ATOM   111  C  CA  . GLY A 1 17  ? -6.655  7.350   11.275  1.00 33.09 ? 202 GLY A CA  1 
ATOM   112  C  C   . GLY A 1 17  ? -5.146  7.484   11.303  1.00 32.47 ? 202 GLY A C   1 
ATOM   113  O  O   . GLY A 1 17  ? -4.475  6.895   12.151  1.00 32.06 ? 202 GLY A O   1 
ATOM   114  N  N   . LEU A 1 18  ? -4.605  8.270   10.378  1.00 30.14 ? 203 LEU A N   1 
ATOM   115  C  CA  . LEU A 1 18  ? -3.162  8.465   10.302  1.00 30.69 ? 203 LEU A CA  1 
ATOM   116  C  C   . LEU A 1 18  ? -2.693  9.716   11.039  1.00 30.66 ? 203 LEU A C   1 
ATOM   117  O  O   . LEU A 1 18  ? -3.489  10.586  11.385  1.00 31.73 ? 203 LEU A O   1 
ATOM   118  C  CB  . LEU A 1 18  ? -2.719  8.538   8.835   1.00 28.27 ? 203 LEU A CB  1 
ATOM   119  C  CG  . LEU A 1 18  ? -2.965  7.301   7.959   1.00 29.55 ? 203 LEU A CG  1 
ATOM   120  C  CD1 . LEU A 1 18  ? -2.470  7.576   6.536   1.00 29.28 ? 203 LEU A CD1 1 
ATOM   121  C  CD2 . LEU A 1 18  ? -2.237  6.097   8.544   1.00 28.76 ? 203 LEU A CD2 1 
ATOM   122  N  N   . TYR A 1 19  ? -1.389  9.785   11.274  1.00 31.50 ? 204 TYR A N   1 
ATOM   123  C  CA  . TYR A 1 19  ? -0.757  10.914  11.948  1.00 32.77 ? 204 TYR A CA  1 
ATOM   124  C  C   . TYR A 1 19  ? 0.739   10.648  11.917  1.00 32.69 ? 204 TYR A C   1 
ATOM   125  O  O   . TYR A 1 19  ? 1.165   9.507   11.743  1.00 31.62 ? 204 TYR A O   1 
ATOM   126  C  CB  . TYR A 1 19  ? -1.255  11.031  13.396  1.00 33.81 ? 204 TYR A CB  1 
ATOM   127  C  CG  . TYR A 1 19  ? -1.101  9.765   14.199  1.00 34.96 ? 204 TYR A CG  1 
ATOM   128  C  CD1 . TYR A 1 19  ? 0.140   9.382   14.709  1.00 34.73 ? 204 TYR A CD1 1 
ATOM   129  C  CD2 . TYR A 1 19  ? -2.191  8.924   14.414  1.00 34.35 ? 204 TYR A CD2 1 
ATOM   130  C  CE1 . TYR A 1 19  ? 0.292   8.186   15.414  1.00 37.10 ? 204 TYR A CE1 1 
ATOM   131  C  CE2 . TYR A 1 19  ? -2.052  7.732   15.109  1.00 35.76 ? 204 TYR A CE2 1 
ATOM   132  C  CZ  . TYR A 1 19  ? -0.811  7.367   15.606  1.00 36.30 ? 204 TYR A CZ  1 
ATOM   133  O  OH  . TYR A 1 19  ? -0.679  6.174   16.276  1.00 38.79 ? 204 TYR A OH  1 
ATOM   134  N  N   . PRO A 1 20  ? 1.559   11.697  12.073  1.00 33.62 ? 205 PRO A N   1 
ATOM   135  C  CA  . PRO A 1 20  ? 3.012   11.513  12.051  1.00 33.05 ? 205 PRO A CA  1 
ATOM   136  C  C   . PRO A 1 20  ? 3.462   10.421  13.023  1.00 34.28 ? 205 PRO A C   1 
ATOM   137  O  O   . PRO A 1 20  ? 3.037   10.397  14.179  1.00 34.25 ? 205 PRO A O   1 
ATOM   138  C  CB  . PRO A 1 20  ? 3.536   12.895  12.432  1.00 33.56 ? 205 PRO A CB  1 
ATOM   139  C  CG  . PRO A 1 20  ? 2.483   13.810  11.877  1.00 33.31 ? 205 PRO A CG  1 
ATOM   140  C  CD  . PRO A 1 20  ? 1.212   13.112  12.295  1.00 33.38 ? 205 PRO A CD  1 
ATOM   141  N  N   . SER A 1 21  ? 4.333   9.539   12.535  1.00 32.71 ? 206 SER A N   1 
ATOM   142  C  CA  . SER A 1 21  ? 4.883   8.404   13.280  1.00 34.51 ? 206 SER A CA  1 
ATOM   143  C  C   . SER A 1 21  ? 3.995   7.161   13.198  1.00 33.48 ? 206 SER A C   1 
ATOM   144  O  O   . SER A 1 21  ? 4.380   6.089   13.659  1.00 32.15 ? 206 SER A O   1 
ATOM   145  C  CB  . SER A 1 21  ? 5.129   8.759   14.758  1.00 36.87 ? 206 SER A CB  1 
ATOM   146  O  OG  . SER A 1 21  ? 3.950   8.639   15.541  1.00 37.71 ? 206 SER A OG  1 
ATOM   147  N  N   . LYS A 1 22  ? 2.818   7.297   12.594  1.00 33.08 ? 207 LYS A N   1 
ATOM   148  C  CA  . LYS A 1 22  ? 1.916   6.161   12.450  1.00 32.67 ? 207 LYS A CA  1 
ATOM   149  C  C   . LYS A 1 22  ? 2.486   5.156   11.445  1.00 31.98 ? 207 LYS A C   1 
ATOM   150  O  O   . LYS A 1 22  ? 2.912   5.525   10.348  1.00 29.42 ? 207 LYS A O   1 
ATOM   151  C  CB  . LYS A 1 22  ? 0.537   6.637   11.984  1.00 35.35 ? 207 LYS A CB  1 
ATOM   152  C  CG  . LYS A 1 22  ? -0.458  5.518   11.729  1.00 38.73 ? 207 LYS A CG  1 
ATOM   153  C  CD  . LYS A 1 22  ? -0.658  4.671   12.970  1.00 42.68 ? 207 LYS A CD  1 
ATOM   154  C  CE  . LYS A 1 22  ? -1.641  3.538   12.724  1.00 45.18 ? 207 LYS A CE  1 
ATOM   155  N  NZ  . LYS A 1 22  ? -1.783  2.699   13.941  1.00 47.57 ? 207 LYS A NZ  1 
ATOM   156  N  N   . SER A 1 23  ? 2.505   3.886   11.833  1.00 31.12 ? 208 SER A N   1 
ATOM   157  C  CA  . SER A 1 23  ? 3.011   2.834   10.964  1.00 30.11 ? 208 SER A CA  1 
ATOM   158  C  C   . SER A 1 23  ? 1.963   1.773   10.665  1.00 28.84 ? 208 SER A C   1 
ATOM   159  O  O   . SER A 1 23  ? 1.122   1.457   11.512  1.00 27.86 ? 208 SER A O   1 
ATOM   160  C  CB  . SER A 1 23  ? 4.230   2.155   11.592  1.00 31.69 ? 208 SER A CB  1 
ATOM   161  O  OG  . SER A 1 23  ? 5.418   2.870   11.308  1.00 36.93 ? 208 SER A OG  1 
ATOM   162  N  N   . ILE A 1 24  ? 2.012   1.248   9.446   1.00 25.24 ? 209 ILE A N   1 
ATOM   163  C  CA  . ILE A 1 24  ? 1.117   0.181   9.008   1.00 23.16 ? 209 ILE A CA  1 
ATOM   164  C  C   . ILE A 1 24  ? 2.052   -0.825  8.357   1.00 21.89 ? 209 ILE A C   1 
ATOM   165  O  O   . ILE A 1 24  ? 2.798   -0.477  7.444   1.00 21.55 ? 209 ILE A O   1 
ATOM   166  C  CB  . ILE A 1 24  ? 0.096   0.653   7.950   1.00 23.69 ? 209 ILE A CB  1 
ATOM   167  C  CG1 . ILE A 1 24  ? -0.817  1.731   8.538   1.00 24.87 ? 209 ILE A CG1 1 
ATOM   168  C  CG2 . ILE A 1 24  ? -0.740  -0.544  7.476   1.00 23.00 ? 209 ILE A CG2 1 
ATOM   169  C  CD1 . ILE A 1 24  ? -1.876  2.230   7.579   1.00 27.52 ? 209 ILE A CD1 1 
ATOM   170  N  N   . LEU A 1 25  ? 2.027   -2.060  8.841   1.00 20.43 ? 210 LEU A N   1 
ATOM   171  C  CA  . LEU A 1 25  ? 2.898   -3.099  8.308   1.00 19.37 ? 210 LEU A CA  1 
ATOM   172  C  C   . LEU A 1 25  ? 2.061   -4.217  7.718   1.00 20.72 ? 210 LEU A C   1 
ATOM   173  O  O   . LEU A 1 25  ? 0.963   -4.513  8.208   1.00 20.56 ? 210 LEU A O   1 
ATOM   174  C  CB  . LEU A 1 25  ? 3.772   -3.688  9.417   1.00 19.20 ? 210 LEU A CB  1 
ATOM   175  C  CG  . LEU A 1 25  ? 4.363   -2.713  10.440  1.00 21.41 ? 210 LEU A CG  1 
ATOM   176  C  CD1 . LEU A 1 25  ? 5.086   -3.502  11.533  1.00 21.31 ? 210 LEU A CD1 1 
ATOM   177  C  CD2 . LEU A 1 25  ? 5.309   -1.750  9.752   1.00 17.78 ? 210 LEU A CD2 1 
ATOM   178  N  N   . LEU A 1 26  ? 2.586   -4.834  6.667   1.00 20.24 ? 211 LEU A N   1 
ATOM   179  C  CA  . LEU A 1 26  ? 1.899   -5.943  6.026   1.00 21.71 ? 211 LEU A CA  1 
ATOM   180  C  C   . LEU A 1 26  ? 2.933   -6.944  5.554   1.00 23.41 ? 211 LEU A C   1 
ATOM   181  O  O   . LEU A 1 26  ? 4.029   -6.570  5.137   1.00 22.85 ? 211 LEU A O   1 
ATOM   182  C  CB  . LEU A 1 26  ? 1.078   -5.469  4.824   1.00 21.82 ? 211 LEU A CB  1 
ATOM   183  C  CG  . LEU A 1 26  ? 0.081   -4.326  5.020   1.00 25.27 ? 211 LEU A CG  1 
ATOM   184  C  CD1 . LEU A 1 26  ? 0.782   -3.001  4.738   1.00 26.54 ? 211 LEU A CD1 1 
ATOM   185  C  CD2 . LEU A 1 26  ? -1.102  -4.501  4.072   1.00 27.37 ? 211 LEU A CD2 1 
ATOM   186  N  N   . SER A 1 27  ? 2.585   -8.222  5.642   1.00 22.46 ? 212 SER A N   1 
ATOM   187  C  CA  . SER A 1 27  ? 3.471   -9.276  5.185   1.00 22.55 ? 212 SER A CA  1 
ATOM   188  C  C   . SER A 1 27  ? 2.613   -10.272 4.420   1.00 22.01 ? 212 SER A C   1 
ATOM   189  O  O   . SER A 1 27  ? 1.408   -10.397 4.666   1.00 22.38 ? 212 SER A O   1 
ATOM   190  C  CB  . SER A 1 27  ? 4.164   -9.960  6.367   1.00 25.18 ? 212 SER A CB  1 
ATOM   191  O  OG  . SER A 1 27  ? 3.219   -10.527 7.248   1.00 32.16 ? 212 SER A OG  1 
ATOM   192  N  N   . GLY A 1 28  ? 3.228   -10.969 3.479   1.00 21.50 ? 213 GLY A N   1 
ATOM   193  C  CA  . GLY A 1 28  ? 2.480   -11.926 2.696   1.00 23.22 ? 213 GLY A CA  1 
ATOM   194  C  C   . GLY A 1 28  ? 3.349   -12.516 1.617   1.00 24.38 ? 213 GLY A C   1 
ATOM   195  O  O   . GLY A 1 28  ? 4.569   -12.364 1.638   1.00 24.63 ? 213 GLY A O   1 
ATOM   196  N  N   . THR A 1 29  ? 2.716   -13.189 0.668   1.00 23.87 ? 214 THR A N   1 
ATOM   197  C  CA  . THR A 1 29  ? 3.449   -13.812 -0.417  1.00 23.47 ? 214 THR A CA  1 
ATOM   198  C  C   . THR A 1 29  ? 2.767   -13.510 -1.731  1.00 20.47 ? 214 THR A C   1 
ATOM   199  O  O   . THR A 1 29  ? 1.546   -13.605 -1.838  1.00 18.84 ? 214 THR A O   1 
ATOM   200  C  CB  . THR A 1 29  ? 3.510   -15.336 -0.234  1.00 24.11 ? 214 THR A CB  1 
ATOM   201  O  OG1 . THR A 1 29  ? 4.115   -15.636 1.032   1.00 27.25 ? 214 THR A OG1 1 
ATOM   202  C  CG2 . THR A 1 29  ? 4.330   -15.973 -1.356  1.00 23.93 ? 214 THR A CG2 1 
ATOM   203  N  N   . VAL A 1 30  ? 3.558   -13.121 -2.724  1.00 20.73 ? 215 VAL A N   1 
ATOM   204  C  CA  . VAL A 1 30  ? 3.019   -12.829 -4.042  1.00 21.63 ? 215 VAL A CA  1 
ATOM   205  C  C   . VAL A 1 30  ? 2.712   -14.172 -4.696  1.00 22.63 ? 215 VAL A C   1 
ATOM   206  O  O   . VAL A 1 30  ? 3.540   -15.084 -4.671  1.00 24.58 ? 215 VAL A O   1 
ATOM   207  C  CB  . VAL A 1 30  ? 4.038   -12.064 -4.913  1.00 23.56 ? 215 VAL A CB  1 
ATOM   208  C  CG1 . VAL A 1 30  ? 3.435   -11.779 -6.286  1.00 22.52 ? 215 VAL A CG1 1 
ATOM   209  C  CG2 . VAL A 1 30  ? 4.436   -10.761 -4.229  1.00 21.01 ? 215 VAL A CG2 1 
ATOM   210  N  N   . LEU A 1 31  ? 1.521   -14.307 -5.264  1.00 23.93 ? 216 LEU A N   1 
ATOM   211  C  CA  . LEU A 1 31  ? 1.145   -15.558 -5.904  1.00 24.32 ? 216 LEU A CA  1 
ATOM   212  C  C   . LEU A 1 31  ? 2.052   -15.846 -7.099  1.00 24.88 ? 216 LEU A C   1 
ATOM   213  O  O   . LEU A 1 31  ? 2.552   -14.924 -7.754  1.00 23.42 ? 216 LEU A O   1 
ATOM   214  C  CB  . LEU A 1 31  ? -0.326  -15.515 -6.318  1.00 23.64 ? 216 LEU A CB  1 
ATOM   215  C  CG  . LEU A 1 31  ? -1.254  -15.384 -5.104  1.00 24.42 ? 216 LEU A CG  1 
ATOM   216  C  CD1 . LEU A 1 31  ? -2.701  -15.357 -5.556  1.00 22.69 ? 216 LEU A CD1 1 
ATOM   217  C  CD2 . LEU A 1 31  ? -1.008  -16.541 -4.148  1.00 24.64 ? 216 LEU A CD2 1 
ATOM   218  N  N   . PRO A 1 32  ? 2.284   -17.142 -7.386  1.00 25.38 ? 217 PRO A N   1 
ATOM   219  C  CA  . PRO A 1 32  ? 3.126   -17.649 -8.475  1.00 25.47 ? 217 PRO A CA  1 
ATOM   220  C  C   . PRO A 1 32  ? 2.964   -16.956 -9.824  1.00 22.88 ? 217 PRO A C   1 
ATOM   221  O  O   . PRO A 1 32  ? 3.942   -16.719 -10.528 1.00 22.56 ? 217 PRO A O   1 
ATOM   222  C  CB  . PRO A 1 32  ? 2.736   -19.126 -8.548  1.00 26.84 ? 217 PRO A CB  1 
ATOM   223  C  CG  . PRO A 1 32  ? 2.425   -19.452 -7.129  1.00 28.33 ? 217 PRO A CG  1 
ATOM   224  C  CD  . PRO A 1 32  ? 1.600   -18.258 -6.705  1.00 25.55 ? 217 PRO A CD  1 
ATOM   225  N  N   . SER A 1 33  ? 1.729   -16.640 -10.185 1.00 23.45 ? 218 SER A N   1 
ATOM   226  C  CA  . SER A 1 33  ? 1.466   -16.009 -11.470 1.00 24.17 ? 218 SER A CA  1 
ATOM   227  C  C   . SER A 1 33  ? 0.688   -14.715 -11.303 1.00 22.51 ? 218 SER A C   1 
ATOM   228  O  O   . SER A 1 33  ? -0.157  -14.363 -12.128 1.00 21.89 ? 218 SER A O   1 
ATOM   229  C  CB  . SER A 1 33  ? 0.689   -16.985 -12.358 1.00 24.27 ? 218 SER A CB  1 
ATOM   230  O  OG  . SER A 1 33  ? 1.369   -18.226 -12.435 1.00 27.05 ? 218 SER A OG  1 
ATOM   231  N  N   . ALA A 1 34  ? 0.987   -14.011 -10.221 1.00 23.23 ? 219 ALA A N   1 
ATOM   232  C  CA  . ALA A 1 34  ? 0.326   -12.756 -9.909  1.00 22.68 ? 219 ALA A CA  1 
ATOM   233  C  C   . ALA A 1 34  ? 0.453   -11.758 -11.053 1.00 24.35 ? 219 ALA A C   1 
ATOM   234  O  O   . ALA A 1 34  ? 1.485   -11.675 -11.711 1.00 22.86 ? 219 ALA A O   1 
ATOM   235  C  CB  . ALA A 1 34  ? 0.933   -12.157 -8.645  1.00 23.29 ? 219 ALA A CB  1 
ATOM   236  N  N   . GLN A 1 35  ? -0.612  -11.003 -11.282 1.00 24.84 ? 220 GLN A N   1 
ATOM   237  C  CA  . GLN A 1 35  ? -0.597  -9.973  -12.305 1.00 26.56 ? 220 GLN A CA  1 
ATOM   238  C  C   . GLN A 1 35  ? -0.408  -8.637  -11.586 1.00 24.28 ? 220 GLN A C   1 
ATOM   239  O  O   . GLN A 1 35  ? 0.413   -7.820  -11.996 1.00 22.55 ? 220 GLN A O   1 
ATOM   240  C  CB  . GLN A 1 35  ? -1.909  -9.982  -13.092 1.00 28.15 ? 220 GLN A CB  1 
ATOM   241  C  CG  . GLN A 1 35  ? -2.039  -11.190 -14.020 1.00 34.63 ? 220 GLN A CG  1 
ATOM   242  C  CD  . GLN A 1 35  ? -0.997  -11.185 -15.133 1.00 37.21 ? 220 GLN A CD  1 
ATOM   243  O  OE1 . GLN A 1 35  ? -0.811  -12.180 -15.831 1.00 41.25 ? 220 GLN A OE1 1 
ATOM   244  N  NE2 . GLN A 1 35  ? -0.322  -10.056 -15.309 1.00 41.28 ? 220 GLN A NE2 1 
ATOM   245  N  N   . ARG A 1 36  ? -1.156  -8.439  -10.500 1.00 23.87 ? 221 ARG A N   1 
ATOM   246  C  CA  . ARG A 1 36  ? -1.076  -7.207  -9.709  1.00 22.29 ? 221 ARG A CA  1 
ATOM   247  C  C   . ARG A 1 36  ? -1.734  -7.401  -8.340  1.00 21.81 ? 221 ARG A C   1 
ATOM   248  O  O   . ARG A 1 36  ? -2.474  -8.358  -8.108  1.00 20.74 ? 221 ARG A O   1 
ATOM   249  C  CB  . ARG A 1 36  ? -1.834  -6.057  -10.404 1.00 20.20 ? 221 ARG A CB  1 
ATOM   250  C  CG  A ARG A 1 36  ? -1.340  -5.717  -11.836 0.50 21.51 ? 221 ARG A CG  1 
ATOM   251  C  CG  B ARG A 1 36  ? -3.354  -6.308  -10.500 0.50 19.76 ? 221 ARG A CG  1 
ATOM   252  C  CD  A ARG A 1 36  ? -2.003  -4.478  -12.454 0.50 19.30 ? 221 ARG A CD  1 
ATOM   253  C  CD  B ARG A 1 36  ? -4.169  -5.049  -10.828 0.50 19.79 ? 221 ARG A CD  1 
ATOM   254  N  NE  A ARG A 1 36  ? -1.720  -4.343  -13.881 0.50 17.57 ? 221 ARG A NE  1 
ATOM   255  N  NE  B ARG A 1 36  ? -4.493  -4.238  -9.658  0.50 17.58 ? 221 ARG A NE  1 
ATOM   256  C  CZ  A ARG A 1 36  ? -2.301  -3.443  -14.672 0.50 21.66 ? 221 ARG A CZ  1 
ATOM   257  C  CZ  B ARG A 1 36  ? -4.824  -2.954  -9.714  0.50 18.12 ? 221 ARG A CZ  1 
ATOM   258  N  NH1 A ARG A 1 36  ? -3.202  -2.588  -14.181 0.50 19.27 ? 221 ARG A NH1 1 
ATOM   259  N  NH1 B ARG A 1 36  ? -4.862  -2.323  -10.880 0.50 16.67 ? 221 ARG A NH1 1 
ATOM   260  N  NH2 A ARG A 1 36  ? -1.990  -3.406  -15.961 0.50 21.55 ? 221 ARG A NH2 1 
ATOM   261  N  NH2 B ARG A 1 36  ? -5.158  -2.309  -8.607  0.50 19.67 ? 221 ARG A NH2 1 
ATOM   262  N  N   . PHE A 1 37  ? -1.452  -6.473  -7.437  1.00 18.59 ? 222 PHE A N   1 
ATOM   263  C  CA  . PHE A 1 37  ? -2.090  -6.458  -6.131  1.00 19.97 ? 222 PHE A CA  1 
ATOM   264  C  C   . PHE A 1 37  ? -2.017  -5.010  -5.664  1.00 19.50 ? 222 PHE A C   1 
ATOM   265  O  O   . PHE A 1 37  ? -1.278  -4.203  -6.237  1.00 17.57 ? 222 PHE A O   1 
ATOM   266  C  CB  . PHE A 1 37  ? -1.431  -7.466  -5.162  1.00 17.89 ? 222 PHE A CB  1 
ATOM   267  C  CG  . PHE A 1 37  ? -0.221  -6.959  -4.419  1.00 22.64 ? 222 PHE A CG  1 
ATOM   268  C  CD1 . PHE A 1 37  ? -0.362  -6.244  -3.226  1.00 23.22 ? 222 PHE A CD1 1 
ATOM   269  C  CD2 . PHE A 1 37  ? 1.062   -7.290  -4.850  1.00 21.07 ? 222 PHE A CD2 1 
ATOM   270  C  CE1 . PHE A 1 37  ? 0.750   -5.877  -2.475  1.00 20.72 ? 222 PHE A CE1 1 
ATOM   271  C  CE2 . PHE A 1 37  ? 2.188   -6.925  -4.103  1.00 22.41 ? 222 PHE A CE2 1 
ATOM   272  C  CZ  . PHE A 1 37  ? 2.028   -6.218  -2.911  1.00 23.64 ? 222 PHE A CZ  1 
ATOM   273  N  N   . HIS A 1 38  ? -2.826  -4.652  -4.679  1.00 18.89 ? 223 HIS A N   1 
ATOM   274  C  CA  . HIS A 1 38  ? -2.790  -3.285  -4.192  1.00 19.21 ? 223 HIS A CA  1 
ATOM   275  C  C   . HIS A 1 38  ? -3.066  -3.177  -2.708  1.00 18.75 ? 223 HIS A C   1 
ATOM   276  O  O   . HIS A 1 38  ? -3.648  -4.070  -2.089  1.00 19.61 ? 223 HIS A O   1 
ATOM   277  C  CB  . HIS A 1 38  ? -3.800  -2.405  -4.937  1.00 20.02 ? 223 HIS A CB  1 
ATOM   278  C  CG  . HIS A 1 38  ? -5.223  -2.816  -4.729  1.00 22.98 ? 223 HIS A CG  1 
ATOM   279  N  ND1 . HIS A 1 38  ? -5.839  -3.777  -5.501  1.00 25.03 ? 223 HIS A ND1 1 
ATOM   280  C  CD2 . HIS A 1 38  ? -6.136  -2.430  -3.806  1.00 24.32 ? 223 HIS A CD2 1 
ATOM   281  C  CE1 . HIS A 1 38  ? -7.071  -3.967  -5.062  1.00 27.55 ? 223 HIS A CE1 1 
ATOM   282  N  NE2 . HIS A 1 38  ? -7.276  -3.164  -4.034  1.00 26.28 ? 223 HIS A NE2 1 
ATOM   283  N  N   . ILE A 1 39  ? -2.625  -2.059  -2.157  1.00 18.82 ? 224 ILE A N   1 
ATOM   284  C  CA  . ILE A 1 39  ? -2.821  -1.740  -0.760  1.00 17.99 ? 224 ILE A CA  1 
ATOM   285  C  C   . ILE A 1 39  ? -3.349  -0.317  -0.802  1.00 19.09 ? 224 ILE A C   1 
ATOM   286  O  O   . ILE A 1 39  ? -2.681  0.575   -1.329  1.00 18.03 ? 224 ILE A O   1 
ATOM   287  C  CB  . ILE A 1 39  ? -1.497  -1.746  0.023   1.00 17.89 ? 224 ILE A CB  1 
ATOM   288  C  CG1 . ILE A 1 39  ? -0.909  -3.162  0.054   1.00 16.89 ? 224 ILE A CG1 1 
ATOM   289  C  CG2 . ILE A 1 39  ? -1.740  -1.213  1.433   1.00 14.96 ? 224 ILE A CG2 1 
ATOM   290  C  CD1 . ILE A 1 39  ? 0.490   -3.235  0.638   1.00 18.82 ? 224 ILE A CD1 1 
ATOM   291  N  N   . ASN A 1 40  ? -4.550  -0.104  -0.279  1.00 18.52 ? 225 ASN A N   1 
ATOM   292  C  CA  . ASN A 1 40  ? -5.127  1.234   -0.275  1.00 20.36 ? 225 ASN A CA  1 
ATOM   293  C  C   . ASN A 1 40  ? -5.342  1.757   1.131   1.00 21.12 ? 225 ASN A C   1 
ATOM   294  O  O   . ASN A 1 40  ? -5.686  1.002   2.041   1.00 21.81 ? 225 ASN A O   1 
ATOM   295  C  CB  . ASN A 1 40  ? -6.490  1.270   -0.977  1.00 19.88 ? 225 ASN A CB  1 
ATOM   296  C  CG  . ASN A 1 40  ? -6.428  0.846   -2.431  1.00 23.32 ? 225 ASN A CG  1 
ATOM   297  O  OD1 . ASN A 1 40  ? -5.371  0.881   -3.065  1.00 21.63 ? 225 ASN A OD1 1 
ATOM   298  N  ND2 . ASN A 1 40  ? -7.582  0.459   -2.977  1.00 21.35 ? 225 ASN A ND2 1 
ATOM   299  N  N   . LEU A 1 41  ? -5.127  3.056   1.298   1.00 20.44 ? 226 LEU A N   1 
ATOM   300  C  CA  . LEU A 1 41  ? -5.373  3.725   2.567   1.00 21.74 ? 226 LEU A CA  1 
ATOM   301  C  C   . LEU A 1 41  ? -6.507  4.647   2.143   1.00 22.12 ? 226 LEU A C   1 
ATOM   302  O  O   . LEU A 1 41  ? -6.314  5.546   1.315   1.00 21.61 ? 226 LEU A O   1 
ATOM   303  C  CB  . LEU A 1 41  ? -4.142  4.511   3.020   1.00 20.74 ? 226 LEU A CB  1 
ATOM   304  C  CG  . LEU A 1 41  ? -2.900  3.647   3.282   1.00 22.21 ? 226 LEU A CG  1 
ATOM   305  C  CD1 . LEU A 1 41  ? -1.794  4.501   3.899   1.00 22.62 ? 226 LEU A CD1 1 
ATOM   306  C  CD2 . LEU A 1 41  ? -3.266  2.495   4.222   1.00 24.36 ? 226 LEU A CD2 1 
ATOM   307  N  N   . CYS A 1 42  ? -7.694  4.402   2.686   1.00 21.37 ? 227 CYS A N   1 
ATOM   308  C  CA  . CYS A 1 42  ? -8.875  5.157   2.301   1.00 22.52 ? 227 CYS A CA  1 
ATOM   309  C  C   . CYS A 1 42  ? -9.449  6.137   3.307   1.00 23.91 ? 227 CYS A C   1 
ATOM   310  O  O   . CYS A 1 42  ? -9.261  6.005   4.514   1.00 23.11 ? 227 CYS A O   1 
ATOM   311  C  CB  . CYS A 1 42  ? -9.989  4.184   1.903   1.00 26.59 ? 227 CYS A CB  1 
ATOM   312  S  SG  . CYS A 1 42  ? -9.485  2.902   0.723   1.00 32.57 ? 227 CYS A SG  1 
ATOM   313  N  N   . SER A 1 43  ? -10.172 7.114   2.766   1.00 24.38 ? 228 SER A N   1 
ATOM   314  C  CA  . SER A 1 43  ? -10.844 8.139   3.545   1.00 25.49 ? 228 SER A CA  1 
ATOM   315  C  C   . SER A 1 43  ? -12.232 8.289   2.933   1.00 25.50 ? 228 SER A C   1 
ATOM   316  O  O   . SER A 1 43  ? -12.384 8.848   1.844   1.00 25.51 ? 228 SER A O   1 
ATOM   317  C  CB  . SER A 1 43  ? -10.097 9.470   3.454   1.00 28.49 ? 228 SER A CB  1 
ATOM   318  O  OG  . SER A 1 43  ? -10.823 10.485  4.128   1.00 29.96 ? 228 SER A OG  1 
ATOM   319  N  N   . GLY A 1 44  ? -13.240 7.769   3.622   1.00 26.70 ? 229 GLY A N   1 
ATOM   320  C  CA  . GLY A 1 44  ? -14.590 7.863   3.105   1.00 27.17 ? 229 GLY A CA  1 
ATOM   321  C  C   . GLY A 1 44  ? -14.674 7.202   1.744   1.00 27.58 ? 229 GLY A C   1 
ATOM   322  O  O   . GLY A 1 44  ? -14.339 6.030   1.596   1.00 27.55 ? 229 GLY A O   1 
ATOM   323  N  N   . ASN A 1 45  ? -15.096 7.954   0.735   1.00 25.99 ? 230 ASN A N   1 
ATOM   324  C  CA  . ASN A 1 45  ? -15.221 7.383   -0.598  1.00 27.22 ? 230 ASN A CA  1 
ATOM   325  C  C   . ASN A 1 45  ? -13.991 7.628   -1.476  1.00 26.53 ? 230 ASN A C   1 
ATOM   326  O  O   . ASN A 1 45  ? -14.023 7.379   -2.681  1.00 27.59 ? 230 ASN A O   1 
ATOM   327  C  CB  . ASN A 1 45  ? -16.478 7.937   -1.278  1.00 27.16 ? 230 ASN A CB  1 
ATOM   328  C  CG  . ASN A 1 45  ? -16.869 7.151   -2.506  1.00 28.21 ? 230 ASN A CG  1 
ATOM   329  O  OD1 . ASN A 1 45  ? -16.972 5.920   -2.465  1.00 28.20 ? 230 ASN A OD1 1 
ATOM   330  N  ND2 . ASN A 1 45  ? -17.097 7.854   -3.610  1.00 28.84 ? 230 ASN A ND2 1 
ATOM   331  N  N   . HIS A 1 46  ? -12.908 8.104   -0.867  1.00 26.69 ? 231 HIS A N   1 
ATOM   332  C  CA  . HIS A 1 46  ? -11.674 8.378   -1.601  1.00 25.45 ? 231 HIS A CA  1 
ATOM   333  C  C   . HIS A 1 46  ? -10.553 7.420   -1.210  1.00 25.13 ? 231 HIS A C   1 
ATOM   334  O  O   . HIS A 1 46  ? -10.564 6.833   -0.128  1.00 23.82 ? 231 HIS A O   1 
ATOM   335  C  CB  . HIS A 1 46  ? -11.165 9.801   -1.328  1.00 26.51 ? 231 HIS A CB  1 
ATOM   336  C  CG  . HIS A 1 46  ? -12.226 10.855  -1.372  1.00 29.24 ? 231 HIS A CG  1 
ATOM   337  N  ND1 . HIS A 1 46  ? -13.109 10.985  -2.423  1.00 31.79 ? 231 HIS A ND1 1 
ATOM   338  C  CD2 . HIS A 1 46  ? -12.524 11.853  -0.506  1.00 30.75 ? 231 HIS A CD2 1 
ATOM   339  C  CE1 . HIS A 1 46  ? -13.903 12.017  -2.202  1.00 33.55 ? 231 HIS A CE1 1 
ATOM   340  N  NE2 . HIS A 1 46  ? -13.569 12.561  -1.045  1.00 31.61 ? 231 HIS A NE2 1 
ATOM   341  N  N   . ILE A 1 47  ? -9.579  7.272   -2.101  1.00 22.90 ? 232 ILE A N   1 
ATOM   342  C  CA  . ILE A 1 47  ? -8.426  6.437   -1.822  1.00 22.14 ? 232 ILE A CA  1 
ATOM   343  C  C   . ILE A 1 47  ? -7.284  7.434   -1.672  1.00 21.18 ? 232 ILE A C   1 
ATOM   344  O  O   . ILE A 1 47  ? -6.824  8.021   -2.652  1.00 20.86 ? 232 ILE A O   1 
ATOM   345  C  CB  . ILE A 1 47  ? -8.130  5.469   -2.973  1.00 25.00 ? 232 ILE A CB  1 
ATOM   346  C  CG1 . ILE A 1 47  ? -9.349  4.566   -3.216  1.00 24.97 ? 232 ILE A CG1 1 
ATOM   347  C  CG2 . ILE A 1 47  ? -6.907  4.629   -2.632  1.00 22.81 ? 232 ILE A CG2 1 
ATOM   348  C  CD1 . ILE A 1 47  ? -9.213  3.643   -4.414  1.00 25.87 ? 232 ILE A CD1 1 
ATOM   349  N  N   . ALA A 1 48  ? -6.853  7.650   -0.438  1.00 20.35 ? 233 ALA A N   1 
ATOM   350  C  CA  . ALA A 1 48  ? -5.783  8.602   -0.173  1.00 18.38 ? 233 ALA A CA  1 
ATOM   351  C  C   . ALA A 1 48  ? -4.452  8.127   -0.747  1.00 20.03 ? 233 ALA A C   1 
ATOM   352  O  O   . ALA A 1 48  ? -3.683  8.920   -1.289  1.00 18.84 ? 233 ALA A O   1 
ATOM   353  C  CB  . ALA A 1 48  ? -5.655  8.836   1.325   1.00 20.38 ? 233 ALA A CB  1 
ATOM   354  N  N   . PHE A 1 49  ? -4.184  6.834   -0.626  1.00 18.55 ? 234 PHE A N   1 
ATOM   355  C  CA  . PHE A 1 49  ? -2.940  6.273   -1.131  1.00 17.55 ? 234 PHE A CA  1 
ATOM   356  C  C   . PHE A 1 49  ? -3.213  4.885   -1.679  1.00 18.39 ? 234 PHE A C   1 
ATOM   357  O  O   . PHE A 1 49  ? -3.755  4.023   -0.987  1.00 17.81 ? 234 PHE A O   1 
ATOM   358  C  CB  . PHE A 1 49  ? -1.894  6.213   -0.010  1.00 15.86 ? 234 PHE A CB  1 
ATOM   359  C  CG  . PHE A 1 49  ? -0.605  5.534   -0.401  1.00 18.09 ? 234 PHE A CG  1 
ATOM   360  C  CD1 . PHE A 1 49  ? 0.183   6.041   -1.433  1.00 17.89 ? 234 PHE A CD1 1 
ATOM   361  C  CD2 . PHE A 1 49  ? -0.163  4.410   0.292   1.00 17.39 ? 234 PHE A CD2 1 
ATOM   362  C  CE1 . PHE A 1 49  ? 1.401   5.442   -1.773  1.00 20.35 ? 234 PHE A CE1 1 
ATOM   363  C  CE2 . PHE A 1 49  ? 1.054   3.796   -0.033  1.00 21.47 ? 234 PHE A CE2 1 
ATOM   364  C  CZ  . PHE A 1 49  ? 1.842   4.316   -1.071  1.00 18.25 ? 234 PHE A CZ  1 
ATOM   365  N  N   . HIS A 1 50  ? -2.831  4.694   -2.935  1.00 17.14 ? 235 HIS A N   1 
ATOM   366  C  CA  . HIS A 1 50  ? -3.006  3.440   -3.654  1.00 19.24 ? 235 HIS A CA  1 
ATOM   367  C  C   . HIS A 1 50  ? -1.604  2.964   -4.032  1.00 19.44 ? 235 HIS A C   1 
ATOM   368  O  O   . HIS A 1 50  ? -0.926  3.600   -4.837  1.00 18.66 ? 235 HIS A O   1 
ATOM   369  C  CB  . HIS A 1 50  ? -3.862  3.712   -4.907  1.00 18.73 ? 235 HIS A CB  1 
ATOM   370  C  CG  . HIS A 1 50  ? -4.014  2.544   -5.838  1.00 20.28 ? 235 HIS A CG  1 
ATOM   371  N  ND1 . HIS A 1 50  ? -4.678  1.391   -5.489  1.00 20.12 ? 235 HIS A ND1 1 
ATOM   372  C  CD2 . HIS A 1 50  ? -3.676  2.404   -7.145  1.00 20.02 ? 235 HIS A CD2 1 
ATOM   373  C  CE1 . HIS A 1 50  ? -4.753  0.590   -6.541  1.00 21.09 ? 235 HIS A CE1 1 
ATOM   374  N  NE2 . HIS A 1 50  ? -4.154  1.181   -7.558  1.00 19.86 ? 235 HIS A NE2 1 
ATOM   375  N  N   . LEU A 1 51  ? -1.169  1.869   -3.408  1.00 18.61 ? 236 LEU A N   1 
ATOM   376  C  CA  . LEU A 1 51  ? 0.139   1.262   -3.660  1.00 18.67 ? 236 LEU A CA  1 
ATOM   377  C  C   . LEU A 1 51  ? -0.192  0.040   -4.504  1.00 18.08 ? 236 LEU A C   1 
ATOM   378  O  O   . LEU A 1 51  ? -0.788  -0.919  -4.020  1.00 18.64 ? 236 LEU A O   1 
ATOM   379  C  CB  . LEU A 1 51  ? 0.793   0.859   -2.336  1.00 19.15 ? 236 LEU A CB  1 
ATOM   380  C  CG  . LEU A 1 51  ? 2.087   0.039   -2.375  1.00 20.82 ? 236 LEU A CG  1 
ATOM   381  C  CD1 . LEU A 1 51  ? 3.034   0.577   -3.438  1.00 21.75 ? 236 LEU A CD1 1 
ATOM   382  C  CD2 . LEU A 1 51  ? 2.737   0.071   -0.989  1.00 19.91 ? 236 LEU A CD2 1 
ATOM   383  N  N   . ASN A 1 52  ? 0.221   0.080   -5.765  1.00 17.99 ? 237 ASN A N   1 
ATOM   384  C  CA  . ASN A 1 52  ? -0.135  -0.955  -6.725  1.00 18.31 ? 237 ASN A CA  1 
ATOM   385  C  C   . ASN A 1 52  ? 1.020   -1.594  -7.515  1.00 18.17 ? 237 ASN A C   1 
ATOM   386  O  O   . ASN A 1 52  ? 1.389   -1.113  -8.591  1.00 18.14 ? 237 ASN A O   1 
ATOM   387  C  CB  . ASN A 1 52  ? -1.157  -0.306  -7.675  1.00 18.47 ? 237 ASN A CB  1 
ATOM   388  C  CG  . ASN A 1 52  ? -1.649  -1.228  -8.768  1.00 23.35 ? 237 ASN A CG  1 
ATOM   389  O  OD1 . ASN A 1 52  ? -2.002  -0.760  -9.853  1.00 20.51 ? 237 ASN A OD1 1 
ATOM   390  N  ND2 . ASN A 1 52  ? -1.707  -2.526  -8.491  1.00 19.87 ? 237 ASN A ND2 1 
ATOM   391  N  N   . PRO A 1 53  ? 1.627   -2.668  -6.972  1.00 17.68 ? 238 PRO A N   1 
ATOM   392  C  CA  . PRO A 1 53  ? 2.727   -3.344  -7.673  1.00 19.05 ? 238 PRO A CA  1 
ATOM   393  C  C   . PRO A 1 53  ? 2.124   -4.111  -8.857  1.00 20.21 ? 238 PRO A C   1 
ATOM   394  O  O   . PRO A 1 53  ? 1.103   -4.780  -8.706  1.00 20.09 ? 238 PRO A O   1 
ATOM   395  C  CB  . PRO A 1 53  ? 3.291   -4.289  -6.609  1.00 21.72 ? 238 PRO A CB  1 
ATOM   396  C  CG  . PRO A 1 53  ? 3.005   -3.564  -5.326  1.00 19.75 ? 238 PRO A CG  1 
ATOM   397  C  CD  . PRO A 1 53  ? 1.589   -3.076  -5.555  1.00 17.35 ? 238 PRO A CD  1 
ATOM   398  N  N   . ARG A 1 54  ? 2.746   -4.010  -10.025 1.00 21.83 ? 239 ARG A N   1 
ATOM   399  C  CA  . ARG A 1 54  ? 2.246   -4.687  -11.215 1.00 22.76 ? 239 ARG A CA  1 
ATOM   400  C  C   . ARG A 1 54  ? 3.330   -5.561  -11.834 1.00 25.55 ? 239 ARG A C   1 
ATOM   401  O  O   . ARG A 1 54  ? 4.378   -5.073  -12.250 1.00 24.48 ? 239 ARG A O   1 
ATOM   402  C  CB  . ARG A 1 54  ? 1.765   -3.660  -12.245 1.00 23.81 ? 239 ARG A CB  1 
ATOM   403  C  CG  . ARG A 1 54  ? 0.670   -2.732  -11.730 1.00 23.57 ? 239 ARG A CG  1 
ATOM   404  C  CD  . ARG A 1 54  ? 0.201   -1.768  -12.818 1.00 24.13 ? 239 ARG A CD  1 
ATOM   405  N  NE  . ARG A 1 54  ? -0.841  -0.865  -12.332 1.00 21.61 ? 239 ARG A NE  1 
ATOM   406  C  CZ  . ARG A 1 54  ? -1.388  0.106   -13.059 1.00 22.59 ? 239 ARG A CZ  1 
ATOM   407  N  NH1 . ARG A 1 54  ? -0.995  0.307   -14.313 1.00 19.55 ? 239 ARG A NH1 1 
ATOM   408  N  NH2 . ARG A 1 54  ? -2.318  0.883   -12.530 1.00 19.81 ? 239 ARG A NH2 1 
ATOM   409  N  N   . PHE A 1 55  ? 3.067   -6.861  -11.894 1.00 27.22 ? 240 PHE A N   1 
ATOM   410  C  CA  . PHE A 1 55  ? 4.028   -7.805  -12.446 1.00 27.44 ? 240 PHE A CA  1 
ATOM   411  C  C   . PHE A 1 55  ? 3.943   -7.876  -13.968 1.00 28.48 ? 240 PHE A C   1 
ATOM   412  O  O   . PHE A 1 55  ? 4.924   -8.189  -14.634 1.00 30.34 ? 240 PHE A O   1 
ATOM   413  C  CB  . PHE A 1 55  ? 3.797   -9.164  -11.793 1.00 27.82 ? 240 PHE A CB  1 
ATOM   414  C  CG  . PHE A 1 55  ? 3.912   -9.115  -10.294 1.00 26.79 ? 240 PHE A CG  1 
ATOM   415  C  CD1 . PHE A 1 55  ? 5.162   -9.139  -9.680  1.00 27.24 ? 240 PHE A CD1 1 
ATOM   416  C  CD2 . PHE A 1 55  ? 2.784   -8.916  -9.507  1.00 25.93 ? 240 PHE A CD2 1 
ATOM   417  C  CE1 . PHE A 1 55  ? 5.286   -8.957  -8.301  1.00 27.40 ? 240 PHE A CE1 1 
ATOM   418  C  CE2 . PHE A 1 55  ? 2.893   -8.729  -8.126  1.00 28.46 ? 240 PHE A CE2 1 
ATOM   419  C  CZ  . PHE A 1 55  ? 4.148   -8.748  -7.522  1.00 28.05 ? 240 PHE A CZ  1 
ATOM   420  N  N   . ASP A 1 56  ? 2.777   -7.557  -14.517 1.00 29.58 ? 241 ASP A N   1 
ATOM   421  C  CA  . ASP A 1 56  ? 2.610   -7.577  -15.964 1.00 32.58 ? 241 ASP A CA  1 
ATOM   422  C  C   . ASP A 1 56  ? 3.328   -6.378  -16.584 1.00 33.48 ? 241 ASP A C   1 
ATOM   423  O  O   . ASP A 1 56  ? 3.784   -6.444  -17.725 1.00 32.29 ? 241 ASP A O   1 
ATOM   424  C  CB  . ASP A 1 56  ? 1.122   -7.564  -16.329 1.00 34.63 ? 241 ASP A CB  1 
ATOM   425  C  CG  . ASP A 1 56  ? 0.420   -6.293  -15.894 1.00 36.35 ? 241 ASP A CG  1 
ATOM   426  O  OD1 . ASP A 1 56  ? 0.762   -5.750  -14.819 1.00 34.07 ? 241 ASP A OD1 1 
ATOM   427  O  OD2 . ASP A 1 56  ? -0.489  -5.842  -16.626 1.00 39.39 ? 241 ASP A OD2 1 
ATOM   428  N  N   . GLU A 1 57  ? 3.439   -5.286  -15.829 1.00 32.63 ? 242 GLU A N   1 
ATOM   429  C  CA  . GLU A 1 57  ? 4.124   -4.093  -16.325 1.00 34.20 ? 242 GLU A CA  1 
ATOM   430  C  C   . GLU A 1 57  ? 5.469   -3.919  -15.627 1.00 32.83 ? 242 GLU A C   1 
ATOM   431  O  O   . GLU A 1 57  ? 6.251   -3.042  -15.983 1.00 34.01 ? 242 GLU A O   1 
ATOM   432  C  CB  . GLU A 1 57  ? 3.280   -2.835  -16.095 1.00 34.96 ? 242 GLU A CB  1 
ATOM   433  C  CG  . GLU A 1 57  ? 1.868   -2.898  -16.643 1.00 38.76 ? 242 GLU A CG  1 
ATOM   434  C  CD  . GLU A 1 57  ? 1.199   -1.530  -16.699 1.00 41.74 ? 242 GLU A CD  1 
ATOM   435  O  OE1 . GLU A 1 57  ? 1.475   -0.685  -15.821 1.00 38.95 ? 242 GLU A OE1 1 
ATOM   436  O  OE2 . GLU A 1 57  ? 0.386   -1.304  -17.622 1.00 45.54 ? 242 GLU A OE2 1 
ATOM   437  N  N   . ASN A 1 58  ? 5.731   -4.758  -14.629 1.00 32.77 ? 243 ASN A N   1 
ATOM   438  C  CA  . ASN A 1 58  ? 6.979   -4.686  -13.877 1.00 31.82 ? 243 ASN A CA  1 
ATOM   439  C  C   . ASN A 1 58  ? 7.157   -3.282  -13.301 1.00 30.26 ? 243 ASN A C   1 
ATOM   440  O  O   . ASN A 1 58  ? 8.169   -2.624  -13.540 1.00 31.50 ? 243 ASN A O   1 
ATOM   441  C  CB  . ASN A 1 58  ? 8.163   -5.026  -14.786 1.00 33.56 ? 243 ASN A CB  1 
ATOM   442  C  CG  . ASN A 1 58  ? 9.496   -4.920  -14.072 1.00 36.86 ? 243 ASN A CG  1 
ATOM   443  O  OD1 . ASN A 1 58  ? 9.673   -5.467  -12.981 1.00 38.50 ? 243 ASN A OD1 1 
ATOM   444  N  ND2 . ASN A 1 58  ? 10.445  -4.220  -14.686 1.00 37.78 ? 243 ASN A ND2 1 
ATOM   445  N  N   . ALA A 1 59  ? 6.175   -2.829  -12.533 1.00 26.59 ? 244 ALA A N   1 
ATOM   446  C  CA  . ALA A 1 59  ? 6.242   -1.491  -11.962 1.00 25.07 ? 244 ALA A CA  1 
ATOM   447  C  C   . ALA A 1 59  ? 5.496   -1.386  -10.646 1.00 23.50 ? 244 ALA A C   1 
ATOM   448  O  O   . ALA A 1 59  ? 4.740   -2.279  -10.276 1.00 24.06 ? 244 ALA A O   1 
ATOM   449  C  CB  . ALA A 1 59  ? 5.667   -0.494  -12.947 1.00 25.37 ? 244 ALA A CB  1 
ATOM   450  N  N   . VAL A 1 60  ? 5.725   -0.285  -9.941  1.00 21.30 ? 245 VAL A N   1 
ATOM   451  C  CA  . VAL A 1 60  ? 5.038   -0.034  -8.682  1.00 21.33 ? 245 VAL A CA  1 
ATOM   452  C  C   . VAL A 1 60  ? 4.351   1.317   -8.853  1.00 20.47 ? 245 VAL A C   1 
ATOM   453  O  O   . VAL A 1 60  ? 4.989   2.371   -8.827  1.00 19.54 ? 245 VAL A O   1 
ATOM   454  C  CB  . VAL A 1 60  ? 6.010   0.026   -7.487  1.00 20.32 ? 245 VAL A CB  1 
ATOM   455  C  CG1 . VAL A 1 60  ? 5.227   0.331   -6.202  1.00 20.12 ? 245 VAL A CG1 1 
ATOM   456  C  CG2 . VAL A 1 60  ? 6.745   -1.312  -7.346  1.00 20.24 ? 245 VAL A CG2 1 
ATOM   457  N  N   . VAL A 1 61  ? 3.042   1.268   -9.052  1.00 19.48 ? 246 VAL A N   1 
ATOM   458  C  CA  . VAL A 1 61  ? 2.252   2.467   -9.257  1.00 20.49 ? 246 VAL A CA  1 
ATOM   459  C  C   . VAL A 1 61  ? 1.681   3.007   -7.951  1.00 19.84 ? 246 VAL A C   1 
ATOM   460  O  O   . VAL A 1 61  ? 1.211   2.248   -7.099  1.00 19.29 ? 246 VAL A O   1 
ATOM   461  C  CB  . VAL A 1 61  ? 1.086   2.178   -10.242 1.00 23.25 ? 246 VAL A CB  1 
ATOM   462  C  CG1 . VAL A 1 61  ? 0.217   3.420   -10.425 1.00 24.18 ? 246 VAL A CG1 1 
ATOM   463  C  CG2 . VAL A 1 61  ? 1.648   1.721   -11.576 1.00 24.47 ? 246 VAL A CG2 1 
ATOM   464  N  N   . ARG A 1 62  ? 1.748   4.323   -7.789  1.00 18.53 ? 247 ARG A N   1 
ATOM   465  C  CA  . ARG A 1 62  ? 1.204   4.977   -6.607  1.00 17.98 ? 247 ARG A CA  1 
ATOM   466  C  C   . ARG A 1 62  ? 0.301   6.088   -7.103  1.00 19.14 ? 247 ARG A C   1 
ATOM   467  O  O   . ARG A 1 62  ? 0.652   6.805   -8.042  1.00 20.39 ? 247 ARG A O   1 
ATOM   468  C  CB  . ARG A 1 62  ? 2.315   5.561   -5.728  1.00 18.50 ? 247 ARG A CB  1 
ATOM   469  C  CG  . ARG A 1 62  ? 3.239   4.519   -5.117  1.00 18.40 ? 247 ARG A CG  1 
ATOM   470  C  CD  . ARG A 1 62  ? 4.432   4.230   -6.011  1.00 20.56 ? 247 ARG A CD  1 
ATOM   471  N  NE  . ARG A 1 62  ? 5.407   5.326   -5.999  1.00 19.84 ? 247 ARG A NE  1 
ATOM   472  C  CZ  . ARG A 1 62  ? 6.543   5.314   -6.692  1.00 19.97 ? 247 ARG A CZ  1 
ATOM   473  N  NH1 . ARG A 1 62  ? 7.381   6.342   -6.626  1.00 19.79 ? 247 ARG A NH1 1 
ATOM   474  N  NH2 . ARG A 1 62  ? 6.838   4.271   -7.457  1.00 18.94 ? 247 ARG A NH2 1 
ATOM   475  N  N   . ASN A 1 63  ? -0.865  6.233   -6.487  1.00 18.24 ? 248 ASN A N   1 
ATOM   476  C  CA  . ASN A 1 63  ? -1.784  7.275   -6.910  1.00 19.66 ? 248 ASN A CA  1 
ATOM   477  C  C   . ASN A 1 63  ? -2.817  7.549   -5.831  1.00 19.39 ? 248 ASN A C   1 
ATOM   478  O  O   . ASN A 1 63  ? -2.833  6.913   -4.775  1.00 18.92 ? 248 ASN A O   1 
ATOM   479  C  CB  . ASN A 1 63  ? -2.499  6.857   -8.200  1.00 20.31 ? 248 ASN A CB  1 
ATOM   480  C  CG  . ASN A 1 63  ? -2.924  8.048   -9.057  1.00 23.48 ? 248 ASN A CG  1 
ATOM   481  O  OD1 . ASN A 1 63  ? -2.836  9.208   -8.636  1.00 21.87 ? 248 ASN A OD1 1 
ATOM   482  N  ND2 . ASN A 1 63  ? -3.390  7.760   -10.270 1.00 20.63 ? 248 ASN A ND2 1 
ATOM   483  N  N   . THR A 1 64  ? -3.679  8.511   -6.124  1.00 19.35 ? 249 THR A N   1 
ATOM   484  C  CA  . THR A 1 64  ? -4.751  8.909   -5.229  1.00 22.01 ? 249 THR A CA  1 
ATOM   485  C  C   . THR A 1 64  ? -6.010  9.038   -6.068  1.00 21.58 ? 249 THR A C   1 
ATOM   486  O  O   . THR A 1 64  ? -5.951  9.487   -7.212  1.00 21.34 ? 249 THR A O   1 
ATOM   487  C  CB  . THR A 1 64  ? -4.456  10.275  -4.578  1.00 22.32 ? 249 THR A CB  1 
ATOM   488  O  OG1 . THR A 1 64  ? -3.367  10.137  -3.663  1.00 21.46 ? 249 THR A OG1 1 
ATOM   489  C  CG2 . THR A 1 64  ? -5.689  10.804  -3.851  1.00 22.76 ? 249 THR A CG2 1 
ATOM   490  N  N   . GLN A 1 65  ? -7.142  8.637   -5.503  1.00 24.13 ? 250 GLN A N   1 
ATOM   491  C  CA  . GLN A 1 65  ? -8.407  8.735   -6.217  1.00 26.78 ? 250 GLN A CA  1 
ATOM   492  C  C   . GLN A 1 65  ? -9.436  9.463   -5.367  1.00 28.68 ? 250 GLN A C   1 
ATOM   493  O  O   . GLN A 1 65  ? -9.673  9.111   -4.210  1.00 28.93 ? 250 GLN A O   1 
ATOM   494  C  CB  . GLN A 1 65  ? -8.933  7.342   -6.588  1.00 27.09 ? 250 GLN A CB  1 
ATOM   495  C  CG  . GLN A 1 65  ? -10.243 7.354   -7.380  1.00 29.34 ? 250 GLN A CG  1 
ATOM   496  C  CD  . GLN A 1 65  ? -10.790 5.959   -7.638  1.00 32.34 ? 250 GLN A CD  1 
ATOM   497  O  OE1 . GLN A 1 65  ? -11.057 5.199   -6.702  1.00 33.53 ? 250 GLN A OE1 1 
ATOM   498  N  NE2 . GLN A 1 65  ? -10.962 5.613   -8.912  1.00 31.59 ? 250 GLN A NE2 1 
ATOM   499  N  N   . ILE A 1 66  ? -10.029 10.497  -5.946  1.00 31.76 ? 251 ILE A N   1 
ATOM   500  C  CA  . ILE A 1 66  ? -11.059 11.273  -5.273  1.00 36.53 ? 251 ILE A CA  1 
ATOM   501  C  C   . ILE A 1 66  ? -12.335 10.847  -5.976  1.00 39.26 ? 251 ILE A C   1 
ATOM   502  O  O   . ILE A 1 66  ? -12.542 11.175  -7.147  1.00 39.52 ? 251 ILE A O   1 
ATOM   503  C  CB  . ILE A 1 66  ? -10.827 12.777  -5.464  1.00 37.72 ? 251 ILE A CB  1 
ATOM   504  C  CG1 . ILE A 1 66  ? -9.456  13.150  -4.893  1.00 37.36 ? 251 ILE A CG1 1 
ATOM   505  C  CG2 . ILE A 1 66  ? -11.931 13.568  -4.773  1.00 38.57 ? 251 ILE A CG2 1 
ATOM   506  C  CD1 . ILE A 1 66  ? -9.042  14.580  -5.170  1.00 41.36 ? 251 ILE A CD1 1 
ATOM   507  N  N   . ASP A 1 67  ? -13.183 10.106  -5.267  1.00 41.60 ? 252 ASP A N   1 
ATOM   508  C  CA  . ASP A 1 67  ? -14.401 9.592   -5.871  1.00 44.02 ? 252 ASP A CA  1 
ATOM   509  C  C   . ASP A 1 67  ? -13.887 8.625   -6.928  1.00 43.67 ? 252 ASP A C   1 
ATOM   510  O  O   . ASP A 1 67  ? -13.186 7.670   -6.593  1.00 43.86 ? 252 ASP A O   1 
ATOM   511  C  CB  . ASP A 1 67  ? -15.242 10.710  -6.490  1.00 46.49 ? 252 ASP A CB  1 
ATOM   512  C  CG  . ASP A 1 67  ? -15.887 11.595  -5.441  1.00 48.01 ? 252 ASP A CG  1 
ATOM   513  O  OD1 . ASP A 1 67  ? -16.406 11.047  -4.443  1.00 47.35 ? 252 ASP A OD1 1 
ATOM   514  O  OD2 . ASP A 1 67  ? -15.880 12.832  -5.619  1.00 50.15 ? 252 ASP A OD2 1 
ATOM   515  N  N   . ASN A 1 68  ? -14.246 8.833   -8.190  1.00 42.17 ? 253 ASN A N   1 
ATOM   516  C  CA  . ASN A 1 68  ? -13.756 7.931   -9.225  1.00 41.93 ? 253 ASN A CA  1 
ATOM   517  C  C   . ASN A 1 68  ? -12.695 8.560   -10.131 1.00 39.26 ? 253 ASN A C   1 
ATOM   518  O  O   . ASN A 1 68  ? -12.444 8.062   -11.227 1.00 40.45 ? 253 ASN A O   1 
ATOM   519  C  CB  . ASN A 1 68  ? -14.913 7.422   -10.083 1.00 44.64 ? 253 ASN A CB  1 
ATOM   520  C  CG  . ASN A 1 68  ? -15.557 8.521   -10.896 1.00 46.47 ? 253 ASN A CG  1 
ATOM   521  O  OD1 . ASN A 1 68  ? -16.141 8.262   -11.944 1.00 51.31 ? 253 ASN A OD1 1 
ATOM   522  N  ND2 . ASN A 1 68  ? -15.462 9.756   -10.411 1.00 48.88 ? 253 ASN A ND2 1 
ATOM   523  N  N   . SER A 1 69  ? -12.069 9.642   -9.675  1.00 36.26 ? 254 SER A N   1 
ATOM   524  C  CA  . SER A 1 69  ? -11.037 10.318  -10.461 1.00 33.88 ? 254 SER A CA  1 
ATOM   525  C  C   . SER A 1 69  ? -9.608  10.055  -9.984  1.00 30.24 ? 254 SER A C   1 
ATOM   526  O  O   . SER A 1 69  ? -9.210  10.519  -8.917  1.00 27.09 ? 254 SER A O   1 
ATOM   527  C  CB  . SER A 1 69  ? -11.274 11.830  -10.464 1.00 35.96 ? 254 SER A CB  1 
ATOM   528  O  OG  . SER A 1 69  ? -12.353 12.186  -11.309 1.00 42.51 ? 254 SER A OG  1 
ATOM   529  N  N   . TRP A 1 70  ? -8.838  9.319   -10.780 1.00 28.08 ? 255 TRP A N   1 
ATOM   530  C  CA  . TRP A 1 70  ? -7.453  9.035   -10.420 1.00 26.90 ? 255 TRP A CA  1 
ATOM   531  C  C   . TRP A 1 70  ? -6.561  10.232  -10.742 1.00 26.31 ? 255 TRP A C   1 
ATOM   532  O  O   . TRP A 1 70  ? -6.726  10.884  -11.773 1.00 23.81 ? 255 TRP A O   1 
ATOM   533  C  CB  . TRP A 1 70  ? -6.927  7.806   -11.172 1.00 25.22 ? 255 TRP A CB  1 
ATOM   534  C  CG  . TRP A 1 70  ? -7.433  6.499   -10.644 1.00 26.13 ? 255 TRP A CG  1 
ATOM   535  C  CD1 . TRP A 1 70  ? -8.379  5.689   -11.213 1.00 26.44 ? 255 TRP A CD1 1 
ATOM   536  C  CD2 . TRP A 1 70  ? -7.021  5.850   -9.435  1.00 25.02 ? 255 TRP A CD2 1 
ATOM   537  N  NE1 . TRP A 1 70  ? -8.579  4.573   -10.431 1.00 26.80 ? 255 TRP A NE1 1 
ATOM   538  C  CE2 . TRP A 1 70  ? -7.759  4.646   -9.334  1.00 25.88 ? 255 TRP A CE2 1 
ATOM   539  C  CE3 . TRP A 1 70  ? -6.099  6.167   -8.424  1.00 24.43 ? 255 TRP A CE3 1 
ATOM   540  C  CZ2 . TRP A 1 70  ? -7.604  3.757   -8.260  1.00 24.05 ? 255 TRP A CZ2 1 
ATOM   541  C  CZ3 . TRP A 1 70  ? -5.944  5.281   -7.354  1.00 23.57 ? 255 TRP A CZ3 1 
ATOM   542  C  CH2 . TRP A 1 70  ? -6.694  4.091   -7.284  1.00 24.01 ? 255 TRP A CH2 1 
ATOM   543  N  N   . GLY A 1 71  ? -5.618  10.525  -9.854  1.00 24.09 ? 256 GLY A N   1 
ATOM   544  C  CA  . GLY A 1 71  ? -4.716  11.632  -10.105 1.00 24.01 ? 256 GLY A CA  1 
ATOM   545  C  C   . GLY A 1 71  ? -3.565  11.179  -10.989 1.00 23.48 ? 256 GLY A C   1 
ATOM   546  O  O   . GLY A 1 71  ? -3.660  10.169  -11.699 1.00 22.21 ? 256 GLY A O   1 
ATOM   547  N  N   . SER A 1 72  ? -2.472  11.926  -10.945 1.00 22.22 ? 257 SER A N   1 
ATOM   548  C  CA  . SER A 1 72  ? -1.295  11.592  -11.732 1.00 24.64 ? 257 SER A CA  1 
ATOM   549  C  C   . SER A 1 72  ? -0.477  10.512  -11.023 1.00 22.78 ? 257 SER A C   1 
ATOM   550  O  O   . SER A 1 72  ? -0.097  10.663  -9.864  1.00 24.77 ? 257 SER A O   1 
ATOM   551  C  CB  . SER A 1 72  ? -0.439  12.843  -11.943 1.00 25.71 ? 257 SER A CB  1 
ATOM   552  O  OG  . SER A 1 72  ? 0.726   12.533  -12.679 1.00 35.65 ? 257 SER A OG  1 
ATOM   553  N  N   . GLU A 1 73  ? -0.197  9.424   -11.731 1.00 22.79 ? 258 GLU A N   1 
ATOM   554  C  CA  . GLU A 1 73  ? 0.558   8.313   -11.159 1.00 23.81 ? 258 GLU A CA  1 
ATOM   555  C  C   . GLU A 1 73  ? 2.036   8.608   -10.919 1.00 22.98 ? 258 GLU A C   1 
ATOM   556  O  O   . GLU A 1 73  ? 2.658   9.381   -11.643 1.00 22.59 ? 258 GLU A O   1 
ATOM   557  C  CB  . GLU A 1 73  ? 0.458   7.083   -12.073 1.00 23.72 ? 258 GLU A CB  1 
ATOM   558  C  CG  . GLU A 1 73  ? -0.940  6.489   -12.221 1.00 24.80 ? 258 GLU A CG  1 
ATOM   559  C  CD  . GLU A 1 73  ? -0.979  5.338   -13.222 1.00 26.91 ? 258 GLU A CD  1 
ATOM   560  O  OE1 . GLU A 1 73  ? -2.041  4.700   -13.371 1.00 26.96 ? 258 GLU A OE1 1 
ATOM   561  O  OE2 . GLU A 1 73  ? 0.058   5.073   -13.864 1.00 27.93 ? 258 GLU A OE2 1 
ATOM   562  N  N   . GLU A 1 74  ? 2.591   7.980   -9.891  1.00 22.97 ? 259 GLU A N   1 
ATOM   563  C  CA  . GLU A 1 74  ? 4.010   8.109   -9.586  1.00 22.51 ? 259 GLU A CA  1 
ATOM   564  C  C   . GLU A 1 74  ? 4.555   6.688   -9.713  1.00 23.28 ? 259 GLU A C   1 
ATOM   565  O  O   . GLU A 1 74  ? 4.067   5.766   -9.053  1.00 20.31 ? 259 GLU A O   1 
ATOM   566  C  CB  . GLU A 1 74  ? 4.212   8.669   -8.170  1.00 22.71 ? 259 GLU A CB  1 
ATOM   567  C  CG  . GLU A 1 74  ? 3.919   10.169  -8.076  1.00 22.94 ? 259 GLU A CG  1 
ATOM   568  C  CD  . GLU A 1 74  ? 4.010   10.714  -6.657  1.00 24.21 ? 259 GLU A CD  1 
ATOM   569  O  OE1 . GLU A 1 74  ? 4.955   10.339  -5.929  1.00 25.48 ? 259 GLU A OE1 1 
ATOM   570  O  OE2 . GLU A 1 74  ? 3.140   11.530  -6.277  1.00 23.34 ? 259 GLU A OE2 1 
ATOM   571  N  N   . ARG A 1 75  ? 5.547   6.514   -10.581 1.00 22.51 ? 260 ARG A N   1 
ATOM   572  C  CA  . ARG A 1 75  ? 6.131   5.202   -10.831 1.00 23.97 ? 260 ARG A CA  1 
ATOM   573  C  C   . ARG A 1 75  ? 7.626   5.100   -10.578 1.00 24.60 ? 260 ARG A C   1 
ATOM   574  O  O   . ARG A 1 75  ? 8.179   4.002   -10.618 1.00 25.32 ? 260 ARG A O   1 
ATOM   575  C  CB  . ARG A 1 75  ? 5.872   4.785   -12.280 1.00 24.93 ? 260 ARG A CB  1 
ATOM   576  C  CG  . ARG A 1 75  ? 4.413   4.531   -12.632 1.00 27.90 ? 260 ARG A CG  1 
ATOM   577  C  CD  . ARG A 1 75  ? 4.261   4.234   -14.127 1.00 27.65 ? 260 ARG A CD  1 
ATOM   578  N  NE  . ARG A 1 75  ? 2.875   3.958   -14.495 1.00 29.70 ? 260 ARG A NE  1 
ATOM   579  C  CZ  . ARG A 1 75  ? 2.444   2.784   -14.946 1.00 29.20 ? 260 ARG A CZ  1 
ATOM   580  N  NH1 . ARG A 1 75  ? 3.290   1.774   -15.087 1.00 28.50 ? 260 ARG A NH1 1 
ATOM   581  N  NH2 . ARG A 1 75  ? 1.164   2.616   -15.248 1.00 30.46 ? 260 ARG A NH2 1 
ATOM   582  N  N   . SER A 1 76  ? 8.288   6.227   -10.328 1.00 24.71 ? 261 SER A N   1 
ATOM   583  C  CA  . SER A 1 76  ? 9.734   6.195   -10.114 1.00 26.11 ? 261 SER A CA  1 
ATOM   584  C  C   . SER A 1 76  ? 10.168  5.174   -9.070  1.00 24.98 ? 261 SER A C   1 
ATOM   585  O  O   . SER A 1 76  ? 9.482   4.952   -8.072  1.00 24.28 ? 261 SER A O   1 
ATOM   586  C  CB  . SER A 1 76  ? 10.260  7.578   -9.710  1.00 28.12 ? 261 SER A CB  1 
ATOM   587  O  OG  . SER A 1 76  ? 9.861   7.911   -8.393  1.00 35.72 ? 261 SER A OG  1 
ATOM   588  N  N   . LEU A 1 77  ? 11.316  4.551   -9.322  1.00 24.26 ? 262 LEU A N   1 
ATOM   589  C  CA  . LEU A 1 77  ? 11.897  3.569   -8.415  1.00 25.78 ? 262 LEU A CA  1 
ATOM   590  C  C   . LEU A 1 77  ? 13.406  3.774   -8.426  1.00 27.27 ? 262 LEU A C   1 
ATOM   591  O  O   . LEU A 1 77  ? 13.998  3.951   -9.487  1.00 26.84 ? 262 LEU A O   1 
ATOM   592  C  CB  . LEU A 1 77  ? 11.572  2.150   -8.876  1.00 24.89 ? 262 LEU A CB  1 
ATOM   593  C  CG  . LEU A 1 77  ? 10.155  1.637   -8.613  1.00 24.23 ? 262 LEU A CG  1 
ATOM   594  C  CD1 . LEU A 1 77  ? 10.024  0.226   -9.170  1.00 26.70 ? 262 LEU A CD1 1 
ATOM   595  C  CD2 . LEU A 1 77  ? 9.876   1.637   -7.118  1.00 24.30 ? 262 LEU A CD2 1 
ATOM   596  N  N   . PRO A 1 78  ? 14.046  3.752   -7.246  1.00 29.13 ? 263 PRO A N   1 
ATOM   597  C  CA  . PRO A 1 78  ? 15.497  3.941   -7.146  1.00 30.17 ? 263 PRO A CA  1 
ATOM   598  C  C   . PRO A 1 78  ? 16.272  2.674   -7.493  1.00 30.81 ? 263 PRO A C   1 
ATOM   599  O  O   . PRO A 1 78  ? 17.480  2.710   -7.716  1.00 31.31 ? 263 PRO A O   1 
ATOM   600  C  CB  . PRO A 1 78  ? 15.684  4.344   -5.691  1.00 30.84 ? 263 PRO A CB  1 
ATOM   601  C  CG  . PRO A 1 78  ? 14.673  3.478   -5.001  1.00 31.77 ? 263 PRO A CG  1 
ATOM   602  C  CD  . PRO A 1 78  ? 13.445  3.628   -5.902  1.00 30.67 ? 263 PRO A CD  1 
ATOM   603  N  N   . ARG A 1 79  ? 15.571  1.551   -7.524  1.00 30.46 ? 264 ARG A N   1 
ATOM   604  C  CA  . ARG A 1 79  ? 16.203  0.281   -7.836  1.00 30.28 ? 264 ARG A CA  1 
ATOM   605  C  C   . ARG A 1 79  ? 15.198  -0.651  -8.497  1.00 29.53 ? 264 ARG A C   1 
ATOM   606  O  O   . ARG A 1 79  ? 14.076  -0.254  -8.808  1.00 26.70 ? 264 ARG A O   1 
ATOM   607  C  CB  . ARG A 1 79  ? 16.764  -0.360  -6.559  1.00 31.45 ? 264 ARG A CB  1 
ATOM   608  C  CG  . ARG A 1 79  ? 15.749  -0.538  -5.439  1.00 33.97 ? 264 ARG A CG  1 
ATOM   609  C  CD  . ARG A 1 79  ? 16.346  -1.339  -4.286  1.00 35.96 ? 264 ARG A CD  1 
ATOM   610  N  NE  . ARG A 1 79  ? 15.392  -1.560  -3.200  1.00 35.92 ? 264 ARG A NE  1 
ATOM   611  C  CZ  . ARG A 1 79  ? 14.977  -0.617  -2.359  1.00 34.64 ? 264 ARG A CZ  1 
ATOM   612  N  NH1 . ARG A 1 79  ? 15.429  0.623   -2.467  1.00 33.88 ? 264 ARG A NH1 1 
ATOM   613  N  NH2 . ARG A 1 79  ? 14.110  -0.916  -1.403  1.00 33.71 ? 264 ARG A NH2 1 
ATOM   614  N  N   . LYS A 1 80  ? 15.607  -1.894  -8.708  1.00 29.26 ? 265 LYS A N   1 
ATOM   615  C  CA  . LYS A 1 80  ? 14.747  -2.874  -9.346  1.00 30.43 ? 265 LYS A CA  1 
ATOM   616  C  C   . LYS A 1 80  ? 13.483  -3.197  -8.546  1.00 28.63 ? 265 LYS A C   1 
ATOM   617  O  O   . LYS A 1 80  ? 13.469  -3.136  -7.315  1.00 25.31 ? 265 LYS A O   1 
ATOM   618  C  CB  . LYS A 1 80  ? 15.538  -4.161  -9.600  1.00 34.58 ? 265 LYS A CB  1 
ATOM   619  C  CG  . LYS A 1 80  ? 14.742  -5.263  -10.285 1.00 40.69 ? 265 LYS A CG  1 
ATOM   620  C  CD  . LYS A 1 80  ? 15.594  -6.513  -10.504 1.00 46.78 ? 265 LYS A CD  1 
ATOM   621  C  CE  . LYS A 1 80  ? 16.795  -6.222  -11.400 1.00 49.92 ? 265 LYS A CE  1 
ATOM   622  N  NZ  . LYS A 1 80  ? 17.635  -7.434  -11.649 1.00 52.70 ? 265 LYS A NZ  1 
ATOM   623  N  N   . MET A 1 81  ? 12.422  -3.521  -9.278  1.00 29.02 ? 266 MET A N   1 
ATOM   624  C  CA  . MET A 1 81  ? 11.139  -3.912  -8.708  1.00 28.20 ? 266 MET A CA  1 
ATOM   625  C  C   . MET A 1 81  ? 11.435  -4.922  -7.598  1.00 26.57 ? 266 MET A C   1 
ATOM   626  O  O   . MET A 1 81  ? 11.924  -6.017  -7.868  1.00 29.21 ? 266 MET A O   1 
ATOM   627  C  CB  . MET A 1 81  ? 10.296  -4.568  -9.803  1.00 31.51 ? 266 MET A CB  1 
ATOM   628  C  CG  . MET A 1 81  ? 9.136   -5.403  -9.297  1.00 34.14 ? 266 MET A CG  1 
ATOM   629  S  SD  . MET A 1 81  ? 7.927   -4.372  -8.492  1.00 33.71 ? 266 MET A SD  1 
ATOM   630  C  CE  . MET A 1 81  ? 6.516   -4.634  -9.547  1.00 35.78 ? 266 MET A CE  1 
ATOM   631  N  N   . PRO A 1 82  ? 11.146  -4.568  -6.336  1.00 23.92 ? 267 PRO A N   1 
ATOM   632  C  CA  . PRO A 1 82  ? 11.411  -5.476  -5.215  1.00 25.56 ? 267 PRO A CA  1 
ATOM   633  C  C   . PRO A 1 82  ? 10.431  -6.633  -5.030  1.00 26.99 ? 267 PRO A C   1 
ATOM   634  O  O   . PRO A 1 82  ? 10.775  -7.627  -4.400  1.00 29.61 ? 267 PRO A O   1 
ATOM   635  C  CB  . PRO A 1 82  ? 11.427  -4.536  -4.016  1.00 23.90 ? 267 PRO A CB  1 
ATOM   636  C  CG  . PRO A 1 82  ? 10.344  -3.562  -4.382  1.00 23.30 ? 267 PRO A CG  1 
ATOM   637  C  CD  . PRO A 1 82  ? 10.641  -3.271  -5.848  1.00 24.31 ? 267 PRO A CD  1 
ATOM   638  N  N   . PHE A 1 83  ? 9.218   -6.508  -5.561  1.00 26.05 ? 268 PHE A N   1 
ATOM   639  C  CA  . PHE A 1 83  ? 8.222   -7.579  -5.436  1.00 26.44 ? 268 PHE A CA  1 
ATOM   640  C  C   . PHE A 1 83  ? 8.452   -8.633  -6.515  1.00 26.96 ? 268 PHE A C   1 
ATOM   641  O  O   . PHE A 1 83  ? 8.671   -8.298  -7.677  1.00 26.57 ? 268 PHE A O   1 
ATOM   642  C  CB  . PHE A 1 83  ? 6.809   -7.003  -5.557  1.00 25.59 ? 268 PHE A CB  1 
ATOM   643  C  CG  . PHE A 1 83  ? 6.466   -6.016  -4.476  1.00 25.06 ? 268 PHE A CG  1 
ATOM   644  C  CD1 . PHE A 1 83  ? 6.169   -6.449  -3.185  1.00 25.12 ? 268 PHE A CD1 1 
ATOM   645  C  CD2 . PHE A 1 83  ? 6.461   -4.650  -4.742  1.00 23.82 ? 268 PHE A CD2 1 
ATOM   646  C  CE1 . PHE A 1 83  ? 5.870   -5.537  -2.176  1.00 25.20 ? 268 PHE A CE1 1 
ATOM   647  C  CE2 . PHE A 1 83  ? 6.165   -3.729  -3.743  1.00 23.30 ? 268 PHE A CE2 1 
ATOM   648  C  CZ  . PHE A 1 83  ? 5.868   -4.172  -2.452  1.00 23.82 ? 268 PHE A CZ  1 
ATOM   649  N  N   . VAL A 1 84  ? 8.395   -9.906  -6.129  1.00 28.03 ? 269 VAL A N   1 
ATOM   650  C  CA  . VAL A 1 84  ? 8.624   -11.011 -7.064  1.00 28.42 ? 269 VAL A CA  1 
ATOM   651  C  C   . VAL A 1 84  ? 7.566   -12.109 -6.935  1.00 28.14 ? 269 VAL A C   1 
ATOM   652  O  O   . VAL A 1 84  ? 7.202   -12.511 -5.828  1.00 25.70 ? 269 VAL A O   1 
ATOM   653  C  CB  . VAL A 1 84  ? 10.017  -11.654 -6.829  1.00 29.80 ? 269 VAL A CB  1 
ATOM   654  C  CG1 . VAL A 1 84  ? 10.248  -12.800 -7.816  1.00 31.04 ? 269 VAL A CG1 1 
ATOM   655  C  CG2 . VAL A 1 84  ? 11.114  -10.601 -6.975  1.00 31.48 ? 269 VAL A CG2 1 
ATOM   656  N  N   . ARG A 1 85  ? 7.078   -12.595 -8.070  1.00 27.46 ? 270 ARG A N   1 
ATOM   657  C  CA  . ARG A 1 85  ? 6.077   -13.653 -8.061  1.00 28.26 ? 270 ARG A CA  1 
ATOM   658  C  C   . ARG A 1 85  ? 6.543   -14.844 -7.229  1.00 26.87 ? 270 ARG A C   1 
ATOM   659  O  O   . ARG A 1 85  ? 7.697   -15.266 -7.324  1.00 25.66 ? 270 ARG A O   1 
ATOM   660  C  CB  . ARG A 1 85  ? 5.776   -14.109 -9.491  1.00 28.75 ? 270 ARG A CB  1 
ATOM   661  C  CG  . ARG A 1 85  ? 4.863   -13.170 -10.256 1.00 30.97 ? 270 ARG A CG  1 
ATOM   662  C  CD  . ARG A 1 85  ? 4.840   -13.506 -11.734 1.00 31.35 ? 270 ARG A CD  1 
ATOM   663  N  NE  . ARG A 1 85  ? 3.818   -12.748 -12.446 1.00 33.64 ? 270 ARG A NE  1 
ATOM   664  C  CZ  . ARG A 1 85  ? 3.760   -12.636 -13.768 1.00 35.84 ? 270 ARG A CZ  1 
ATOM   665  N  NH1 . ARG A 1 85  ? 4.673   -13.233 -14.523 1.00 35.17 ? 270 ARG A NH1 1 
ATOM   666  N  NH2 . ARG A 1 85  ? 2.791   -11.932 -14.337 1.00 34.01 ? 270 ARG A NH2 1 
ATOM   667  N  N   . GLY A 1 86  ? 5.641   -15.366 -6.400  1.00 27.28 ? 271 GLY A N   1 
ATOM   668  C  CA  . GLY A 1 86  ? 5.955   -16.515 -5.569  1.00 27.34 ? 271 GLY A CA  1 
ATOM   669  C  C   . GLY A 1 86  ? 6.903   -16.234 -4.420  1.00 28.94 ? 271 GLY A C   1 
ATOM   670  O  O   . GLY A 1 86  ? 7.347   -17.158 -3.733  1.00 30.24 ? 271 GLY A O   1 
ATOM   671  N  N   . GLN A 1 87  ? 7.205   -14.961 -4.193  1.00 27.09 ? 272 GLN A N   1 
ATOM   672  C  CA  . GLN A 1 87  ? 8.130   -14.583 -3.132  1.00 28.32 ? 272 GLN A CA  1 
ATOM   673  C  C   . GLN A 1 87  ? 7.471   -13.815 -1.983  1.00 27.73 ? 272 GLN A C   1 
ATOM   674  O  O   . GLN A 1 87  ? 6.653   -12.921 -2.203  1.00 25.64 ? 272 GLN A O   1 
ATOM   675  C  CB  . GLN A 1 87  ? 9.263   -13.750 -3.736  1.00 30.38 ? 272 GLN A CB  1 
ATOM   676  C  CG  . GLN A 1 87  ? 10.326  -13.288 -2.760  1.00 33.65 ? 272 GLN A CG  1 
ATOM   677  C  CD  . GLN A 1 87  ? 11.502  -12.653 -3.475  1.00 35.55 ? 272 GLN A CD  1 
ATOM   678  O  OE1 . GLN A 1 87  ? 12.182  -13.308 -4.265  1.00 38.31 ? 272 GLN A OE1 1 
ATOM   679  N  NE2 . GLN A 1 87  ? 11.744  -11.373 -3.211  1.00 34.95 ? 272 GLN A NE2 1 
ATOM   680  N  N   . SER A 1 88  ? 7.838   -14.173 -0.757  1.00 26.86 ? 273 SER A N   1 
ATOM   681  C  CA  . SER A 1 88  ? 7.303   -13.513 0.424   1.00 27.74 ? 273 SER A CA  1 
ATOM   682  C  C   . SER A 1 88  ? 7.816   -12.084 0.471   1.00 25.90 ? 273 SER A C   1 
ATOM   683  O  O   . SER A 1 88  ? 8.852   -11.771 -0.107  1.00 26.02 ? 273 SER A O   1 
ATOM   684  C  CB  . SER A 1 88  ? 7.729   -14.259 1.685   1.00 29.13 ? 273 SER A CB  1 
ATOM   685  O  OG  . SER A 1 88  ? 7.027   -15.485 1.783   1.00 35.85 ? 273 SER A OG  1 
ATOM   686  N  N   . PHE A 1 89  ? 7.092   -11.217 1.162   1.00 25.19 ? 274 PHE A N   1 
ATOM   687  C  CA  . PHE A 1 89  ? 7.500   -9.822  1.244   1.00 24.22 ? 274 PHE A CA  1 
ATOM   688  C  C   . PHE A 1 89  ? 6.904   -9.174  2.473   1.00 24.86 ? 274 PHE A C   1 
ATOM   689  O  O   . PHE A 1 89  ? 6.008   -9.720  3.116   1.00 22.82 ? 274 PHE A O   1 
ATOM   690  C  CB  . PHE A 1 89  ? 6.989   -9.068  0.019   1.00 24.48 ? 274 PHE A CB  1 
ATOM   691  C  CG  . PHE A 1 89  ? 5.492   -8.889  0.018   1.00 26.31 ? 274 PHE A CG  1 
ATOM   692  C  CD1 . PHE A 1 89  ? 4.899   -7.862  0.749   1.00 27.31 ? 274 PHE A CD1 1 
ATOM   693  C  CD2 . PHE A 1 89  ? 4.671   -9.805  -0.634  1.00 25.79 ? 274 PHE A CD2 1 
ATOM   694  C  CE1 . PHE A 1 89  ? 3.510   -7.751  0.837   1.00 29.41 ? 274 PHE A CE1 1 
ATOM   695  C  CE2 . PHE A 1 89  ? 3.278   -9.705  -0.554  1.00 28.13 ? 274 PHE A CE2 1 
ATOM   696  C  CZ  . PHE A 1 89  ? 2.696   -8.678  0.184   1.00 28.75 ? 274 PHE A CZ  1 
ATOM   697  N  N   . SER A 1 90  ? 7.398   -7.984  2.776   1.00 23.66 ? 275 SER A N   1 
ATOM   698  C  CA  . SER A 1 90  ? 6.878   -7.216  3.884   1.00 23.59 ? 275 SER A CA  1 
ATOM   699  C  C   . SER A 1 90  ? 6.847   -5.781  3.389   1.00 22.31 ? 275 SER A C   1 
ATOM   700  O  O   . SER A 1 90  ? 7.719   -5.363  2.625   1.00 22.63 ? 275 SER A O   1 
ATOM   701  C  CB  . SER A 1 90  ? 7.788   -7.325  5.108   1.00 24.22 ? 275 SER A CB  1 
ATOM   702  O  OG  . SER A 1 90  ? 9.007   -6.643  4.887   1.00 29.52 ? 275 SER A OG  1 
ATOM   703  N  N   . VAL A 1 91  ? 5.830   -5.034  3.792   1.00 19.92 ? 276 VAL A N   1 
ATOM   704  C  CA  . VAL A 1 91  ? 5.737   -3.640  3.398   1.00 20.59 ? 276 VAL A CA  1 
ATOM   705  C  C   . VAL A 1 91  ? 5.543   -2.830  4.669   1.00 21.45 ? 276 VAL A C   1 
ATOM   706  O  O   . VAL A 1 91  ? 4.744   -3.197  5.528   1.00 20.34 ? 276 VAL A O   1 
ATOM   707  C  CB  . VAL A 1 91  ? 4.539   -3.374  2.455   1.00 21.23 ? 276 VAL A CB  1 
ATOM   708  C  CG1 . VAL A 1 91  ? 4.395   -1.867  2.211   1.00 19.86 ? 276 VAL A CG1 1 
ATOM   709  C  CG2 . VAL A 1 91  ? 4.738   -4.104  1.129   1.00 20.86 ? 276 VAL A CG2 1 
ATOM   710  N  N   . TRP A 1 92  ? 6.300   -1.750  4.797   1.00 21.13 ? 277 TRP A N   1 
ATOM   711  C  CA  . TRP A 1 92  ? 6.183   -0.883  5.956   1.00 22.02 ? 277 TRP A CA  1 
ATOM   712  C  C   . TRP A 1 92  ? 5.804   0.493   5.440   1.00 20.90 ? 277 TRP A C   1 
ATOM   713  O  O   . TRP A 1 92  ? 6.529   1.080   4.635   1.00 21.48 ? 277 TRP A O   1 
ATOM   714  C  CB  . TRP A 1 92  ? 7.510   -0.772  6.717   1.00 24.96 ? 277 TRP A CB  1 
ATOM   715  C  CG  . TRP A 1 92  ? 8.091   -2.067  7.215   1.00 28.36 ? 277 TRP A CG  1 
ATOM   716  C  CD1 . TRP A 1 92  ? 7.431   -3.251  7.426   1.00 28.41 ? 277 TRP A CD1 1 
ATOM   717  C  CD2 . TRP A 1 92  ? 9.450   -2.289  7.617   1.00 29.32 ? 277 TRP A CD2 1 
ATOM   718  N  NE1 . TRP A 1 92  ? 8.297   -4.189  7.934   1.00 28.51 ? 277 TRP A NE1 1 
ATOM   719  C  CE2 . TRP A 1 92  ? 9.540   -3.627  8.061   1.00 29.42 ? 277 TRP A CE2 1 
ATOM   720  C  CE3 . TRP A 1 92  ? 10.600  -1.484  7.646   1.00 30.06 ? 277 TRP A CE3 1 
ATOM   721  C  CZ2 . TRP A 1 92  ? 10.739  -4.180  8.531   1.00 30.75 ? 277 TRP A CZ2 1 
ATOM   722  C  CZ3 . TRP A 1 92  ? 11.789  -2.033  8.114   1.00 29.62 ? 277 TRP A CZ3 1 
ATOM   723  C  CH2 . TRP A 1 92  ? 11.847  -3.371  8.551   1.00 30.51 ? 277 TRP A CH2 1 
ATOM   724  N  N   . ILE A 1 93  ? 4.662   0.995   5.888   1.00 20.12 ? 278 ILE A N   1 
ATOM   725  C  CA  . ILE A 1 93  ? 4.208   2.316   5.487   1.00 22.89 ? 278 ILE A CA  1 
ATOM   726  C  C   . ILE A 1 93  ? 4.319   3.188   6.727   1.00 24.05 ? 278 ILE A C   1 
ATOM   727  O  O   . ILE A 1 93  ? 3.668   2.917   7.736   1.00 23.30 ? 278 ILE A O   1 
ATOM   728  C  CB  . ILE A 1 93  ? 2.735   2.316   5.045   1.00 23.28 ? 278 ILE A CB  1 
ATOM   729  C  CG1 . ILE A 1 93  ? 2.506   1.263   3.959   1.00 24.51 ? 278 ILE A CG1 1 
ATOM   730  C  CG2 . ILE A 1 93  ? 2.352   3.709   4.547   1.00 23.55 ? 278 ILE A CG2 1 
ATOM   731  C  CD1 . ILE A 1 93  ? 3.357   1.457   2.730   1.00 33.69 ? 278 ILE A CD1 1 
ATOM   732  N  N   . LEU A 1 94  ? 5.157   4.216   6.654   1.00 23.43 ? 279 LEU A N   1 
ATOM   733  C  CA  . LEU A 1 94  ? 5.345   5.129   7.777   1.00 23.80 ? 279 LEU A CA  1 
ATOM   734  C  C   . LEU A 1 94  ? 4.775   6.481   7.402   1.00 24.00 ? 279 LEU A C   1 
ATOM   735  O  O   . LEU A 1 94  ? 5.152   7.057   6.381   1.00 24.50 ? 279 LEU A O   1 
ATOM   736  C  CB  . LEU A 1 94  ? 6.835   5.279   8.101   1.00 24.57 ? 279 LEU A CB  1 
ATOM   737  C  CG  . LEU A 1 94  ? 7.226   6.341   9.137   1.00 24.83 ? 279 LEU A CG  1 
ATOM   738  C  CD1 . LEU A 1 94  ? 6.585   6.022   10.484  1.00 23.83 ? 279 LEU A CD1 1 
ATOM   739  C  CD2 . LEU A 1 94  ? 8.744   6.378   9.268   1.00 28.55 ? 279 LEU A CD2 1 
ATOM   740  N  N   . CYS A 1 95  ? 3.863   6.990   8.219   1.00 24.52 ? 280 CYS A N   1 
ATOM   741  C  CA  . CYS A 1 95  ? 3.271   8.283   7.938   1.00 25.48 ? 280 CYS A CA  1 
ATOM   742  C  C   . CYS A 1 95  ? 4.039   9.402   8.624   1.00 27.53 ? 280 CYS A C   1 
ATOM   743  O  O   . CYS A 1 95  ? 4.300   9.343   9.827   1.00 24.88 ? 280 CYS A O   1 
ATOM   744  C  CB  . CYS A 1 95  ? 1.811   8.318   8.397   1.00 26.41 ? 280 CYS A CB  1 
ATOM   745  S  SG  . CYS A 1 95  ? 0.950   9.865   8.018   1.00 30.04 ? 280 CYS A SG  1 
ATOM   746  N  N   . GLU A 1 96  ? 4.419   10.408  7.844   1.00 27.82 ? 281 GLU A N   1 
ATOM   747  C  CA  . GLU A 1 96  ? 5.111   11.573  8.381   1.00 31.47 ? 281 GLU A CA  1 
ATOM   748  C  C   . GLU A 1 96  ? 4.151   12.740  8.192   1.00 31.23 ? 281 GLU A C   1 
ATOM   749  O  O   . GLU A 1 96  ? 3.051   12.560  7.670   1.00 28.02 ? 281 GLU A O   1 
ATOM   750  C  CB  . GLU A 1 96  ? 6.425   11.834  7.638   1.00 33.29 ? 281 GLU A CB  1 
ATOM   751  C  CG  . GLU A 1 96  ? 7.539   10.867  7.995   1.00 38.74 ? 281 GLU A CG  1 
ATOM   752  C  CD  . GLU A 1 96  ? 7.751   10.750  9.499   1.00 44.75 ? 281 GLU A CD  1 
ATOM   753  O  OE1 . GLU A 1 96  ? 7.796   11.794  10.183  1.00 46.87 ? 281 GLU A OE1 1 
ATOM   754  O  OE2 . GLU A 1 96  ? 7.879   9.613   9.998   1.00 48.34 ? 281 GLU A OE2 1 
ATOM   755  N  N   . ALA A 1 97  ? 4.557   13.933  8.607   1.00 31.78 ? 282 ALA A N   1 
ATOM   756  C  CA  . ALA A 1 97  ? 3.684   15.092  8.477   1.00 31.64 ? 282 ALA A CA  1 
ATOM   757  C  C   . ALA A 1 97  ? 3.429   15.510  7.028   1.00 31.73 ? 282 ALA A C   1 
ATOM   758  O  O   . ALA A 1 97  ? 2.332   15.948  6.689   1.00 31.91 ? 282 ALA A O   1 
ATOM   759  C  CB  . ALA A 1 97  ? 4.264   16.271  9.262   1.00 34.53 ? 282 ALA A CB  1 
ATOM   760  N  N   . HIS A 1 98  ? 4.430   15.355  6.168   1.00 30.61 ? 283 HIS A N   1 
ATOM   761  C  CA  . HIS A 1 98  ? 4.285   15.771  4.779   1.00 31.44 ? 283 HIS A CA  1 
ATOM   762  C  C   . HIS A 1 98  ? 4.213   14.648  3.752   1.00 29.44 ? 283 HIS A C   1 
ATOM   763  O  O   . HIS A 1 98  ? 3.892   14.887  2.591   1.00 26.08 ? 283 HIS A O   1 
ATOM   764  C  CB  . HIS A 1 98  ? 5.432   16.715  4.412   1.00 34.45 ? 283 HIS A CB  1 
ATOM   765  C  CG  . HIS A 1 98  ? 5.594   17.860  5.364   1.00 39.12 ? 283 HIS A CG  1 
ATOM   766  N  ND1 . HIS A 1 98  ? 4.566   18.729  5.660   1.00 40.63 ? 283 HIS A ND1 1 
ATOM   767  C  CD2 . HIS A 1 98  ? 6.658   18.270  6.095   1.00 41.50 ? 283 HIS A CD2 1 
ATOM   768  C  CE1 . HIS A 1 98  ? 4.989   19.625  6.535   1.00 43.30 ? 283 HIS A CE1 1 
ATOM   769  N  NE2 . HIS A 1 98  ? 6.254   19.369  6.815   1.00 43.93 ? 283 HIS A NE2 1 
ATOM   770  N  N   . CYS A 1 99  ? 4.504   13.423  4.171   1.00 29.31 ? 284 CYS A N   1 
ATOM   771  C  CA  . CYS A 1 99  ? 4.479   12.317  3.228   1.00 29.42 ? 284 CYS A CA  1 
ATOM   772  C  C   . CYS A 1 99  ? 4.475   10.963  3.906   1.00 27.41 ? 284 CYS A C   1 
ATOM   773  O  O   . CYS A 1 99  ? 4.639   10.853  5.121   1.00 25.05 ? 284 CYS A O   1 
ATOM   774  C  CB  . CYS A 1 99  ? 5.709   12.376  2.317   1.00 30.67 ? 284 CYS A CB  1 
ATOM   775  S  SG  . CYS A 1 99  ? 7.268   11.919  3.158   1.00 38.12 ? 284 CYS A SG  1 
ATOM   776  N  N   . LEU A 1 100 ? 4.286   9.936   3.086   1.00 24.76 ? 285 LEU A N   1 
ATOM   777  C  CA  . LEU A 1 100 ? 4.309   8.559   3.539   1.00 24.66 ? 285 LEU A CA  1 
ATOM   778  C  C   . LEU A 1 100 ? 5.647   8.034   3.052   1.00 24.38 ? 285 LEU A C   1 
ATOM   779  O  O   . LEU A 1 100 ? 6.061   8.335   1.927   1.00 24.96 ? 285 LEU A O   1 
ATOM   780  C  CB  . LEU A 1 100 ? 3.205   7.738   2.867   1.00 24.72 ? 285 LEU A CB  1 
ATOM   781  C  CG  . LEU A 1 100 ? 1.740   8.096   3.099   1.00 26.81 ? 285 LEU A CG  1 
ATOM   782  C  CD1 . LEU A 1 100 ? 0.880   7.277   2.150   1.00 27.68 ? 285 LEU A CD1 1 
ATOM   783  C  CD2 . LEU A 1 100 ? 1.356   7.825   4.548   1.00 26.41 ? 285 LEU A CD2 1 
ATOM   784  N  N   . LYS A 1 101 ? 6.332   7.277   3.898   1.00 23.64 ? 286 LYS A N   1 
ATOM   785  C  CA  . LYS A 1 101 ? 7.598   6.674   3.512   1.00 23.81 ? 286 LYS A CA  1 
ATOM   786  C  C   . LYS A 1 101 ? 7.328   5.176   3.454   1.00 23.78 ? 286 LYS A C   1 
ATOM   787  O  O   . LYS A 1 101 ? 6.809   4.595   4.409   1.00 23.69 ? 286 LYS A O   1 
ATOM   788  C  CB  . LYS A 1 101 ? 8.694   6.992   4.532   1.00 23.48 ? 286 LYS A CB  1 
ATOM   789  C  CG  . LYS A 1 101 ? 9.128   8.456   4.514   1.00 28.04 ? 286 LYS A CG  1 
ATOM   790  C  CD  . LYS A 1 101 ? 10.345  8.709   5.401   1.00 31.77 ? 286 LYS A CD  1 
ATOM   791  C  CE  . LYS A 1 101 ? 10.800  10.164  5.295   1.00 33.78 ? 286 LYS A CE  1 
ATOM   792  N  NZ  . LYS A 1 101 ? 12.004  10.452  6.124   1.00 36.08 ? 286 LYS A NZ  1 
ATOM   793  N  N   . VAL A 1 102 ? 7.655   4.559   2.325   1.00 22.20 ? 287 VAL A N   1 
ATOM   794  C  CA  . VAL A 1 102 ? 7.409   3.138   2.151   1.00 20.06 ? 287 VAL A CA  1 
ATOM   795  C  C   . VAL A 1 102 ? 8.671   2.315   1.982   1.00 21.39 ? 287 VAL A C   1 
ATOM   796  O  O   . VAL A 1 102 ? 9.528   2.624   1.150   1.00 20.26 ? 287 VAL A O   1 
ATOM   797  C  CB  . VAL A 1 102 ? 6.502   2.875   0.923   1.00 19.87 ? 287 VAL A CB  1 
ATOM   798  C  CG1 . VAL A 1 102 ? 6.257   1.375   0.763   1.00 17.72 ? 287 VAL A CG1 1 
ATOM   799  C  CG2 . VAL A 1 102 ? 5.182   3.629   1.082   1.00 20.59 ? 287 VAL A CG2 1 
ATOM   800  N  N   . ALA A 1 103 ? 8.777   1.262   2.779   1.00 21.50 ? 288 ALA A N   1 
ATOM   801  C  CA  . ALA A 1 103 ? 9.911   0.357   2.696   1.00 21.02 ? 288 ALA A CA  1 
ATOM   802  C  C   . ALA A 1 103 ? 9.365   -1.012  2.299   1.00 20.57 ? 288 ALA A C   1 
ATOM   803  O  O   . ALA A 1 103 ? 8.219   -1.340  2.602   1.00 20.34 ? 288 ALA A O   1 
ATOM   804  C  CB  . ALA A 1 103 ? 10.616  0.266   4.042   1.00 22.36 ? 288 ALA A CB  1 
ATOM   805  N  N   . VAL A 1 104 ? 10.180  -1.795  1.604   1.00 19.74 ? 289 VAL A N   1 
ATOM   806  C  CA  . VAL A 1 104 ? 9.785   -3.137  1.197   1.00 22.59 ? 289 VAL A CA  1 
ATOM   807  C  C   . VAL A 1 104 ? 10.936  -4.044  1.598   1.00 24.06 ? 289 VAL A C   1 
ATOM   808  O  O   . VAL A 1 104 ? 12.098  -3.751  1.306   1.00 23.03 ? 289 VAL A O   1 
ATOM   809  C  CB  . VAL A 1 104 ? 9.555   -3.242  -0.332  1.00 21.90 ? 289 VAL A CB  1 
ATOM   810  C  CG1 . VAL A 1 104 ? 9.205   -4.687  -0.710  1.00 22.18 ? 289 VAL A CG1 1 
ATOM   811  C  CG2 . VAL A 1 104 ? 8.422   -2.298  -0.754  1.00 21.03 ? 289 VAL A CG2 1 
ATOM   812  N  N   . ASP A 1 105 ? 10.609  -5.134  2.280   1.00 24.99 ? 290 ASP A N   1 
ATOM   813  C  CA  . ASP A 1 105 ? 11.615  -6.079  2.742   1.00 26.32 ? 290 ASP A CA  1 
ATOM   814  C  C   . ASP A 1 105 ? 12.733  -5.394  3.526   1.00 27.62 ? 290 ASP A C   1 
ATOM   815  O  O   . ASP A 1 105 ? 13.913  -5.689  3.336   1.00 28.75 ? 290 ASP A O   1 
ATOM   816  C  CB  . ASP A 1 105 ? 12.197  -6.863  1.560   1.00 26.64 ? 290 ASP A CB  1 
ATOM   817  C  CG  . ASP A 1 105 ? 11.171  -7.780  0.913   1.00 27.99 ? 290 ASP A CG  1 
ATOM   818  O  OD1 . ASP A 1 105 ? 10.209  -8.179  1.603   1.00 28.45 ? 290 ASP A OD1 1 
ATOM   819  O  OD2 . ASP A 1 105 ? 11.330  -8.115  -0.279  1.00 30.90 ? 290 ASP A OD2 1 
ATOM   820  N  N   . GLY A 1 106 ? 12.345  -4.467  4.400   1.00 28.94 ? 291 GLY A N   1 
ATOM   821  C  CA  . GLY A 1 106 ? 13.299  -3.765  5.241   1.00 28.56 ? 291 GLY A CA  1 
ATOM   822  C  C   . GLY A 1 106 ? 14.105  -2.625  4.647   1.00 30.53 ? 291 GLY A C   1 
ATOM   823  O  O   . GLY A 1 106 ? 14.918  -2.017  5.348   1.00 31.13 ? 291 GLY A O   1 
ATOM   824  N  N   . GLN A 1 107 ? 13.898  -2.319  3.373   1.00 28.91 ? 292 GLN A N   1 
ATOM   825  C  CA  . GLN A 1 107 ? 14.653  -1.241  2.745   1.00 28.82 ? 292 GLN A CA  1 
ATOM   826  C  C   . GLN A 1 107 ? 13.755  -0.168  2.140   1.00 27.04 ? 292 GLN A C   1 
ATOM   827  O  O   . GLN A 1 107 ? 12.843  -0.465  1.369   1.00 27.05 ? 292 GLN A O   1 
ATOM   828  C  CB  . GLN A 1 107 ? 15.591  -1.815  1.675   1.00 29.56 ? 292 GLN A CB  1 
ATOM   829  C  CG  . GLN A 1 107 ? 16.352  -0.767  0.880   1.00 32.45 ? 292 GLN A CG  1 
ATOM   830  C  CD  . GLN A 1 107 ? 17.394  -1.377  -0.046  1.00 34.10 ? 292 GLN A CD  1 
ATOM   831  O  OE1 . GLN A 1 107 ? 17.213  -2.480  -0.565  1.00 36.28 ? 292 GLN A OE1 1 
ATOM   832  N  NE2 . GLN A 1 107 ? 18.486  -0.654  -0.266  1.00 35.96 ? 292 GLN A NE2 1 
ATOM   833  N  N   . HIS A 1 108 ? 14.018  1.081   2.505   1.00 26.19 ? 293 HIS A N   1 
ATOM   834  C  CA  . HIS A 1 108 ? 13.237  2.206   2.000   1.00 25.79 ? 293 HIS A CA  1 
ATOM   835  C  C   . HIS A 1 108 ? 13.131  2.137   0.481   1.00 25.02 ? 293 HIS A C   1 
ATOM   836  O  O   . HIS A 1 108 ? 14.112  1.858   -0.206  1.00 25.92 ? 293 HIS A O   1 
ATOM   837  C  CB  . HIS A 1 108 ? 13.889  3.530   2.400   1.00 25.96 ? 293 HIS A CB  1 
ATOM   838  C  CG  . HIS A 1 108 ? 13.159  4.732   1.893   1.00 27.36 ? 293 HIS A CG  1 
ATOM   839  N  ND1 . HIS A 1 108 ? 11.960  5.153   2.427   1.00 28.28 ? 293 HIS A ND1 1 
ATOM   840  C  CD2 . HIS A 1 108 ? 13.439  5.583   0.876   1.00 27.77 ? 293 HIS A CD2 1 
ATOM   841  C  CE1 . HIS A 1 108 ? 11.531  6.212   1.763   1.00 29.06 ? 293 HIS A CE1 1 
ATOM   842  N  NE2 . HIS A 1 108 ? 12.410  6.492   0.816   1.00 30.16 ? 293 HIS A NE2 1 
ATOM   843  N  N   . LEU A 1 109 ? 11.940  2.387   -0.048  1.00 23.94 ? 294 LEU A N   1 
ATOM   844  C  CA  . LEU A 1 109 ? 11.759  2.341   -1.490  1.00 24.98 ? 294 LEU A CA  1 
ATOM   845  C  C   . LEU A 1 109 ? 11.377  3.692   -2.090  1.00 24.55 ? 294 LEU A C   1 
ATOM   846  O  O   . LEU A 1 109 ? 11.935  4.100   -3.106  1.00 24.40 ? 294 LEU A O   1 
ATOM   847  C  CB  . LEU A 1 109 ? 10.702  1.305   -1.863  1.00 24.90 ? 294 LEU A CB  1 
ATOM   848  C  CG  . LEU A 1 109 ? 10.530  1.064   -3.367  1.00 26.19 ? 294 LEU A CG  1 
ATOM   849  C  CD1 . LEU A 1 109 ? 11.841  0.526   -3.953  1.00 28.22 ? 294 LEU A CD1 1 
ATOM   850  C  CD2 . LEU A 1 109 ? 9.394   0.072   -3.603  1.00 25.11 ? 294 LEU A CD2 1 
ATOM   851  N  N   . PHE A 1 110 ? 10.427  4.386   -1.471  1.00 23.63 ? 295 PHE A N   1 
ATOM   852  C  CA  . PHE A 1 110 ? 10.005  5.677   -1.997  1.00 24.31 ? 295 PHE A CA  1 
ATOM   853  C  C   . PHE A 1 110 ? 9.210   6.486   -0.989  1.00 25.77 ? 295 PHE A C   1 
ATOM   854  O  O   . PHE A 1 110 ? 8.833   5.987   0.075   1.00 24.73 ? 295 PHE A O   1 
ATOM   855  C  CB  . PHE A 1 110 ? 9.154   5.467   -3.258  1.00 25.78 ? 295 PHE A CB  1 
ATOM   856  C  CG  . PHE A 1 110 ? 7.856   4.729   -3.005  1.00 24.66 ? 295 PHE A CG  1 
ATOM   857  C  CD1 . PHE A 1 110 ? 6.758   5.387   -2.448  1.00 23.46 ? 295 PHE A CD1 1 
ATOM   858  C  CD2 . PHE A 1 110 ? 7.739   3.374   -3.304  1.00 23.64 ? 295 PHE A CD2 1 
ATOM   859  C  CE1 . PHE A 1 110 ? 5.560   4.703   -2.190  1.00 22.13 ? 295 PHE A CE1 1 
ATOM   860  C  CE2 . PHE A 1 110 ? 6.547   2.682   -3.049  1.00 21.96 ? 295 PHE A CE2 1 
ATOM   861  C  CZ  . PHE A 1 110 ? 5.455   3.351   -2.491  1.00 21.83 ? 295 PHE A CZ  1 
ATOM   862  N  N   . GLU A 1 111 ? 8.970   7.747   -1.332  1.00 25.40 ? 296 GLU A N   1 
ATOM   863  C  CA  . GLU A 1 111 ? 8.169   8.631   -0.500  1.00 25.99 ? 296 GLU A CA  1 
ATOM   864  C  C   . GLU A 1 111 ? 6.977   9.039   -1.353  1.00 23.68 ? 296 GLU A C   1 
ATOM   865  O  O   . GLU A 1 111 ? 7.071   9.080   -2.578  1.00 23.78 ? 296 GLU A O   1 
ATOM   866  C  CB  . GLU A 1 111 ? 8.947   9.886   -0.103  1.00 30.10 ? 296 GLU A CB  1 
ATOM   867  C  CG  . GLU A 1 111 ? 10.213  9.627   0.691   1.00 37.21 ? 296 GLU A CG  1 
ATOM   868  C  CD  . GLU A 1 111 ? 10.927  10.914  1.053   1.00 43.52 ? 296 GLU A CD  1 
ATOM   869  O  OE1 . GLU A 1 111 ? 11.228  11.703  0.129   1.00 47.09 ? 296 GLU A OE1 1 
ATOM   870  O  OE2 . GLU A 1 111 ? 11.188  11.139  2.255   1.00 45.91 ? 296 GLU A OE2 1 
ATOM   871  N  N   . TYR A 1 112 ? 5.859   9.331   -0.705  1.00 22.18 ? 297 TYR A N   1 
ATOM   872  C  CA  . TYR A 1 112 ? 4.657   9.756   -1.403  1.00 21.86 ? 297 TYR A CA  1 
ATOM   873  C  C   . TYR A 1 112 ? 4.122   10.962  -0.642  1.00 21.02 ? 297 TYR A C   1 
ATOM   874  O  O   . TYR A 1 112 ? 3.644   10.829  0.489   1.00 19.54 ? 297 TYR A O   1 
ATOM   875  C  CB  . TYR A 1 112 ? 3.605   8.642   -1.397  1.00 20.48 ? 297 TYR A CB  1 
ATOM   876  C  CG  . TYR A 1 112 ? 2.391   8.914   -2.270  1.00 20.58 ? 297 TYR A CG  1 
ATOM   877  C  CD1 . TYR A 1 112 ? 2.410   8.635   -3.637  1.00 19.92 ? 297 TYR A CD1 1 
ATOM   878  C  CD2 . TYR A 1 112 ? 1.217   9.430   -1.723  1.00 21.94 ? 297 TYR A CD2 1 
ATOM   879  C  CE1 . TYR A 1 112 ? 1.287   8.857   -4.437  1.00 20.89 ? 297 TYR A CE1 1 
ATOM   880  C  CE2 . TYR A 1 112 ? 0.085   9.659   -2.516  1.00 20.26 ? 297 TYR A CE2 1 
ATOM   881  C  CZ  . TYR A 1 112 ? 0.127   9.368   -3.870  1.00 21.54 ? 297 TYR A CZ  1 
ATOM   882  O  OH  . TYR A 1 112 ? -0.992  9.582   -4.652  1.00 20.87 ? 297 TYR A OH  1 
ATOM   883  N  N   . TYR A 1 113 ? 4.216   12.138  -1.251  1.00 22.10 ? 298 TYR A N   1 
ATOM   884  C  CA  . TYR A 1 113 ? 3.718   13.349  -0.608  1.00 25.31 ? 298 TYR A CA  1 
ATOM   885  C  C   . TYR A 1 113 ? 2.206   13.261  -0.446  1.00 23.83 ? 298 TYR A C   1 
ATOM   886  O  O   . TYR A 1 113 ? 1.499   12.866  -1.372  1.00 24.80 ? 298 TYR A O   1 
ATOM   887  C  CB  . TYR A 1 113 ? 4.097   14.578  -1.437  1.00 28.04 ? 298 TYR A CB  1 
ATOM   888  C  CG  . TYR A 1 113 ? 5.526   15.011  -1.220  1.00 32.81 ? 298 TYR A CG  1 
ATOM   889  C  CD1 . TYR A 1 113 ? 5.895   15.692  -0.063  1.00 35.00 ? 298 TYR A CD1 1 
ATOM   890  C  CD2 . TYR A 1 113 ? 6.521   14.703  -2.150  1.00 36.23 ? 298 TYR A CD2 1 
ATOM   891  C  CE1 . TYR A 1 113 ? 7.218   16.056  0.170   1.00 39.70 ? 298 TYR A CE1 1 
ATOM   892  C  CE2 . TYR A 1 113 ? 7.850   15.062  -1.928  1.00 39.35 ? 298 TYR A CE2 1 
ATOM   893  C  CZ  . TYR A 1 113 ? 8.189   15.738  -0.763  1.00 40.68 ? 298 TYR A CZ  1 
ATOM   894  O  OH  . TYR A 1 113 ? 9.500   16.085  -0.519  1.00 44.41 ? 298 TYR A OH  1 
ATOM   895  N  N   . HIS A 1 114 ? 1.715   13.609  0.741   1.00 23.68 ? 299 HIS A N   1 
ATOM   896  C  CA  . HIS A 1 114 ? 0.284   13.561  1.011   1.00 24.29 ? 299 HIS A CA  1 
ATOM   897  C  C   . HIS A 1 114 ? -0.493  14.397  -0.001  1.00 25.41 ? 299 HIS A C   1 
ATOM   898  O  O   . HIS A 1 114 ? -0.095  15.521  -0.324  1.00 25.57 ? 299 HIS A O   1 
ATOM   899  C  CB  . HIS A 1 114 ? -0.028  14.097  2.418   1.00 24.69 ? 299 HIS A CB  1 
ATOM   900  C  CG  . HIS A 1 114 ? 0.551   13.279  3.531   1.00 25.74 ? 299 HIS A CG  1 
ATOM   901  N  ND1 . HIS A 1 114 ? 0.371   11.916  3.626   1.00 23.04 ? 299 HIS A ND1 1 
ATOM   902  C  CD2 . HIS A 1 114 ? 1.283   13.639  4.612   1.00 23.68 ? 299 HIS A CD2 1 
ATOM   903  C  CE1 . HIS A 1 114 ? 0.968   11.471  4.718   1.00 24.55 ? 299 HIS A CE1 1 
ATOM   904  N  NE2 . HIS A 1 114 ? 1.529   12.496  5.334   1.00 25.03 ? 299 HIS A NE2 1 
ATOM   905  N  N   . ARG A 1 115 ? -1.591  13.845  -0.509  1.00 22.89 ? 300 ARG A N   1 
ATOM   906  C  CA  . ARG A 1 115 ? -2.444  14.573  -1.441  1.00 25.24 ? 300 ARG A CA  1 
ATOM   907  C  C   . ARG A 1 115 ? -3.713  14.866  -0.652  1.00 26.07 ? 300 ARG A C   1 
ATOM   908  O  O   . ARG A 1 115 ? -4.331  15.913  -0.812  1.00 27.56 ? 300 ARG A O   1 
ATOM   909  C  CB  . ARG A 1 115 ? -2.732  13.740  -2.694  1.00 23.92 ? 300 ARG A CB  1 
ATOM   910  C  CG  . ARG A 1 115 ? -1.481  13.456  -3.520  1.00 23.77 ? 300 ARG A CG  1 
ATOM   911  C  CD  . ARG A 1 115 ? -1.828  12.920  -4.900  1.00 24.46 ? 300 ARG A CD  1 
ATOM   912  N  NE  . ARG A 1 115 ? -0.665  12.333  -5.560  1.00 22.84 ? 300 ARG A NE  1 
ATOM   913  C  CZ  . ARG A 1 115 ? -0.716  11.685  -6.720  1.00 23.80 ? 300 ARG A CZ  1 
ATOM   914  N  NH1 . ARG A 1 115 ? -1.874  11.551  -7.356  1.00 21.28 ? 300 ARG A NH1 1 
ATOM   915  N  NH2 . ARG A 1 115 ? 0.385   11.143  -7.226  1.00 20.22 ? 300 ARG A NH2 1 
ATOM   916  N  N   . LEU A 1 116 ? -4.080  13.926  0.216   1.00 27.23 ? 301 LEU A N   1 
ATOM   917  C  CA  . LEU A 1 116 ? -5.224  14.076  1.111   1.00 30.00 ? 301 LEU A CA  1 
ATOM   918  C  C   . LEU A 1 116 ? -4.502  14.348  2.426   1.00 30.49 ? 301 LEU A C   1 
ATOM   919  O  O   . LEU A 1 116 ? -3.911  13.443  3.017   1.00 30.30 ? 301 LEU A O   1 
ATOM   920  C  CB  . LEU A 1 116 ? -6.020  12.773  1.196   1.00 32.33 ? 301 LEU A CB  1 
ATOM   921  C  CG  . LEU A 1 116 ? -7.503  12.857  0.834   1.00 33.56 ? 301 LEU A CG  1 
ATOM   922  C  CD1 . LEU A 1 116 ? -7.682  13.582  -0.490  1.00 34.18 ? 301 LEU A CD1 1 
ATOM   923  C  CD2 . LEU A 1 116 ? -8.080  11.457  0.756   1.00 33.43 ? 301 LEU A CD2 1 
ATOM   924  N  N   . ARG A 1 117 ? -4.544  15.596  2.877   1.00 30.59 ? 302 ARG A N   1 
ATOM   925  C  CA  . ARG A 1 117 ? -3.821  15.991  4.079   1.00 33.24 ? 302 ARG A CA  1 
ATOM   926  C  C   . ARG A 1 117 ? -4.491  15.868  5.447   1.00 32.83 ? 302 ARG A C   1 
ATOM   927  O  O   . ARG A 1 117 ? -3.821  15.998  6.471   1.00 33.02 ? 302 ARG A O   1 
ATOM   928  C  CB  . ARG A 1 117 ? -3.299  17.414  3.883   1.00 36.18 ? 302 ARG A CB  1 
ATOM   929  C  CG  . ARG A 1 117 ? -2.423  17.562  2.645   1.00 37.44 ? 302 ARG A CG  1 
ATOM   930  C  CD  . ARG A 1 117 ? -1.995  18.999  2.460   1.00 42.62 ? 302 ARG A CD  1 
ATOM   931  N  NE  . ARG A 1 117 ? -1.163  19.458  3.568   1.00 46.17 ? 302 ARG A NE  1 
ATOM   932  C  CZ  . ARG A 1 117 ? -0.934  20.736  3.853   1.00 46.72 ? 302 ARG A CZ  1 
ATOM   933  N  NH1 . ARG A 1 117 ? -0.159  21.058  4.879   1.00 46.45 ? 302 ARG A NH1 1 
ATOM   934  N  NH2 . ARG A 1 117 ? -1.493  21.691  3.120   1.00 48.56 ? 302 ARG A NH2 1 
ATOM   935  N  N   . ASN A 1 118 ? -5.795  15.625  5.482   1.00 32.55 ? 303 ASN A N   1 
ATOM   936  C  CA  . ASN A 1 118 ? -6.469  15.481  6.769   1.00 33.77 ? 303 ASN A CA  1 
ATOM   937  C  C   . ASN A 1 118 ? -6.199  14.051  7.244   1.00 32.87 ? 303 ASN A C   1 
ATOM   938  O  O   . ASN A 1 118 ? -7.072  13.186  7.187   1.00 32.88 ? 303 ASN A O   1 
ATOM   939  C  CB  . ASN A 1 118 ? -7.971  15.713  6.617   1.00 34.91 ? 303 ASN A CB  1 
ATOM   940  C  CG  . ASN A 1 118 ? -8.632  16.079  7.928   1.00 37.62 ? 303 ASN A CG  1 
ATOM   941  O  OD1 . ASN A 1 118 ? -8.168  15.684  8.997   1.00 39.58 ? 303 ASN A OD1 1 
ATOM   942  N  ND2 . ASN A 1 118 ? -9.726  16.830  7.856   1.00 39.29 ? 303 ASN A ND2 1 
ATOM   943  N  N   . LEU A 1 119 ? -4.977  13.822  7.716   1.00 32.54 ? 304 LEU A N   1 
ATOM   944  C  CA  . LEU A 1 119 ? -4.524  12.504  8.155   1.00 32.99 ? 304 LEU A CA  1 
ATOM   945  C  C   . LEU A 1 119 ? -5.472  11.663  9.010   1.00 33.73 ? 304 LEU A C   1 
ATOM   946  O  O   . LEU A 1 119 ? -5.641  10.469  8.755   1.00 33.85 ? 304 LEU A O   1 
ATOM   947  C  CB  . LEU A 1 119 ? -3.165  12.637  8.850   1.00 32.30 ? 304 LEU A CB  1 
ATOM   948  C  CG  . LEU A 1 119 ? -2.076  13.314  7.999   1.00 33.15 ? 304 LEU A CG  1 
ATOM   949  C  CD1 . LEU A 1 119 ? -0.727  13.182  8.687   1.00 30.57 ? 304 LEU A CD1 1 
ATOM   950  C  CD2 . LEU A 1 119 ? -2.016  12.677  6.614   1.00 34.97 ? 304 LEU A CD2 1 
ATOM   951  N  N   . PRO A 1 120 ? -6.099  12.262  10.035  1.00 33.77 ? 305 PRO A N   1 
ATOM   952  C  CA  . PRO A 1 120 ? -7.017  11.482  10.871  1.00 34.28 ? 305 PRO A CA  1 
ATOM   953  C  C   . PRO A 1 120 ? -8.199  10.874  10.112  1.00 33.57 ? 305 PRO A C   1 
ATOM   954  O  O   . PRO A 1 120 ? -8.769  9.876   10.549  1.00 33.66 ? 305 PRO A O   1 
ATOM   955  C  CB  . PRO A 1 120 ? -7.465  12.493  11.926  1.00 35.25 ? 305 PRO A CB  1 
ATOM   956  C  CG  . PRO A 1 120 ? -6.242  13.354  12.085  1.00 36.69 ? 305 PRO A CG  1 
ATOM   957  C  CD  . PRO A 1 120 ? -5.821  13.575  10.646  1.00 35.43 ? 305 PRO A CD  1 
ATOM   958  N  N   . THR A 1 121 ? -8.565  11.469  8.981   1.00 32.31 ? 306 THR A N   1 
ATOM   959  C  CA  . THR A 1 121 ? -9.689  10.958  8.201   1.00 31.57 ? 306 THR A CA  1 
ATOM   960  C  C   . THR A 1 121 ? -9.321  9.751   7.345   1.00 29.92 ? 306 THR A C   1 
ATOM   961  O  O   . THR A 1 121 ? -10.197 9.131   6.742   1.00 29.75 ? 306 THR A O   1 
ATOM   962  C  CB  . THR A 1 121 ? -10.282 12.040  7.276   1.00 33.27 ? 306 THR A CB  1 
ATOM   963  O  OG1 . THR A 1 121 ? -9.284  12.471  6.344   1.00 33.44 ? 306 THR A OG1 1 
ATOM   964  C  CG2 . THR A 1 121 ? -10.769 13.234  8.098   1.00 31.81 ? 306 THR A CG2 1 
ATOM   965  N  N   . ILE A 1 122 ? -8.031  9.432   7.273   1.00 27.54 ? 307 ILE A N   1 
ATOM   966  C  CA  . ILE A 1 122 ? -7.582  8.270   6.504   1.00 26.77 ? 307 ILE A CA  1 
ATOM   967  C  C   . ILE A 1 122 ? -7.651  7.125   7.503   1.00 26.85 ? 307 ILE A C   1 
ATOM   968  O  O   . ILE A 1 122 ? -6.661  6.784   8.153   1.00 25.55 ? 307 ILE A O   1 
ATOM   969  C  CB  . ILE A 1 122 ? -6.132  8.429   6.011   1.00 28.08 ? 307 ILE A CB  1 
ATOM   970  C  CG1 . ILE A 1 122 ? -5.946  9.801   5.351   1.00 28.64 ? 307 ILE A CG1 1 
ATOM   971  C  CG2 . ILE A 1 122 ? -5.792  7.311   5.028   1.00 25.64 ? 307 ILE A CG2 1 
ATOM   972  C  CD1 . ILE A 1 122 ? -6.922  10.094  4.244   1.00 34.49 ? 307 ILE A CD1 1 
ATOM   973  N  N   . ASN A 1 123 ? -8.833  6.537   7.626   1.00 27.47 ? 308 ASN A N   1 
ATOM   974  C  CA  . ASN A 1 123 ? -9.039  5.486   8.604   1.00 30.32 ? 308 ASN A CA  1 
ATOM   975  C  C   . ASN A 1 123 ? -9.511  4.136   8.090   1.00 29.48 ? 308 ASN A C   1 
ATOM   976  O  O   . ASN A 1 123 ? -10.199 3.407   8.812   1.00 29.55 ? 308 ASN A O   1 
ATOM   977  C  CB  . ASN A 1 123 ? -10.021 5.979   9.668   1.00 32.65 ? 308 ASN A CB  1 
ATOM   978  C  CG  . ASN A 1 123 ? -11.298 6.521   9.068   1.00 36.50 ? 308 ASN A CG  1 
ATOM   979  O  OD1 . ASN A 1 123 ? -11.751 6.060   8.018   1.00 35.08 ? 308 ASN A OD1 1 
ATOM   980  N  ND2 . ASN A 1 123 ? -11.899 7.502   9.738   1.00 40.08 ? 308 ASN A ND2 1 
ATOM   981  N  N   . ARG A 1 124 ? -9.157  3.791   6.857   1.00 27.13 ? 309 ARG A N   1 
ATOM   982  C  CA  . ARG A 1 124 ? -9.552  2.496   6.323   1.00 26.44 ? 309 ARG A CA  1 
ATOM   983  C  C   . ARG A 1 124 ? -8.451  1.907   5.446   1.00 24.92 ? 309 ARG A C   1 
ATOM   984  O  O   . ARG A 1 124 ? -7.884  2.588   4.596   1.00 25.16 ? 309 ARG A O   1 
ATOM   985  C  CB  . ARG A 1 124 ? -10.858 2.601   5.526   1.00 26.91 ? 309 ARG A CB  1 
ATOM   986  C  CG  . ARG A 1 124 ? -11.481 1.236   5.210   1.00 30.82 ? 309 ARG A CG  1 
ATOM   987  C  CD  . ARG A 1 124 ? -12.872 1.335   4.560   1.00 32.09 ? 309 ARG A CD  1 
ATOM   988  N  NE  . ARG A 1 124 ? -12.814 1.727   3.152   1.00 35.58 ? 309 ARG A NE  1 
ATOM   989  C  CZ  . ARG A 1 124 ? -13.083 2.947   2.691   1.00 36.60 ? 309 ARG A CZ  1 
ATOM   990  N  NH1 . ARG A 1 124 ? -13.440 3.920   3.522   1.00 34.36 ? 309 ARG A NH1 1 
ATOM   991  N  NH2 . ARG A 1 124 ? -12.986 3.195   1.391   1.00 35.70 ? 309 ARG A NH2 1 
ATOM   992  N  N   . LEU A 1 125 ? -8.158  0.633   5.668   1.00 22.20 ? 310 LEU A N   1 
ATOM   993  C  CA  . LEU A 1 125 ? -7.133  -0.072  4.909   1.00 22.23 ? 310 LEU A CA  1 
ATOM   994  C  C   . LEU A 1 125 ? -7.782  -1.163  4.068   1.00 22.35 ? 310 LEU A C   1 
ATOM   995  O  O   . LEU A 1 125 ? -8.608  -1.925  4.569   1.00 21.60 ? 310 LEU A O   1 
ATOM   996  C  CB  . LEU A 1 125 ? -6.133  -0.721  5.867   1.00 22.56 ? 310 LEU A CB  1 
ATOM   997  C  CG  . LEU A 1 125 ? -5.169  -1.752  5.265   1.00 22.61 ? 310 LEU A CG  1 
ATOM   998  C  CD1 . LEU A 1 125 ? -4.131  -1.046  4.406   1.00 22.32 ? 310 LEU A CD1 1 
ATOM   999  C  CD2 . LEU A 1 125 ? -4.495  -2.531  6.391   1.00 22.90 ? 310 LEU A CD2 1 
ATOM   1000 N  N   . GLU A 1 126 ? -7.422  -1.234  2.790   1.00 21.18 ? 311 GLU A N   1 
ATOM   1001 C  CA  . GLU A 1 126 ? -7.961  -2.270  1.917   1.00 21.84 ? 311 GLU A CA  1 
ATOM   1002 C  C   . GLU A 1 126 ? -6.783  -2.927  1.219   1.00 22.26 ? 311 GLU A C   1 
ATOM   1003 O  O   . GLU A 1 126 ? -5.880  -2.240  0.741   1.00 21.05 ? 311 GLU A O   1 
ATOM   1004 C  CB  . GLU A 1 126 ? -8.897  -1.691  0.845   1.00 26.42 ? 311 GLU A CB  1 
ATOM   1005 C  CG  . GLU A 1 126 ? -9.915  -0.676  1.331   1.00 32.33 ? 311 GLU A CG  1 
ATOM   1006 C  CD  . GLU A 1 126 ? -10.880 -0.246  0.225   1.00 37.87 ? 311 GLU A CD  1 
ATOM   1007 O  OE1 . GLU A 1 126 ? -10.429 -0.017  -0.926  1.00 37.82 ? 311 GLU A OE1 1 
ATOM   1008 O  OE2 . GLU A 1 126 ? -12.093 -0.125  0.513   1.00 38.79 ? 311 GLU A OE2 1 
ATOM   1009 N  N   . VAL A 1 127 ? -6.789  -4.253  1.174   1.00 19.53 ? 312 VAL A N   1 
ATOM   1010 C  CA  . VAL A 1 127 ? -5.731  -4.993  0.503   1.00 20.24 ? 312 VAL A CA  1 
ATOM   1011 C  C   . VAL A 1 127 ? -6.441  -5.934  -0.472  1.00 22.16 ? 312 VAL A C   1 
ATOM   1012 O  O   . VAL A 1 127 ? -7.375  -6.633  -0.086  1.00 21.35 ? 312 VAL A O   1 
ATOM   1013 C  CB  . VAL A 1 127 ? -4.897  -5.834  1.501   1.00 20.25 ? 312 VAL A CB  1 
ATOM   1014 C  CG1 . VAL A 1 127 ? -3.698  -6.465  0.779   1.00 20.18 ? 312 VAL A CG1 1 
ATOM   1015 C  CG2 . VAL A 1 127 ? -4.437  -4.968  2.665   1.00 20.09 ? 312 VAL A CG2 1 
ATOM   1016 N  N   . GLY A 1 128 ? -6.011  -5.943  -1.729  1.00 22.09 ? 313 GLY A N   1 
ATOM   1017 C  CA  . GLY A 1 128 ? -6.642  -6.816  -2.705  1.00 21.31 ? 313 GLY A CA  1 
ATOM   1018 C  C   . GLY A 1 128 ? -5.681  -7.276  -3.779  1.00 21.10 ? 313 GLY A C   1 
ATOM   1019 O  O   . GLY A 1 128 ? -4.535  -6.829  -3.832  1.00 21.40 ? 313 GLY A O   1 
ATOM   1020 N  N   . GLY A 1 129 ? -6.130  -8.188  -4.631  1.00 19.93 ? 314 GLY A N   1 
ATOM   1021 C  CA  . GLY A 1 129 ? -5.256  -8.643  -5.690  1.00 20.51 ? 314 GLY A CA  1 
ATOM   1022 C  C   . GLY A 1 129 ? -4.587  -9.989  -5.508  1.00 21.99 ? 314 GLY A C   1 
ATOM   1023 O  O   . GLY A 1 129 ? -4.977  -10.801 -4.662  1.00 22.46 ? 314 GLY A O   1 
ATOM   1024 N  N   . ASP A 1 130 ? -3.533  -10.196 -6.288  1.00 21.98 ? 315 ASP A N   1 
ATOM   1025 C  CA  . ASP A 1 130 ? -2.826  -11.464 -6.315  1.00 21.39 ? 315 ASP A CA  1 
ATOM   1026 C  C   . ASP A 1 130 ? -1.726  -11.782 -5.307  1.00 20.13 ? 315 ASP A C   1 
ATOM   1027 O  O   . ASP A 1 130 ? -0.574  -12.025 -5.675  1.00 19.64 ? 315 ASP A O   1 
ATOM   1028 C  CB  . ASP A 1 130 ? -2.316  -11.690 -7.736  1.00 20.08 ? 315 ASP A CB  1 
ATOM   1029 C  CG  . ASP A 1 130 ? -3.391  -11.419 -8.779  1.00 23.48 ? 315 ASP A CG  1 
ATOM   1030 O  OD1 . ASP A 1 130 ? -4.589  -11.601 -8.458  1.00 24.63 ? 315 ASP A OD1 1 
ATOM   1031 O  OD2 . ASP A 1 130 ? -3.046  -11.030 -9.912  1.00 21.38 ? 315 ASP A OD2 1 
ATOM   1032 N  N   . ILE A 1 131 ? -2.101  -11.819 -4.033  1.00 19.19 ? 316 ILE A N   1 
ATOM   1033 C  CA  . ILE A 1 131 ? -1.167  -12.164 -2.974  1.00 21.29 ? 316 ILE A CA  1 
ATOM   1034 C  C   . ILE A 1 131 ? -1.908  -12.975 -1.926  1.00 22.16 ? 316 ILE A C   1 
ATOM   1035 O  O   . ILE A 1 131 ? -3.139  -13.049 -1.921  1.00 23.28 ? 316 ILE A O   1 
ATOM   1036 C  CB  . ILE A 1 131 ? -0.593  -10.920 -2.234  1.00 21.15 ? 316 ILE A CB  1 
ATOM   1037 C  CG1 . ILE A 1 131 ? -1.737  -10.140 -1.565  1.00 23.25 ? 316 ILE A CG1 1 
ATOM   1038 C  CG2 . ILE A 1 131 ? 0.186   -10.044 -3.198  1.00 20.08 ? 316 ILE A CG2 1 
ATOM   1039 C  CD1 . ILE A 1 131 ? -1.281  -9.010  -0.639  1.00 21.42 ? 316 ILE A CD1 1 
ATOM   1040 N  N   . GLN A 1 132 ? -1.133  -13.595 -1.055  1.00 23.58 ? 317 GLN A N   1 
ATOM   1041 C  CA  . GLN A 1 132 ? -1.672  -14.336 0.062   1.00 27.23 ? 317 GLN A CA  1 
ATOM   1042 C  C   . GLN A 1 132 ? -1.231  -13.420 1.200   1.00 25.81 ? 317 GLN A C   1 
ATOM   1043 O  O   . GLN A 1 132 ? -0.039  -13.285 1.460   1.00 26.60 ? 317 GLN A O   1 
ATOM   1044 C  CB  . GLN A 1 132 ? -1.003  -15.705 0.166   1.00 30.71 ? 317 GLN A CB  1 
ATOM   1045 C  CG  . GLN A 1 132 ? -1.405  -16.511 1.386   1.00 39.16 ? 317 GLN A CG  1 
ATOM   1046 C  CD  . GLN A 1 132 ? -0.871  -17.933 1.331   1.00 42.90 ? 317 GLN A CD  1 
ATOM   1047 O  OE1 . GLN A 1 132 ? -1.281  -18.727 0.484   1.00 43.82 ? 317 GLN A OE1 1 
ATOM   1048 N  NE2 . GLN A 1 132 ? 0.055   -18.256 2.229   1.00 43.78 ? 317 GLN A NE2 1 
ATOM   1049 N  N   . LEU A 1 133 ? -2.190  -12.747 1.824   1.00 26.49 ? 318 LEU A N   1 
ATOM   1050 C  CA  . LEU A 1 133 ? -1.914  -11.826 2.926   1.00 26.01 ? 318 LEU A CA  1 
ATOM   1051 C  C   . LEU A 1 133 ? -1.785  -12.625 4.217   1.00 26.17 ? 318 LEU A C   1 
ATOM   1052 O  O   . LEU A 1 133 ? -2.734  -13.290 4.638   1.00 26.19 ? 318 LEU A O   1 
ATOM   1053 C  CB  . LEU A 1 133 ? -3.056  -10.812 3.047   1.00 24.35 ? 318 LEU A CB  1 
ATOM   1054 C  CG  . LEU A 1 133 ? -2.963  -9.735  4.132   1.00 26.76 ? 318 LEU A CG  1 
ATOM   1055 C  CD1 . LEU A 1 133 ? -1.736  -8.862  3.895   1.00 25.66 ? 318 LEU A CD1 1 
ATOM   1056 C  CD2 . LEU A 1 133 ? -4.226  -8.890  4.104   1.00 26.32 ? 318 LEU A CD2 1 
ATOM   1057 N  N   . THR A 1 134 ? -0.619  -12.550 4.852   1.00 25.24 ? 319 THR A N   1 
ATOM   1058 C  CA  . THR A 1 134 ? -0.393  -13.313 6.074   1.00 24.82 ? 319 THR A CA  1 
ATOM   1059 C  C   . THR A 1 134 ? -0.392  -12.517 7.374   1.00 23.44 ? 319 THR A C   1 
ATOM   1060 O  O   . THR A 1 134 ? -0.549  -13.092 8.451   1.00 21.96 ? 319 THR A O   1 
ATOM   1061 C  CB  . THR A 1 134 ? 0.918   -14.101 5.979   1.00 25.64 ? 319 THR A CB  1 
ATOM   1062 O  OG1 . THR A 1 134 ? 2.002   -13.197 5.743   1.00 29.82 ? 319 THR A OG1 1 
ATOM   1063 C  CG2 . THR A 1 134 ? 0.843   -15.098 4.837   1.00 28.61 ? 319 THR A CG2 1 
ATOM   1064 N  N   . HIS A 1 135 ? -0.204  -11.204 7.295   1.00 21.02 ? 320 HIS A N   1 
ATOM   1065 C  CA  . HIS A 1 135 ? -0.228  -10.411 8.511   1.00 20.90 ? 320 HIS A CA  1 
ATOM   1066 C  C   . HIS A 1 135 ? -0.336  -8.922  8.277   1.00 21.59 ? 320 HIS A C   1 
ATOM   1067 O  O   . HIS A 1 135 ? 0.214   -8.377  7.317   1.00 22.70 ? 320 HIS A O   1 
ATOM   1068 C  CB  . HIS A 1 135 ? 1.007   -10.692 9.377   1.00 20.29 ? 320 HIS A CB  1 
ATOM   1069 C  CG  . HIS A 1 135 ? 0.910   -10.110 10.756  1.00 23.08 ? 320 HIS A CG  1 
ATOM   1070 N  ND1 . HIS A 1 135 ? 1.603   -8.984  11.143  1.00 19.27 ? 320 HIS A ND1 1 
ATOM   1071 C  CD2 . HIS A 1 135 ? 0.157   -10.476 11.821  1.00 20.51 ? 320 HIS A CD2 1 
ATOM   1072 C  CE1 . HIS A 1 135 ? 1.284   -8.681  12.390  1.00 21.73 ? 320 HIS A CE1 1 
ATOM   1073 N  NE2 . HIS A 1 135 ? 0.411   -9.569  12.825  1.00 22.70 ? 320 HIS A NE2 1 
ATOM   1074 N  N   . VAL A 1 136 ? -1.077  -8.274  9.163   1.00 21.63 ? 321 VAL A N   1 
ATOM   1075 C  CA  . VAL A 1 136 ? -1.251  -6.840  9.111   1.00 21.76 ? 321 VAL A CA  1 
ATOM   1076 C  C   . VAL A 1 136 ? -1.091  -6.296  10.528  1.00 23.17 ? 321 VAL A C   1 
ATOM   1077 O  O   . VAL A 1 136 ? -1.601  -6.878  11.488  1.00 21.93 ? 321 VAL A O   1 
ATOM   1078 C  CB  . VAL A 1 136 ? -2.650  -6.447  8.593   1.00 22.68 ? 321 VAL A CB  1 
ATOM   1079 C  CG1 . VAL A 1 136 ? -2.823  -4.933  8.674   1.00 23.96 ? 321 VAL A CG1 1 
ATOM   1080 C  CG2 . VAL A 1 136 ? -2.839  -6.936  7.163   1.00 24.60 ? 321 VAL A CG2 1 
ATOM   1081 N  N   . GLN A 1 137 ? -0.360  -5.197  10.646  1.00 23.20 ? 322 GLN A N   1 
ATOM   1082 C  CA  . GLN A 1 137 ? -0.160  -4.525  11.920  1.00 25.57 ? 322 GLN A CA  1 
ATOM   1083 C  C   . GLN A 1 137 ? -0.617  -3.099  11.652  1.00 27.62 ? 322 GLN A C   1 
ATOM   1084 O  O   . GLN A 1 137 ? 0.054   -2.356  10.936  1.00 25.95 ? 322 GLN A O   1 
ATOM   1085 C  CB  . GLN A 1 137 ? 1.322   -4.536  12.321  1.00 24.64 ? 322 GLN A CB  1 
ATOM   1086 C  CG  . GLN A 1 137 ? 1.655   -3.647  13.527  1.00 24.95 ? 322 GLN A CG  1 
ATOM   1087 C  CD  . GLN A 1 137 ? 1.014   -4.130  14.819  1.00 25.10 ? 322 GLN A CD  1 
ATOM   1088 O  OE1 . GLN A 1 137 ? 1.394   -5.165  15.369  1.00 26.14 ? 322 GLN A OE1 1 
ATOM   1089 N  NE2 . GLN A 1 137 ? 0.031   -3.382  15.304  1.00 26.67 ? 322 GLN A NE2 1 
ATOM   1090 N  N   . THR A 1 138 ? -1.775  -2.730  12.192  1.00 31.33 ? 323 THR A N   1 
ATOM   1091 C  CA  . THR A 1 138 ? -2.303  -1.384  11.996  1.00 36.51 ? 323 THR A CA  1 
ATOM   1092 C  C   . THR A 1 138 ? -1.987  -0.517  13.204  1.00 38.63 ? 323 THR A C   1 
ATOM   1093 O  O   . THR A 1 138 ? -1.093  -0.894  13.992  1.00 39.16 ? 323 THR A O   1 
ATOM   1094 C  CB  . THR A 1 138 ? -3.833  -1.385  11.796  1.00 39.55 ? 323 THR A CB  1 
ATOM   1095 O  OG1 . THR A 1 138 ? -4.477  -1.728  13.029  1.00 40.57 ? 323 THR A OG1 1 
ATOM   1096 C  CG2 . THR A 1 138 ? -4.230  -2.390  10.725  1.00 40.27 ? 323 THR A CG2 1 
ATOM   1097 O  OXT . THR A 1 138 ? -2.636  0.537   13.341  1.00 41.02 ? 323 THR A OXT 1 
HETATM 1098 C  C2  . BGC B 2 .   ? -2.646  4.241   -16.927 1.00 34.45 ? 1   BGC B C2  1 
HETATM 1099 C  C3  . BGC B 2 .   ? -3.052  3.029   -16.091 1.00 33.53 ? 1   BGC B C3  1 
HETATM 1100 C  C4  . BGC B 2 .   ? -4.435  3.256   -15.487 1.00 32.17 ? 1   BGC B C4  1 
HETATM 1101 C  C5  . BGC B 2 .   ? -5.432  3.554   -16.618 1.00 35.14 ? 1   BGC B C5  1 
HETATM 1102 C  C6  . BGC B 2 .   ? -6.843  3.828   -16.134 1.00 34.37 ? 1   BGC B C6  1 
HETATM 1103 C  C1  . BGC B 2 .   ? -3.723  4.539   -17.980 1.00 35.73 ? 1   BGC B C1  1 
HETATM 1104 O  O1  . BGC B 2 .   ? -3.411  5.717   -18.636 1.00 40.26 ? 1   BGC B O1  1 
HETATM 1105 O  O2  . BGC B 2 .   ? -1.406  3.977   -17.565 1.00 34.98 ? 1   BGC B O2  1 
HETATM 1106 O  O3  . BGC B 2 .   ? -2.098  2.807   -15.061 1.00 29.35 ? 1   BGC B O3  1 
HETATM 1107 O  O4  . BGC B 2 .   ? -4.838  2.074   -14.775 1.00 31.67 ? 1   BGC B O4  1 
HETATM 1108 O  O5  . BGC B 2 .   ? -5.003  4.720   -17.351 1.00 36.26 ? 1   BGC B O5  1 
HETATM 1109 O  O6  . BGC B 2 .   ? -6.883  4.963   -15.280 1.00 38.30 ? 1   BGC B O6  1 
HETATM 1110 C  C1  . GAL B 2 .   ? -5.467  2.267   -13.557 1.00 29.24 ? 2   GAL B C1  1 
HETATM 1111 C  C2  . GAL B 2 .   ? -5.949  0.921   -13.026 1.00 29.18 ? 2   GAL B C2  1 
HETATM 1112 C  C3  . GAL B 2 .   ? -6.547  1.073   -11.630 1.00 29.86 ? 2   GAL B C3  1 
HETATM 1113 C  C4  . GAL B 2 .   ? -5.573  1.802   -10.692 1.00 26.43 ? 2   GAL B C4  1 
HETATM 1114 C  C5  . GAL B 2 .   ? -5.111  3.113   -11.347 1.00 25.60 ? 2   GAL B C5  1 
HETATM 1115 C  C6  . GAL B 2 .   ? -4.073  3.857   -10.530 1.00 24.14 ? 2   GAL B C6  1 
HETATM 1116 O  O2  . GAL B 2 .   ? -6.930  0.396   -13.904 1.00 29.90 ? 2   GAL B O2  1 
HETATM 1117 O  O3  . GAL B 2 .   ? -6.843  -0.235  -11.106 1.00 35.76 ? 2   GAL B O3  1 
HETATM 1118 O  O4  . GAL B 2 .   ? -4.452  0.968   -10.433 1.00 20.40 ? 2   GAL B O4  1 
HETATM 1119 O  O5  . GAL B 2 .   ? -4.524  2.843   -12.645 1.00 26.77 ? 2   GAL B O5  1 
HETATM 1120 O  O6  . GAL B 2 .   ? -3.548  4.961   -11.256 1.00 24.18 ? 2   GAL B O6  1 
HETATM 1121 C  C1  . SIA B 2 .   ? -8.452  0.261   -9.434  1.00 44.46 ? 3   SIA B C1  1 
HETATM 1122 C  C2  . SIA B 2 .   ? -8.154  -0.473  -10.733 1.00 44.33 ? 3   SIA B C2  1 
HETATM 1123 C  C3  . SIA B 2 .   ? -8.379  -1.981  -10.536 1.00 47.32 ? 3   SIA B C3  1 
HETATM 1124 C  C4  . SIA B 2 .   ? -9.864  -2.299  -10.332 1.00 51.69 ? 3   SIA B C4  1 
HETATM 1125 C  C5  . SIA B 2 .   ? -10.698 -1.682  -11.457 1.00 53.71 ? 3   SIA B C5  1 
HETATM 1126 C  C6  . SIA B 2 .   ? -10.419 -0.176  -11.513 1.00 54.14 ? 3   SIA B C6  1 
HETATM 1127 C  C7  . SIA B 2 .   ? -11.255 0.561   -12.574 1.00 57.68 ? 3   SIA B C7  1 
HETATM 1128 C  C8  . SIA B 2 .   ? -10.629 0.481   -13.976 1.00 59.38 ? 3   SIA B C8  1 
HETATM 1129 C  C9  . SIA B 2 .   ? -10.748 -0.925  -14.569 1.00 60.55 ? 3   SIA B C9  1 
HETATM 1130 C  C10 . SIA B 2 .   ? -12.754 -2.810  -11.990 1.00 58.81 ? 3   SIA B C10 1 
HETATM 1131 C  C11 . SIA B 2 .   ? -13.057 -4.168  -11.378 1.00 60.10 ? 3   SIA B C11 1 
HETATM 1132 N  N5  . SIA B 2 .   ? -12.107 -1.933  -11.228 1.00 57.01 ? 3   SIA B N5  1 
HETATM 1133 O  O1A . SIA B 2 .   ? -7.904  -0.137  -8.386  1.00 45.60 ? 3   SIA B O1A 1 
HETATM 1134 O  O1B . SIA B 2 .   ? -9.215  1.247   -9.461  1.00 46.93 ? 3   SIA B O1B 1 
HETATM 1135 O  O4  . SIA B 2 .   ? -10.051 -3.706  -10.314 1.00 51.43 ? 3   SIA B O4  1 
HETATM 1136 O  O6  . SIA B 2 .   ? -9.015  0.045   -11.764 1.00 48.37 ? 3   SIA B O6  1 
HETATM 1137 O  O7  . SIA B 2 .   ? -12.577 0.044   -12.611 1.00 60.98 ? 3   SIA B O7  1 
HETATM 1138 O  O8  . SIA B 2 .   ? -11.268 1.412   -14.838 1.00 60.76 ? 3   SIA B O8  1 
HETATM 1139 O  O9  . SIA B 2 .   ? -9.707  -1.750  -14.068 1.00 61.54 ? 3   SIA B O9  1 
HETATM 1140 O  O10 . SIA B 2 .   ? -13.098 -2.566  -13.147 1.00 59.98 ? 3   SIA B O10 1 
HETATM 1141 NI NI  . NI  C 3 .   ? -0.951  -9.675  14.541  0.50 20.39 ? 401 NI  A NI  1 
HETATM 1142 O  O   . HOH D 4 .   ? -8.132  -0.084  -5.858  1.00 34.47 ? 1   HOH A O   1 
HETATM 1143 O  O   . HOH D 4 .   ? -4.870  -5.422  -7.401  1.00 24.55 ? 2   HOH A O   1 
HETATM 1144 O  O   . HOH D 4 .   ? -5.418  6.108   -13.191 1.00 63.21 ? 3   HOH A O   1 
HETATM 1145 O  O   . HOH D 4 .   ? -4.594  7.943   -14.933 1.00 67.45 ? 4   HOH A O   1 
HETATM 1146 O  O   . HOH D 4 .   ? 0.556   6.016   -16.863 1.00 53.07 ? 5   HOH A O   1 
HETATM 1147 O  O   . HOH D 4 .   ? -2.265  -0.635  -17.987 1.00 48.23 ? 6   HOH A O   1 
HETATM 1148 O  O   . HOH D 4 .   ? -4.740  -1.192  -16.595 1.00 57.41 ? 7   HOH A O   1 
HETATM 1149 O  O   . HOH D 4 .   ? -0.333  1.153   -17.922 1.00 46.18 ? 8   HOH A O   1 
HETATM 1150 O  O   . HOH D 4 .   ? 1.900   12.776  -4.149  1.00 19.44 ? 9   HOH A O   1 
HETATM 1151 O  O   . HOH D 4 .   ? -2.724  11.350  -0.084  1.00 23.53 ? 10  HOH A O   1 
HETATM 1152 O  O   . HOH D 4 .   ? 7.809   -10.479 -3.388  1.00 26.14 ? 11  HOH A O   1 
HETATM 1153 O  O   . HOH D 4 .   ? -0.452  -7.668  15.124  1.00 18.21 ? 12  HOH A O   1 
HETATM 1154 O  O   . HOH D 4 .   ? 5.738   8.005   -4.825  1.00 19.34 ? 13  HOH A O   1 
HETATM 1155 O  O   . HOH D 4 .   ? -9.019  -9.338  -3.889  1.00 27.65 ? 14  HOH A O   1 
HETATM 1156 O  O   . HOH D 4 .   ? 9.530   -3.639  4.757   1.00 29.94 ? 15  HOH A O   1 
HETATM 1157 O  O   . HOH D 4 .   ? -2.236  11.053  2.508   1.00 26.36 ? 16  HOH A O   1 
HETATM 1158 O  O   . HOH D 4 .   ? 3.069   12.067  -11.230 1.00 33.99 ? 17  HOH A O   1 
HETATM 1159 O  O   . HOH D 4 .   ? -4.829  -14.108 1.831   1.00 28.42 ? 18  HOH A O   1 
HETATM 1160 O  O   . HOH D 4 .   ? 8.833   2.941   5.727   1.00 39.96 ? 19  HOH A O   1 
HETATM 1161 O  O   . HOH D 4 .   ? 13.305  -3.267  -1.192  1.00 54.58 ? 20  HOH A O   1 
HETATM 1162 O  O   . HOH D 4 .   ? -0.946  -14.412 -14.836 1.00 27.71 ? 21  HOH A O   1 
HETATM 1163 O  O   . HOH D 4 .   ? -16.028 10.378  1.357   1.00 34.40 ? 22  HOH A O   1 
HETATM 1164 O  O   . HOH D 4 .   ? -1.098  -17.201 -9.326  1.00 32.19 ? 23  HOH A O   1 
HETATM 1165 O  O   . HOH D 4 .   ? 10.769  8.553   -3.660  1.00 41.19 ? 24  HOH A O   1 
HETATM 1166 O  O   . HOH D 4 .   ? 9.262   -8.946  -10.252 1.00 31.87 ? 25  HOH A O   1 
HETATM 1167 O  O   . HOH D 4 .   ? 5.769   3.939   13.729  1.00 39.27 ? 26  HOH A O   1 
HETATM 1168 O  O   . HOH D 4 .   ? 7.636   10.417  -7.153  1.00 43.51 ? 27  HOH A O   1 
HETATM 1169 O  O   . HOH D 4 .   ? 7.509   1.557   -11.383 1.00 27.54 ? 28  HOH A O   1 
HETATM 1170 O  O   . HOH D 4 .   ? 7.240   9.226   -9.904  1.00 42.37 ? 29  HOH A O   1 
HETATM 1171 O  O   . HOH D 4 .   ? 5.462   12.083  -3.932  1.00 27.92 ? 30  HOH A O   1 
HETATM 1172 O  O   . HOH D 4 .   ? 1.072   22.844  6.875   1.00 38.21 ? 31  HOH A O   1 
HETATM 1173 O  O   . HOH D 4 .   ? -0.863  9.230   -14.657 1.00 31.37 ? 32  HOH A O   1 
HETATM 1174 O  O   . HOH D 4 .   ? 2.593   2.757   14.448  1.00 32.12 ? 33  HOH A O   1 
HETATM 1175 O  O   . HOH D 4 .   ? -12.325 -7.989  4.886   1.00 33.72 ? 34  HOH A O   1 
HETATM 1176 O  O   . HOH D 4 .   ? -9.639  8.667   -13.502 1.00 39.48 ? 35  HOH A O   1 
HETATM 1177 O  O   . HOH D 4 .   ? 8.289   -7.603  -12.307 1.00 44.29 ? 36  HOH A O   1 
HETATM 1178 O  O   . HOH D 4 .   ? 11.115  3.825   4.735   1.00 31.92 ? 37  HOH A O   1 
HETATM 1179 O  O   . HOH D 4 .   ? 16.107  1.665   4.457   1.00 39.99 ? 38  HOH A O   1 
HETATM 1180 O  O   . HOH D 4 .   ? 9.939   -9.841  -1.584  1.00 38.65 ? 39  HOH A O   1 
HETATM 1181 O  O   . HOH D 4 .   ? 18.135  -3.370  -7.893  1.00 54.10 ? 40  HOH A O   1 
HETATM 1182 O  O   . HOH D 4 .   ? 6.991   14.152  10.641  1.00 46.48 ? 41  HOH A O   1 
HETATM 1183 O  O   . HOH D 4 .   ? 15.519  -5.809  1.267   1.00 74.91 ? 42  HOH A O   1 
HETATM 1184 O  O   . HOH D 4 .   ? -4.545  13.202  -7.107  1.00 29.50 ? 43  HOH A O   1 
HETATM 1185 O  O   . HOH D 4 .   ? 8.130   -11.526 -10.701 1.00 32.31 ? 44  HOH A O   1 
HETATM 1186 O  O   . HOH D 4 .   ? 1.536   0.222   14.006  1.00 40.35 ? 45  HOH A O   1 
HETATM 1187 O  O   . HOH D 4 .   ? 2.893   -7.484  9.116   1.00 38.79 ? 46  HOH A O   1 
HETATM 1188 O  O   . HOH D 4 .   ? 6.358   8.594   -12.414 1.00 39.94 ? 47  HOH A O   1 
HETATM 1189 O  O   . HOH D 4 .   ? 12.559  7.091   -6.814  1.00 53.12 ? 48  HOH A O   1 
HETATM 1190 O  O   . HOH D 4 .   ? -2.960  15.839  9.756   1.00 51.58 ? 49  HOH A O   1 
HETATM 1191 O  O   . HOH D 4 .   ? 13.014  -7.512  -2.130  1.00 41.24 ? 50  HOH A O   1 
HETATM 1192 O  O   . HOH D 4 .   ? 9.387   -15.837 -9.760  1.00 54.88 ? 51  HOH A O   1 
HETATM 1193 O  O   . HOH D 4 .   ? -3.936  -4.195  13.645  1.00 40.60 ? 52  HOH A O   1 
HETATM 1194 O  O   . HOH D 4 .   ? 17.449  2.121   -3.579  1.00 40.74 ? 53  HOH A O   1 
HETATM 1195 O  O   . HOH D 4 .   ? 18.740  2.195   0.468   1.00 59.41 ? 54  HOH A O   1 
HETATM 1196 O  O   . HOH D 4 .   ? 1.888   17.292  0.986   1.00 43.87 ? 55  HOH A O   1 
HETATM 1197 O  O   . HOH D 4 .   ? -0.429  17.812  -2.102  1.00 62.66 ? 56  HOH A O   1 
HETATM 1198 O  O   . HOH D 4 .   ? -7.354  12.181  -7.792  1.00 44.31 ? 57  HOH A O   1 
HETATM 1199 O  O   . HOH D 4 .   ? -12.492 4.651   -0.795  1.00 48.55 ? 58  HOH A O   1 
HETATM 1200 O  O   . HOH D 4 .   ? 10.171  3.086   -12.534 1.00 73.45 ? 59  HOH A O   1 
HETATM 1201 O  O   . HOH D 4 .   ? 10.165  -16.002 -0.528  1.00 45.68 ? 60  HOH A O   1 
HETATM 1202 O  O   . HOH D 4 .   ? 15.286  -4.041  -3.097  1.00 45.75 ? 61  HOH A O   1 
HETATM 1203 O  O   . HOH D 4 .   ? -7.699  15.486  3.498   1.00 44.69 ? 62  HOH A O   1 
HETATM 1204 O  O   . HOH D 4 .   ? -11.904 6.027   -4.197  1.00 47.95 ? 63  HOH A O   1 
HETATM 1205 O  O   . HOH D 4 .   ? 6.870   -18.651 7.429   1.00 73.64 ? 64  HOH A O   1 
HETATM 1206 O  O   . HOH D 4 .   ? -3.011  -13.723 -11.610 1.00 42.07 ? 65  HOH A O   1 
HETATM 1207 O  O   . HOH D 4 .   ? 8.237   11.569  -4.171  1.00 42.88 ? 66  HOH A O   1 
HETATM 1208 O  O   . HOH D 4 .   ? 18.035  -4.336  -2.704  1.00 62.28 ? 67  HOH A O   1 
HETATM 1209 O  O   . HOH D 4 .   ? -7.963  -16.064 2.048   1.00 42.18 ? 68  HOH A O   1 
HETATM 1210 O  O   . HOH D 4 .   ? 5.822   2.036   -15.589 1.00 54.28 ? 69  HOH A O   1 
HETATM 1211 O  O   . HOH D 4 .   ? 6.053   -12.367 4.756   1.00 56.07 ? 70  HOH A O   1 
HETATM 1212 O  O   . HOH D 4 .   ? 15.279  -4.458  -5.577  1.00 42.10 ? 71  HOH A O   1 
HETATM 1213 O  O   . HOH D 4 .   ? 6.718   -14.782 -14.050 1.00 57.83 ? 72  HOH A O   1 
HETATM 1214 O  O   . HOH D 4 .   ? 11.058  9.728   9.482   1.00 66.09 ? 73  HOH A O   1 
HETATM 1215 O  O   . HOH D 4 .   ? -4.804  10.612  13.803  1.00 44.14 ? 74  HOH A O   1 
HETATM 1216 O  O   . HOH D 4 .   ? 12.428  8.726   -1.068  1.00 59.05 ? 75  HOH A O   1 
HETATM 1217 O  O   . HOH D 4 .   ? 0.684   4.027   15.630  1.00 82.47 ? 76  HOH A O   1 
HETATM 1218 O  O   . HOH D 4 .   ? 3.559   -13.363 7.831   1.00 51.18 ? 77  HOH A O   1 
HETATM 1219 O  O   . HOH D 4 .   ? -6.853  -18.730 6.505   1.00 47.21 ? 78  HOH A O   1 
HETATM 1220 O  O   . HOH D 4 .   ? 3.829   8.253   -14.327 1.00 73.61 ? 79  HOH A O   1 
HETATM 1221 O  O   . HOH D 4 .   ? 1.226   17.100  8.743   1.00 77.87 ? 80  HOH A O   1 
HETATM 1222 O  O   . HOH D 4 .   ? -2.643  -14.942 -9.410  1.00 30.38 ? 81  HOH A O   1 
HETATM 1223 O  O   . HOH D 4 .   ? 2.558   5.529   16.595  1.00 42.97 ? 82  HOH A O   1 
HETATM 1224 O  O   . HOH D 4 .   ? 5.514   -7.043  8.822   1.00 50.39 ? 83  HOH A O   1 
HETATM 1225 O  O   . HOH D 4 .   ? 18.322  -0.388  4.424   1.00 48.28 ? 84  HOH A O   1 
HETATM 1226 O  O   . HOH D 4 .   ? 14.278  -5.587  -1.334  1.00 53.13 ? 85  HOH A O   1 
HETATM 1227 O  O   . HOH D 4 .   ? -9.706  -2.741  -2.450  1.00 53.96 ? 86  HOH A O   1 
HETATM 1228 O  O   . HOH D 4 .   ? -6.166  17.557  1.957   1.00 45.37 ? 87  HOH A O   1 
HETATM 1229 O  O   . HOH D 4 .   ? 19.334  -3.545  -5.025  1.00 73.46 ? 88  HOH A O   1 
HETATM 1230 O  O   . HOH D 4 .   ? -10.071 -6.871  -4.625  1.00 45.40 ? 89  HOH A O   1 
HETATM 1231 O  O   . HOH D 4 .   ? -15.873 4.101   -4.032  1.00 46.71 ? 90  HOH A O   1 
HETATM 1232 O  O   . HOH D 4 .   ? 6.475   -17.245 -12.835 1.00 50.30 ? 91  HOH A O   1 
HETATM 1233 O  O   . HOH D 4 .   ? 4.239   -14.176 4.198   1.00 51.54 ? 92  HOH A O   1 
HETATM 1234 O  O   . HOH D 4 .   ? -12.911 2.959   -7.159  1.00 68.83 ? 93  HOH A O   1 
HETATM 1235 O  O   . HOH D 4 .   ? -2.025  19.867  -1.035  1.00 76.71 ? 94  HOH A O   1 
HETATM 1236 O  O   . HOH D 4 .   ? -6.359  -9.321  -9.583  1.00 59.86 ? 95  HOH A O   1 
HETATM 1237 O  O   . HOH D 4 .   ? 15.777  -2.478  7.887   1.00 40.66 ? 96  HOH A O   1 
HETATM 1238 O  O   . HOH D 4 .   ? 12.838  -8.125  -10.679 1.00 82.00 ? 97  HOH A O   1 
HETATM 1239 O  O   . HOH D 4 .   ? 3.541   11.944  16.602  1.00 43.66 ? 98  HOH A O   1 
HETATM 1240 O  O   . HOH D 4 .   ? 13.713  -8.732  -4.457  1.00 67.67 ? 99  HOH A O   1 
HETATM 1241 O  O   . HOH D 4 .   ? 13.312  1.781   6.110   1.00 60.90 ? 100 HOH A O   1 
HETATM 1242 O  O   . HOH D 4 .   ? -12.099 12.632  3.261   1.00 66.43 ? 101 HOH A O   1 
HETATM 1243 O  O   . HOH D 4 .   ? -0.825  23.931  8.420   1.00 75.90 ? 102 HOH A O   1 
HETATM 1244 O  O   . HOH D 4 .   ? 4.231   -10.770 -17.005 1.00 71.41 ? 103 HOH A O   1 
HETATM 1245 O  O   . HOH D 4 .   ? 7.390   1.871   9.297   1.00 46.58 ? 104 HOH A O   1 
HETATM 1246 O  O   . HOH D 4 .   ? -4.556  5.037   14.179  1.00 54.23 ? 105 HOH A O   1 
HETATM 1247 O  O   . HOH D 4 .   ? -14.914 -0.423  1.174   1.00 61.55 ? 106 HOH A O   1 
HETATM 1248 O  O   . HOH D 4 .   ? -2.017  14.513  11.927  1.00 48.69 ? 107 HOH A O   1 
HETATM 1249 O  O   . HOH D 4 .   ? 12.592  6.733   -3.945  1.00 58.15 ? 108 HOH A O   1 
HETATM 1250 O  O   . HOH D 4 .   ? -15.016 12.543  2.680   1.00 75.65 ? 109 HOH A O   1 
HETATM 1251 O  O   . HOH D 4 .   ? 3.000   7.022   18.535  1.00 47.02 ? 110 HOH A O   1 
HETATM 1252 O  O   . HOH D 4 .   ? 6.939   14.650  6.229   1.00 63.82 ? 111 HOH A O   1 
HETATM 1253 O  O   . HOH D 4 .   ? 20.843  2.154   -1.540  1.00 50.06 ? 112 HOH A O   1 
HETATM 1254 O  O   . HOH D 4 .   ? 8.872   -14.170 -12.183 1.00 52.66 ? 113 HOH A O   1 
HETATM 1255 O  O   . HOH D 4 .   ? 15.821  1.513   7.024   1.00 60.38 ? 114 HOH A O   1 
HETATM 1256 O  O   . HOH D 4 .   ? -3.787  11.965  15.971  1.00 55.32 ? 115 HOH A O   1 
HETATM 1257 O  O   . HOH D 4 .   ? 9.819   -16.768 -6.355  1.00 75.20 ? 116 HOH A O   1 
HETATM 1258 O  O   . HOH D 4 .   ? 14.539  -7.691  -7.027  1.00 63.27 ? 117 HOH A O   1 
HETATM 1259 O  O   . HOH D 4 .   ? 0.633   -2.934  -19.925 1.00 68.12 ? 118 HOH A O   1 
HETATM 1260 O  O   . HOH D 4 .   ? 7.490   -9.958  -13.599 1.00 59.84 ? 119 HOH A O   1 
HETATM 1261 O  O   . HOH D 4 .   ? -13.116 6.013   5.935   1.00 49.42 ? 120 HOH A O   1 
HETATM 1262 O  O   . HOH D 4 .   ? -5.893  -14.849 -2.587  1.00 59.78 ? 121 HOH A O   1 
HETATM 1263 O  O   . HOH D 4 .   ? -11.344 6.598   12.984  1.00 47.13 ? 122 HOH A O   1 
HETATM 1264 O  O   . HOH D 4 .   ? -10.918 -5.005  -2.994  1.00 75.25 ? 123 HOH A O   1 
HETATM 1265 O  O   . HOH D 4 .   ? 20.117  0.630   -8.106  1.00 69.87 ? 124 HOH A O   1 
HETATM 1266 O  O   . HOH D 4 .   ? -7.616  -7.077  -7.608  1.00 59.80 ? 125 HOH A O   1 
HETATM 1267 O  O   . HOH D 4 .   ? -11.955 0.791   -3.613  1.00 65.02 ? 126 HOH A O   1 
HETATM 1268 O  O   . HOH D 4 .   ? -12.182 2.288   -1.512  1.00 65.65 ? 127 HOH A O   1 
HETATM 1269 O  O   . HOH D 4 .   ? -11.677 5.353   -12.029 1.00 83.11 ? 128 HOH A O   1 
# 
loop_
_pdbx_poly_seq_scheme.asym_id 
_pdbx_poly_seq_scheme.entity_id 
_pdbx_poly_seq_scheme.seq_id 
_pdbx_poly_seq_scheme.mon_id 
_pdbx_poly_seq_scheme.ndb_seq_num 
_pdbx_poly_seq_scheme.pdb_seq_num 
_pdbx_poly_seq_scheme.auth_seq_num 
_pdbx_poly_seq_scheme.pdb_mon_id 
_pdbx_poly_seq_scheme.auth_mon_id 
_pdbx_poly_seq_scheme.pdb_strand_id 
_pdbx_poly_seq_scheme.pdb_ins_code 
_pdbx_poly_seq_scheme.hetero 
A 1 1   TYR 1   186 ?   ?   ?   A . n 
A 1 2   PRO 2   187 ?   ?   ?   A . n 
A 1 3   HIS 3   188 188 HIS HIS A . n 
A 1 4   PRO 4   189 189 PRO PRO A . n 
A 1 5   ALA 5   190 190 ALA ALA A . n 
A 1 6   TYR 6   191 191 TYR TYR A . n 
A 1 7   PRO 7   192 192 PRO PRO A . n 
A 1 8   MET 8   193 193 MET MET A . n 
A 1 9   PRO 9   194 194 PRO PRO A . n 
A 1 10  PHE 10  195 195 PHE PHE A . n 
A 1 11  ILE 11  196 196 ILE ILE A . n 
A 1 12  THR 12  197 197 THR THR A . n 
A 1 13  THR 13  198 198 THR THR A . n 
A 1 14  ILE 14  199 199 ILE ILE A . n 
A 1 15  LEU 15  200 200 LEU LEU A . n 
A 1 16  GLY 16  201 201 GLY GLY A . n 
A 1 17  GLY 17  202 202 GLY GLY A . n 
A 1 18  LEU 18  203 203 LEU LEU A . n 
A 1 19  TYR 19  204 204 TYR TYR A . n 
A 1 20  PRO 20  205 205 PRO PRO A . n 
A 1 21  SER 21  206 206 SER SER A . n 
A 1 22  LYS 22  207 207 LYS LYS A . n 
A 1 23  SER 23  208 208 SER SER A . n 
A 1 24  ILE 24  209 209 ILE ILE A . n 
A 1 25  LEU 25  210 210 LEU LEU A . n 
A 1 26  LEU 26  211 211 LEU LEU A . n 
A 1 27  SER 27  212 212 SER SER A . n 
A 1 28  GLY 28  213 213 GLY GLY A . n 
A 1 29  THR 29  214 214 THR THR A . n 
A 1 30  VAL 30  215 215 VAL VAL A . n 
A 1 31  LEU 31  216 216 LEU LEU A . n 
A 1 32  PRO 32  217 217 PRO PRO A . n 
A 1 33  SER 33  218 218 SER SER A . n 
A 1 34  ALA 34  219 219 ALA ALA A . n 
A 1 35  GLN 35  220 220 GLN GLN A . n 
A 1 36  ARG 36  221 221 ARG ARG A . n 
A 1 37  PHE 37  222 222 PHE PHE A . n 
A 1 38  HIS 38  223 223 HIS HIS A . n 
A 1 39  ILE 39  224 224 ILE ILE A . n 
A 1 40  ASN 40  225 225 ASN ASN A . n 
A 1 41  LEU 41  226 226 LEU LEU A . n 
A 1 42  CYS 42  227 227 CYS CYS A . n 
A 1 43  SER 43  228 228 SER SER A . n 
A 1 44  GLY 44  229 229 GLY GLY A . n 
A 1 45  ASN 45  230 230 ASN ASN A . n 
A 1 46  HIS 46  231 231 HIS HIS A . n 
A 1 47  ILE 47  232 232 ILE ILE A . n 
A 1 48  ALA 48  233 233 ALA ALA A . n 
A 1 49  PHE 49  234 234 PHE PHE A . n 
A 1 50  HIS 50  235 235 HIS HIS A . n 
A 1 51  LEU 51  236 236 LEU LEU A . n 
A 1 52  ASN 52  237 237 ASN ASN A . n 
A 1 53  PRO 53  238 238 PRO PRO A . n 
A 1 54  ARG 54  239 239 ARG ARG A . n 
A 1 55  PHE 55  240 240 PHE PHE A . n 
A 1 56  ASP 56  241 241 ASP ASP A . n 
A 1 57  GLU 57  242 242 GLU GLU A . n 
A 1 58  ASN 58  243 243 ASN ASN A . n 
A 1 59  ALA 59  244 244 ALA ALA A . n 
A 1 60  VAL 60  245 245 VAL VAL A . n 
A 1 61  VAL 61  246 246 VAL VAL A . n 
A 1 62  ARG 62  247 247 ARG ARG A . n 
A 1 63  ASN 63  248 248 ASN ASN A . n 
A 1 64  THR 64  249 249 THR THR A . n 
A 1 65  GLN 65  250 250 GLN GLN A . n 
A 1 66  ILE 66  251 251 ILE ILE A . n 
A 1 67  ASP 67  252 252 ASP ASP A . n 
A 1 68  ASN 68  253 253 ASN ASN A . n 
A 1 69  SER 69  254 254 SER SER A . n 
A 1 70  TRP 70  255 255 TRP TRP A . n 
A 1 71  GLY 71  256 256 GLY GLY A . n 
A 1 72  SER 72  257 257 SER SER A . n 
A 1 73  GLU 73  258 258 GLU GLU A . n 
A 1 74  GLU 74  259 259 GLU GLU A . n 
A 1 75  ARG 75  260 260 ARG ARG A . n 
A 1 76  SER 76  261 261 SER SER A . n 
A 1 77  LEU 77  262 262 LEU LEU A . n 
A 1 78  PRO 78  263 263 PRO PRO A . n 
A 1 79  ARG 79  264 264 ARG ARG A . n 
A 1 80  LYS 80  265 265 LYS LYS A . n 
A 1 81  MET 81  266 266 MET MET A . n 
A 1 82  PRO 82  267 267 PRO PRO A . n 
A 1 83  PHE 83  268 268 PHE PHE A . n 
A 1 84  VAL 84  269 269 VAL VAL A . n 
A 1 85  ARG 85  270 270 ARG ARG A . n 
A 1 86  GLY 86  271 271 GLY GLY A . n 
A 1 87  GLN 87  272 272 GLN GLN A . n 
A 1 88  SER 88  273 273 SER SER A . n 
A 1 89  PHE 89  274 274 PHE PHE A . n 
A 1 90  SER 90  275 275 SER SER A . n 
A 1 91  VAL 91  276 276 VAL VAL A . n 
A 1 92  TRP 92  277 277 TRP TRP A . n 
A 1 93  ILE 93  278 278 ILE ILE A . n 
A 1 94  LEU 94  279 279 LEU LEU A . n 
A 1 95  CYS 95  280 280 CYS CYS A . n 
A 1 96  GLU 96  281 281 GLU GLU A . n 
A 1 97  ALA 97  282 282 ALA ALA A . n 
A 1 98  HIS 98  283 283 HIS HIS A . n 
A 1 99  CYS 99  284 284 CYS CYS A . n 
A 1 100 LEU 100 285 285 LEU LEU A . n 
A 1 101 LYS 101 286 286 LYS LYS A . n 
A 1 102 VAL 102 287 287 VAL VAL A . n 
A 1 103 ALA 103 288 288 ALA ALA A . n 
A 1 104 VAL 104 289 289 VAL VAL A . n 
A 1 105 ASP 105 290 290 ASP ASP A . n 
A 1 106 GLY 106 291 291 GLY GLY A . n 
A 1 107 GLN 107 292 292 GLN GLN A . n 
A 1 108 HIS 108 293 293 HIS HIS A . n 
A 1 109 LEU 109 294 294 LEU LEU A . n 
A 1 110 PHE 110 295 295 PHE PHE A . n 
A 1 111 GLU 111 296 296 GLU GLU A . n 
A 1 112 TYR 112 297 297 TYR TYR A . n 
A 1 113 TYR 113 298 298 TYR TYR A . n 
A 1 114 HIS 114 299 299 HIS HIS A . n 
A 1 115 ARG 115 300 300 ARG ARG A . n 
A 1 116 LEU 116 301 301 LEU LEU A . n 
A 1 117 ARG 117 302 302 ARG ARG A . n 
A 1 118 ASN 118 303 303 ASN ASN A . n 
A 1 119 LEU 119 304 304 LEU LEU A . n 
A 1 120 PRO 120 305 305 PRO PRO A . n 
A 1 121 THR 121 306 306 THR THR A . n 
A 1 122 ILE 122 307 307 ILE ILE A . n 
A 1 123 ASN 123 308 308 ASN ASN A . n 
A 1 124 ARG 124 309 309 ARG ARG A . n 
A 1 125 LEU 125 310 310 LEU LEU A . n 
A 1 126 GLU 126 311 311 GLU GLU A . n 
A 1 127 VAL 127 312 312 VAL VAL A . n 
A 1 128 GLY 128 313 313 GLY GLY A . n 
A 1 129 GLY 129 314 314 GLY GLY A . n 
A 1 130 ASP 130 315 315 ASP ASP A . n 
A 1 131 ILE 131 316 316 ILE ILE A . n 
A 1 132 GLN 132 317 317 GLN GLN A . n 
A 1 133 LEU 133 318 318 LEU LEU A . n 
A 1 134 THR 134 319 319 THR THR A . n 
A 1 135 HIS 135 320 320 HIS HIS A . n 
A 1 136 VAL 136 321 321 VAL VAL A . n 
A 1 137 GLN 137 322 322 GLN GLN A . n 
A 1 138 THR 138 323 323 THR THR A . n 
# 
loop_
_pdbx_nonpoly_scheme.asym_id 
_pdbx_nonpoly_scheme.entity_id 
_pdbx_nonpoly_scheme.mon_id 
_pdbx_nonpoly_scheme.ndb_seq_num 
_pdbx_nonpoly_scheme.pdb_seq_num 
_pdbx_nonpoly_scheme.auth_seq_num 
_pdbx_nonpoly_scheme.pdb_mon_id 
_pdbx_nonpoly_scheme.auth_mon_id 
_pdbx_nonpoly_scheme.pdb_strand_id 
_pdbx_nonpoly_scheme.pdb_ins_code 
C 3 NI  1   401 401 NI  NI2 A . 
D 4 HOH 1   1   1   HOH HOH A . 
D 4 HOH 2   2   2   HOH HOH A . 
D 4 HOH 3   3   3   HOH HOH A . 
D 4 HOH 4   4   4   HOH HOH A . 
D 4 HOH 5   5   5   HOH HOH A . 
D 4 HOH 6   6   6   HOH HOH A . 
D 4 HOH 7   7   7   HOH HOH A . 
D 4 HOH 8   8   8   HOH HOH A . 
D 4 HOH 9   9   9   HOH HOH A . 
D 4 HOH 10  10  10  HOH HOH A . 
D 4 HOH 11  11  11  HOH HOH A . 
D 4 HOH 12  12  12  HOH HOH A . 
D 4 HOH 13  13  13  HOH HOH A . 
D 4 HOH 14  14  14  HOH HOH A . 
D 4 HOH 15  15  15  HOH HOH A . 
D 4 HOH 16  16  16  HOH HOH A . 
D 4 HOH 17  17  17  HOH HOH A . 
D 4 HOH 18  18  18  HOH HOH A . 
D 4 HOH 19  19  19  HOH HOH A . 
D 4 HOH 20  20  20  HOH HOH A . 
D 4 HOH 21  21  21  HOH HOH A . 
D 4 HOH 22  22  22  HOH HOH A . 
D 4 HOH 23  23  23  HOH HOH A . 
D 4 HOH 24  24  24  HOH HOH A . 
D 4 HOH 25  25  25  HOH HOH A . 
D 4 HOH 26  26  26  HOH HOH A . 
D 4 HOH 27  27  27  HOH HOH A . 
D 4 HOH 28  28  28  HOH HOH A . 
D 4 HOH 29  29  29  HOH HOH A . 
D 4 HOH 30  30  30  HOH HOH A . 
D 4 HOH 31  31  31  HOH HOH A . 
D 4 HOH 32  32  32  HOH HOH A . 
D 4 HOH 33  33  33  HOH HOH A . 
D 4 HOH 34  34  34  HOH HOH A . 
D 4 HOH 35  35  35  HOH HOH A . 
D 4 HOH 36  36  36  HOH HOH A . 
D 4 HOH 37  37  37  HOH HOH A . 
D 4 HOH 38  38  38  HOH HOH A . 
D 4 HOH 39  39  39  HOH HOH A . 
D 4 HOH 40  40  40  HOH HOH A . 
D 4 HOH 41  41  41  HOH HOH A . 
D 4 HOH 42  42  42  HOH HOH A . 
D 4 HOH 43  43  43  HOH HOH A . 
D 4 HOH 44  44  44  HOH HOH A . 
D 4 HOH 45  45  45  HOH HOH A . 
D 4 HOH 46  46  46  HOH HOH A . 
D 4 HOH 47  47  47  HOH HOH A . 
D 4 HOH 48  48  48  HOH HOH A . 
D 4 HOH 49  49  49  HOH HOH A . 
D 4 HOH 50  50  50  HOH HOH A . 
D 4 HOH 51  51  51  HOH HOH A . 
D 4 HOH 52  52  52  HOH HOH A . 
D 4 HOH 53  53  53  HOH HOH A . 
D 4 HOH 54  54  54  HOH HOH A . 
D 4 HOH 55  55  55  HOH HOH A . 
D 4 HOH 56  56  56  HOH HOH A . 
D 4 HOH 57  57  57  HOH HOH A . 
D 4 HOH 58  58  58  HOH HOH A . 
D 4 HOH 59  59  59  HOH HOH A . 
D 4 HOH 60  60  60  HOH HOH A . 
D 4 HOH 61  61  61  HOH HOH A . 
D 4 HOH 62  62  62  HOH HOH A . 
D 4 HOH 63  63  63  HOH HOH A . 
D 4 HOH 64  64  64  HOH HOH A . 
D 4 HOH 65  65  65  HOH HOH A . 
D 4 HOH 66  66  66  HOH HOH A . 
D 4 HOH 67  67  67  HOH HOH A . 
D 4 HOH 68  68  68  HOH HOH A . 
D 4 HOH 69  69  69  HOH HOH A . 
D 4 HOH 70  70  70  HOH HOH A . 
D 4 HOH 71  71  71  HOH HOH A . 
D 4 HOH 72  72  72  HOH HOH A . 
D 4 HOH 73  73  73  HOH HOH A . 
D 4 HOH 74  74  74  HOH HOH A . 
D 4 HOH 75  75  75  HOH HOH A . 
D 4 HOH 76  76  76  HOH HOH A . 
D 4 HOH 77  77  77  HOH HOH A . 
D 4 HOH 78  78  78  HOH HOH A . 
D 4 HOH 79  79  79  HOH HOH A . 
D 4 HOH 80  80  80  HOH HOH A . 
D 4 HOH 81  81  81  HOH HOH A . 
D 4 HOH 82  82  82  HOH HOH A . 
D 4 HOH 83  83  83  HOH HOH A . 
D 4 HOH 84  84  84  HOH HOH A . 
D 4 HOH 85  85  85  HOH HOH A . 
D 4 HOH 86  86  86  HOH HOH A . 
D 4 HOH 87  87  87  HOH HOH A . 
D 4 HOH 88  88  88  HOH HOH A . 
D 4 HOH 89  89  89  HOH HOH A . 
D 4 HOH 90  90  90  HOH HOH A . 
D 4 HOH 91  91  91  HOH HOH A . 
D 4 HOH 92  92  92  HOH HOH A . 
D 4 HOH 93  93  93  HOH HOH A . 
D 4 HOH 94  94  94  HOH HOH A . 
D 4 HOH 95  95  95  HOH HOH A . 
D 4 HOH 96  96  96  HOH HOH A . 
D 4 HOH 97  97  97  HOH HOH A . 
D 4 HOH 98  98  98  HOH HOH A . 
D 4 HOH 99  99  99  HOH HOH A . 
D 4 HOH 100 100 100 HOH HOH A . 
D 4 HOH 101 101 101 HOH HOH A . 
D 4 HOH 102 102 102 HOH HOH A . 
D 4 HOH 103 103 103 HOH HOH A . 
D 4 HOH 104 104 104 HOH HOH A . 
D 4 HOH 105 105 105 HOH HOH A . 
D 4 HOH 106 106 106 HOH HOH A . 
D 4 HOH 107 107 107 HOH HOH A . 
D 4 HOH 108 108 108 HOH HOH A . 
D 4 HOH 109 109 109 HOH HOH A . 
D 4 HOH 110 110 110 HOH HOH A . 
D 4 HOH 111 111 111 HOH HOH A . 
D 4 HOH 112 112 112 HOH HOH A . 
D 4 HOH 113 113 113 HOH HOH A . 
D 4 HOH 114 114 114 HOH HOH A . 
D 4 HOH 115 115 115 HOH HOH A . 
D 4 HOH 116 116 116 HOH HOH A . 
D 4 HOH 117 117 117 HOH HOH A . 
D 4 HOH 118 118 118 HOH HOH A . 
D 4 HOH 119 119 119 HOH HOH A . 
D 4 HOH 120 120 120 HOH HOH A . 
D 4 HOH 121 121 121 HOH HOH A . 
D 4 HOH 122 122 122 HOH HOH A . 
D 4 HOH 123 123 123 HOH HOH A . 
D 4 HOH 124 124 124 HOH HOH A . 
D 4 HOH 125 125 125 HOH HOH A . 
D 4 HOH 126 126 126 HOH HOH A . 
D 4 HOH 127 127 127 HOH HOH A . 
D 4 HOH 128 128 128 HOH HOH A . 
# 
_pdbx_struct_assembly.id                   1 
_pdbx_struct_assembly.details              software_defined_assembly 
_pdbx_struct_assembly.method_details       PISA 
_pdbx_struct_assembly.oligomeric_details   monomeric 
_pdbx_struct_assembly.oligomeric_count     1 
# 
_pdbx_struct_assembly_gen.assembly_id       1 
_pdbx_struct_assembly_gen.oper_expression   1 
_pdbx_struct_assembly_gen.asym_id_list      A,B,C,D 
# 
_pdbx_struct_oper_list.id                   1 
_pdbx_struct_oper_list.type                 'identity operation' 
_pdbx_struct_oper_list.name                 1_555 
_pdbx_struct_oper_list.symmetry_operation   x,y,z 
_pdbx_struct_oper_list.matrix[1][1]         1.0000000000 
_pdbx_struct_oper_list.matrix[1][2]         0.0000000000 
_pdbx_struct_oper_list.matrix[1][3]         0.0000000000 
_pdbx_struct_oper_list.vector[1]            0.0000000000 
_pdbx_struct_oper_list.matrix[2][1]         0.0000000000 
_pdbx_struct_oper_list.matrix[2][2]         1.0000000000 
_pdbx_struct_oper_list.matrix[2][3]         0.0000000000 
_pdbx_struct_oper_list.vector[2]            0.0000000000 
_pdbx_struct_oper_list.matrix[3][1]         0.0000000000 
_pdbx_struct_oper_list.matrix[3][2]         0.0000000000 
_pdbx_struct_oper_list.matrix[3][3]         1.0000000000 
_pdbx_struct_oper_list.vector[3]            0.0000000000 
# 
_pdbx_struct_special_symmetry.id              1 
_pdbx_struct_special_symmetry.PDB_model_num   1 
_pdbx_struct_special_symmetry.auth_asym_id    A 
_pdbx_struct_special_symmetry.auth_comp_id    NI 
_pdbx_struct_special_symmetry.auth_seq_id     401 
_pdbx_struct_special_symmetry.PDB_ins_code    ? 
_pdbx_struct_special_symmetry.label_asym_id   C 
_pdbx_struct_special_symmetry.label_comp_id   NI 
_pdbx_struct_special_symmetry.label_seq_id    . 
# 
_pdbx_struct_conn_angle.id                    1 
_pdbx_struct_conn_angle.ptnr1_label_atom_id   O 
_pdbx_struct_conn_angle.ptnr1_label_alt_id    ? 
_pdbx_struct_conn_angle.ptnr1_label_asym_id   D 
_pdbx_struct_conn_angle.ptnr1_label_comp_id   HOH 
_pdbx_struct_conn_angle.ptnr1_label_seq_id    . 
_pdbx_struct_conn_angle.ptnr1_auth_atom_id    ? 
_pdbx_struct_conn_angle.ptnr1_auth_asym_id    A 
_pdbx_struct_conn_angle.ptnr1_auth_comp_id    HOH 
_pdbx_struct_conn_angle.ptnr1_auth_seq_id     12 
_pdbx_struct_conn_angle.ptnr1_PDB_ins_code    ? 
_pdbx_struct_conn_angle.ptnr1_symmetry        1_555 
_pdbx_struct_conn_angle.ptnr2_label_atom_id   NI 
_pdbx_struct_conn_angle.ptnr2_label_alt_id    ? 
_pdbx_struct_conn_angle.ptnr2_label_asym_id   C 
_pdbx_struct_conn_angle.ptnr2_label_comp_id   NI 
_pdbx_struct_conn_angle.ptnr2_label_seq_id    . 
_pdbx_struct_conn_angle.ptnr2_auth_atom_id    ? 
_pdbx_struct_conn_angle.ptnr2_auth_asym_id    A 
_pdbx_struct_conn_angle.ptnr2_auth_comp_id    NI 
_pdbx_struct_conn_angle.ptnr2_auth_seq_id     401 
_pdbx_struct_conn_angle.ptnr2_PDB_ins_code    ? 
_pdbx_struct_conn_angle.ptnr2_symmetry        1_555 
_pdbx_struct_conn_angle.ptnr3_label_atom_id   NE2 
_pdbx_struct_conn_angle.ptnr3_label_alt_id    ? 
_pdbx_struct_conn_angle.ptnr3_label_asym_id   A 
_pdbx_struct_conn_angle.ptnr3_label_comp_id   HIS 
_pdbx_struct_conn_angle.ptnr3_label_seq_id    135 
_pdbx_struct_conn_angle.ptnr3_auth_atom_id    ? 
_pdbx_struct_conn_angle.ptnr3_auth_asym_id    A 
_pdbx_struct_conn_angle.ptnr3_auth_comp_id    HIS 
_pdbx_struct_conn_angle.ptnr3_auth_seq_id     320 
_pdbx_struct_conn_angle.ptnr3_PDB_ins_code    ? 
_pdbx_struct_conn_angle.ptnr3_symmetry        1_555 
_pdbx_struct_conn_angle.value                 91.3 
_pdbx_struct_conn_angle.value_esd             ? 
# 
loop_
_pdbx_audit_revision_history.ordinal 
_pdbx_audit_revision_history.data_content_type 
_pdbx_audit_revision_history.major_revision 
_pdbx_audit_revision_history.minor_revision 
_pdbx_audit_revision_history.revision_date 
1 'Structure model' 1 0 2010-09-22 
2 'Structure model' 1 1 2011-07-13 
3 'Structure model' 2 0 2020-07-29 
4 'Structure model' 2 1 2023-11-01 
# 
loop_
_pdbx_audit_revision_details.ordinal 
_pdbx_audit_revision_details.revision_ordinal 
_pdbx_audit_revision_details.data_content_type 
_pdbx_audit_revision_details.provider 
_pdbx_audit_revision_details.type 
_pdbx_audit_revision_details.description 
_pdbx_audit_revision_details.details 
1 1 'Structure model' repository 'Initial release' ?                          ? 
2 3 'Structure model' repository Remediation       'Carbohydrate remediation' ? 
# 
loop_
_pdbx_audit_revision_group.ordinal 
_pdbx_audit_revision_group.revision_ordinal 
_pdbx_audit_revision_group.data_content_type 
_pdbx_audit_revision_group.group 
1 2 'Structure model' 'Version format compliance' 
2 3 'Structure model' 'Atomic model'              
3 3 'Structure model' 'Data collection'           
4 3 'Structure model' 'Derived calculations'      
5 3 'Structure model' 'Structure summary'         
6 4 'Structure model' 'Data collection'           
7 4 'Structure model' 'Database references'       
8 4 'Structure model' 'Refinement description'    
9 4 'Structure model' 'Structure summary'         
# 
loop_
_pdbx_audit_revision_category.ordinal 
_pdbx_audit_revision_category.revision_ordinal 
_pdbx_audit_revision_category.data_content_type 
_pdbx_audit_revision_category.category 
1  3 'Structure model' atom_site                     
2  3 'Structure model' chem_comp                     
3  3 'Structure model' entity                        
4  3 'Structure model' pdbx_branch_scheme            
5  3 'Structure model' pdbx_chem_comp_identifier     
6  3 'Structure model' pdbx_entity_branch            
7  3 'Structure model' pdbx_entity_branch_descriptor 
8  3 'Structure model' pdbx_entity_branch_link       
9  3 'Structure model' pdbx_entity_branch_list       
10 3 'Structure model' pdbx_entity_nonpoly           
11 3 'Structure model' pdbx_nonpoly_scheme           
12 3 'Structure model' pdbx_struct_assembly_gen      
13 3 'Structure model' pdbx_struct_conn_angle        
14 3 'Structure model' pdbx_struct_special_symmetry  
15 3 'Structure model' struct_asym                   
16 3 'Structure model' struct_conn                   
17 3 'Structure model' struct_site                   
18 3 'Structure model' struct_site_gen               
19 4 'Structure model' chem_comp                     
20 4 'Structure model' chem_comp_atom                
21 4 'Structure model' chem_comp_bond                
22 4 'Structure model' database_2                    
23 4 'Structure model' pdbx_initial_refinement_model 
# 
loop_
_pdbx_audit_revision_item.ordinal 
_pdbx_audit_revision_item.revision_ordinal 
_pdbx_audit_revision_item.data_content_type 
_pdbx_audit_revision_item.item 
1  3 'Structure model' '_atom_site.B_iso_or_equiv'                   
2  3 'Structure model' '_atom_site.Cartn_x'                          
3  3 'Structure model' '_atom_site.Cartn_y'                          
4  3 'Structure model' '_atom_site.Cartn_z'                          
5  3 'Structure model' '_atom_site.auth_asym_id'                     
6  3 'Structure model' '_atom_site.auth_atom_id'                     
7  3 'Structure model' '_atom_site.auth_comp_id'                     
8  3 'Structure model' '_atom_site.auth_seq_id'                      
9  3 'Structure model' '_atom_site.label_asym_id'                    
10 3 'Structure model' '_atom_site.label_atom_id'                    
11 3 'Structure model' '_atom_site.label_comp_id'                    
12 3 'Structure model' '_atom_site.label_entity_id'                  
13 3 'Structure model' '_atom_site.occupancy'                        
14 3 'Structure model' '_atom_site.type_symbol'                      
15 3 'Structure model' '_chem_comp.name'                             
16 3 'Structure model' '_chem_comp.type'                             
17 3 'Structure model' '_pdbx_struct_assembly_gen.asym_id_list'      
18 3 'Structure model' '_pdbx_struct_conn_angle.ptnr1_label_asym_id' 
19 3 'Structure model' '_pdbx_struct_conn_angle.ptnr2_label_asym_id' 
20 3 'Structure model' '_pdbx_struct_special_symmetry.label_asym_id' 
21 3 'Structure model' '_struct_conn.pdbx_leaving_atom_flag'         
22 3 'Structure model' '_struct_conn.ptnr1_auth_asym_id'             
23 3 'Structure model' '_struct_conn.ptnr1_auth_comp_id'             
24 3 'Structure model' '_struct_conn.ptnr1_auth_seq_id'              
25 3 'Structure model' '_struct_conn.ptnr1_label_asym_id'            
26 3 'Structure model' '_struct_conn.ptnr1_label_atom_id'            
27 3 'Structure model' '_struct_conn.ptnr1_label_comp_id'            
28 3 'Structure model' '_struct_conn.ptnr2_auth_asym_id'             
29 3 'Structure model' '_struct_conn.ptnr2_auth_comp_id'             
30 3 'Structure model' '_struct_conn.ptnr2_auth_seq_id'              
31 3 'Structure model' '_struct_conn.ptnr2_label_asym_id'            
32 3 'Structure model' '_struct_conn.ptnr2_label_atom_id'            
33 3 'Structure model' '_struct_conn.ptnr2_label_comp_id'            
34 4 'Structure model' '_chem_comp.pdbx_synonyms'                    
35 4 'Structure model' '_database_2.pdbx_DOI'                        
36 4 'Structure model' '_database_2.pdbx_database_accession'         
# 
loop_
_software.name 
_software.classification 
_software.version 
_software.citation_id 
_software.pdbx_ordinal 
ADSC     'data collection' Quantum ? 1 
MOLREP   phasing           .       ? 2 
CNS      refinement        1.1     ? 3 
HKL-2000 'data reduction'  .       ? 4 
HKL-2000 'data scaling'    .       ? 5 
# 
_pdbx_entry_details.entry_id                 3NV4 
_pdbx_entry_details.nonpolymer_details       'THE LIGANDS SIA, GAL AND GLC FORM SIALYLLACTOSE.' 
_pdbx_entry_details.sequence_details         ? 
_pdbx_entry_details.compound_details         ? 
_pdbx_entry_details.source_details           ? 
_pdbx_entry_details.has_ligand_of_interest   ? 
# 
loop_
_pdbx_validate_torsion.id 
_pdbx_validate_torsion.PDB_model_num 
_pdbx_validate_torsion.auth_comp_id 
_pdbx_validate_torsion.auth_asym_id 
_pdbx_validate_torsion.auth_seq_id 
_pdbx_validate_torsion.PDB_ins_code 
_pdbx_validate_torsion.label_alt_id 
_pdbx_validate_torsion.phi 
_pdbx_validate_torsion.psi 
1 1 PRO A 189 ? ? -76.49 -154.38 
2 1 SER A 206 ? ? 86.86  -6.10   
3 1 ASP A 252 ? ? 65.40  -122.21 
# 
loop_
_pdbx_unobs_or_zero_occ_residues.id 
_pdbx_unobs_or_zero_occ_residues.PDB_model_num 
_pdbx_unobs_or_zero_occ_residues.polymer_flag 
_pdbx_unobs_or_zero_occ_residues.occupancy_flag 
_pdbx_unobs_or_zero_occ_residues.auth_asym_id 
_pdbx_unobs_or_zero_occ_residues.auth_comp_id 
_pdbx_unobs_or_zero_occ_residues.auth_seq_id 
_pdbx_unobs_or_zero_occ_residues.PDB_ins_code 
_pdbx_unobs_or_zero_occ_residues.label_asym_id 
_pdbx_unobs_or_zero_occ_residues.label_comp_id 
_pdbx_unobs_or_zero_occ_residues.label_seq_id 
1 1 Y 1 A TYR 186 ? A TYR 1 
2 1 Y 1 A PRO 187 ? A PRO 2 
# 
loop_
_chem_comp_atom.comp_id 
_chem_comp_atom.atom_id 
_chem_comp_atom.type_symbol 
_chem_comp_atom.pdbx_aromatic_flag 
_chem_comp_atom.pdbx_stereo_config 
_chem_comp_atom.pdbx_ordinal 
ALA N    N  N N 1   
ALA CA   C  N S 2   
ALA C    C  N N 3   
ALA O    O  N N 4   
ALA CB   C  N N 5   
ALA OXT  O  N N 6   
ALA H    H  N N 7   
ALA H2   H  N N 8   
ALA HA   H  N N 9   
ALA HB1  H  N N 10  
ALA HB2  H  N N 11  
ALA HB3  H  N N 12  
ALA HXT  H  N N 13  
ARG N    N  N N 14  
ARG CA   C  N S 15  
ARG C    C  N N 16  
ARG O    O  N N 17  
ARG CB   C  N N 18  
ARG CG   C  N N 19  
ARG CD   C  N N 20  
ARG NE   N  N N 21  
ARG CZ   C  N N 22  
ARG NH1  N  N N 23  
ARG NH2  N  N N 24  
ARG OXT  O  N N 25  
ARG H    H  N N 26  
ARG H2   H  N N 27  
ARG HA   H  N N 28  
ARG HB2  H  N N 29  
ARG HB3  H  N N 30  
ARG HG2  H  N N 31  
ARG HG3  H  N N 32  
ARG HD2  H  N N 33  
ARG HD3  H  N N 34  
ARG HE   H  N N 35  
ARG HH11 H  N N 36  
ARG HH12 H  N N 37  
ARG HH21 H  N N 38  
ARG HH22 H  N N 39  
ARG HXT  H  N N 40  
ASN N    N  N N 41  
ASN CA   C  N S 42  
ASN C    C  N N 43  
ASN O    O  N N 44  
ASN CB   C  N N 45  
ASN CG   C  N N 46  
ASN OD1  O  N N 47  
ASN ND2  N  N N 48  
ASN OXT  O  N N 49  
ASN H    H  N N 50  
ASN H2   H  N N 51  
ASN HA   H  N N 52  
ASN HB2  H  N N 53  
ASN HB3  H  N N 54  
ASN HD21 H  N N 55  
ASN HD22 H  N N 56  
ASN HXT  H  N N 57  
ASP N    N  N N 58  
ASP CA   C  N S 59  
ASP C    C  N N 60  
ASP O    O  N N 61  
ASP CB   C  N N 62  
ASP CG   C  N N 63  
ASP OD1  O  N N 64  
ASP OD2  O  N N 65  
ASP OXT  O  N N 66  
ASP H    H  N N 67  
ASP H2   H  N N 68  
ASP HA   H  N N 69  
ASP HB2  H  N N 70  
ASP HB3  H  N N 71  
ASP HD2  H  N N 72  
ASP HXT  H  N N 73  
BGC C2   C  N R 74  
BGC C3   C  N S 75  
BGC C4   C  N S 76  
BGC C5   C  N R 77  
BGC C6   C  N N 78  
BGC C1   C  N R 79  
BGC O1   O  N N 80  
BGC O2   O  N N 81  
BGC O3   O  N N 82  
BGC O4   O  N N 83  
BGC O5   O  N N 84  
BGC O6   O  N N 85  
BGC H2   H  N N 86  
BGC H3   H  N N 87  
BGC H4   H  N N 88  
BGC H5   H  N N 89  
BGC H61  H  N N 90  
BGC H62  H  N N 91  
BGC H1   H  N N 92  
BGC HO1  H  N N 93  
BGC HO2  H  N N 94  
BGC HO3  H  N N 95  
BGC HO4  H  N N 96  
BGC HO6  H  N N 97  
CYS N    N  N N 98  
CYS CA   C  N R 99  
CYS C    C  N N 100 
CYS O    O  N N 101 
CYS CB   C  N N 102 
CYS SG   S  N N 103 
CYS OXT  O  N N 104 
CYS H    H  N N 105 
CYS H2   H  N N 106 
CYS HA   H  N N 107 
CYS HB2  H  N N 108 
CYS HB3  H  N N 109 
CYS HG   H  N N 110 
CYS HXT  H  N N 111 
GAL C1   C  N R 112 
GAL C2   C  N R 113 
GAL C3   C  N S 114 
GAL C4   C  N R 115 
GAL C5   C  N R 116 
GAL C6   C  N N 117 
GAL O1   O  N N 118 
GAL O2   O  N N 119 
GAL O3   O  N N 120 
GAL O4   O  N N 121 
GAL O5   O  N N 122 
GAL O6   O  N N 123 
GAL H1   H  N N 124 
GAL H2   H  N N 125 
GAL H3   H  N N 126 
GAL H4   H  N N 127 
GAL H5   H  N N 128 
GAL H61  H  N N 129 
GAL H62  H  N N 130 
GAL HO1  H  N N 131 
GAL HO2  H  N N 132 
GAL HO3  H  N N 133 
GAL HO4  H  N N 134 
GAL HO6  H  N N 135 
GLN N    N  N N 136 
GLN CA   C  N S 137 
GLN C    C  N N 138 
GLN O    O  N N 139 
GLN CB   C  N N 140 
GLN CG   C  N N 141 
GLN CD   C  N N 142 
GLN OE1  O  N N 143 
GLN NE2  N  N N 144 
GLN OXT  O  N N 145 
GLN H    H  N N 146 
GLN H2   H  N N 147 
GLN HA   H  N N 148 
GLN HB2  H  N N 149 
GLN HB3  H  N N 150 
GLN HG2  H  N N 151 
GLN HG3  H  N N 152 
GLN HE21 H  N N 153 
GLN HE22 H  N N 154 
GLN HXT  H  N N 155 
GLU N    N  N N 156 
GLU CA   C  N S 157 
GLU C    C  N N 158 
GLU O    O  N N 159 
GLU CB   C  N N 160 
GLU CG   C  N N 161 
GLU CD   C  N N 162 
GLU OE1  O  N N 163 
GLU OE2  O  N N 164 
GLU OXT  O  N N 165 
GLU H    H  N N 166 
GLU H2   H  N N 167 
GLU HA   H  N N 168 
GLU HB2  H  N N 169 
GLU HB3  H  N N 170 
GLU HG2  H  N N 171 
GLU HG3  H  N N 172 
GLU HE2  H  N N 173 
GLU HXT  H  N N 174 
GLY N    N  N N 175 
GLY CA   C  N N 176 
GLY C    C  N N 177 
GLY O    O  N N 178 
GLY OXT  O  N N 179 
GLY H    H  N N 180 
GLY H2   H  N N 181 
GLY HA2  H  N N 182 
GLY HA3  H  N N 183 
GLY HXT  H  N N 184 
HIS N    N  N N 185 
HIS CA   C  N S 186 
HIS C    C  N N 187 
HIS O    O  N N 188 
HIS CB   C  N N 189 
HIS CG   C  Y N 190 
HIS ND1  N  Y N 191 
HIS CD2  C  Y N 192 
HIS CE1  C  Y N 193 
HIS NE2  N  Y N 194 
HIS OXT  O  N N 195 
HIS H    H  N N 196 
HIS H2   H  N N 197 
HIS HA   H  N N 198 
HIS HB2  H  N N 199 
HIS HB3  H  N N 200 
HIS HD1  H  N N 201 
HIS HD2  H  N N 202 
HIS HE1  H  N N 203 
HIS HE2  H  N N 204 
HIS HXT  H  N N 205 
HOH O    O  N N 206 
HOH H1   H  N N 207 
HOH H2   H  N N 208 
ILE N    N  N N 209 
ILE CA   C  N S 210 
ILE C    C  N N 211 
ILE O    O  N N 212 
ILE CB   C  N S 213 
ILE CG1  C  N N 214 
ILE CG2  C  N N 215 
ILE CD1  C  N N 216 
ILE OXT  O  N N 217 
ILE H    H  N N 218 
ILE H2   H  N N 219 
ILE HA   H  N N 220 
ILE HB   H  N N 221 
ILE HG12 H  N N 222 
ILE HG13 H  N N 223 
ILE HG21 H  N N 224 
ILE HG22 H  N N 225 
ILE HG23 H  N N 226 
ILE HD11 H  N N 227 
ILE HD12 H  N N 228 
ILE HD13 H  N N 229 
ILE HXT  H  N N 230 
LEU N    N  N N 231 
LEU CA   C  N S 232 
LEU C    C  N N 233 
LEU O    O  N N 234 
LEU CB   C  N N 235 
LEU CG   C  N N 236 
LEU CD1  C  N N 237 
LEU CD2  C  N N 238 
LEU OXT  O  N N 239 
LEU H    H  N N 240 
LEU H2   H  N N 241 
LEU HA   H  N N 242 
LEU HB2  H  N N 243 
LEU HB3  H  N N 244 
LEU HG   H  N N 245 
LEU HD11 H  N N 246 
LEU HD12 H  N N 247 
LEU HD13 H  N N 248 
LEU HD21 H  N N 249 
LEU HD22 H  N N 250 
LEU HD23 H  N N 251 
LEU HXT  H  N N 252 
LYS N    N  N N 253 
LYS CA   C  N S 254 
LYS C    C  N N 255 
LYS O    O  N N 256 
LYS CB   C  N N 257 
LYS CG   C  N N 258 
LYS CD   C  N N 259 
LYS CE   C  N N 260 
LYS NZ   N  N N 261 
LYS OXT  O  N N 262 
LYS H    H  N N 263 
LYS H2   H  N N 264 
LYS HA   H  N N 265 
LYS HB2  H  N N 266 
LYS HB3  H  N N 267 
LYS HG2  H  N N 268 
LYS HG3  H  N N 269 
LYS HD2  H  N N 270 
LYS HD3  H  N N 271 
LYS HE2  H  N N 272 
LYS HE3  H  N N 273 
LYS HZ1  H  N N 274 
LYS HZ2  H  N N 275 
LYS HZ3  H  N N 276 
LYS HXT  H  N N 277 
MET N    N  N N 278 
MET CA   C  N S 279 
MET C    C  N N 280 
MET O    O  N N 281 
MET CB   C  N N 282 
MET CG   C  N N 283 
MET SD   S  N N 284 
MET CE   C  N N 285 
MET OXT  O  N N 286 
MET H    H  N N 287 
MET H2   H  N N 288 
MET HA   H  N N 289 
MET HB2  H  N N 290 
MET HB3  H  N N 291 
MET HG2  H  N N 292 
MET HG3  H  N N 293 
MET HE1  H  N N 294 
MET HE2  H  N N 295 
MET HE3  H  N N 296 
MET HXT  H  N N 297 
NI  NI   NI N N 298 
PHE N    N  N N 299 
PHE CA   C  N S 300 
PHE C    C  N N 301 
PHE O    O  N N 302 
PHE CB   C  N N 303 
PHE CG   C  Y N 304 
PHE CD1  C  Y N 305 
PHE CD2  C  Y N 306 
PHE CE1  C  Y N 307 
PHE CE2  C  Y N 308 
PHE CZ   C  Y N 309 
PHE OXT  O  N N 310 
PHE H    H  N N 311 
PHE H2   H  N N 312 
PHE HA   H  N N 313 
PHE HB2  H  N N 314 
PHE HB3  H  N N 315 
PHE HD1  H  N N 316 
PHE HD2  H  N N 317 
PHE HE1  H  N N 318 
PHE HE2  H  N N 319 
PHE HZ   H  N N 320 
PHE HXT  H  N N 321 
PRO N    N  N N 322 
PRO CA   C  N S 323 
PRO C    C  N N 324 
PRO O    O  N N 325 
PRO CB   C  N N 326 
PRO CG   C  N N 327 
PRO CD   C  N N 328 
PRO OXT  O  N N 329 
PRO H    H  N N 330 
PRO HA   H  N N 331 
PRO HB2  H  N N 332 
PRO HB3  H  N N 333 
PRO HG2  H  N N 334 
PRO HG3  H  N N 335 
PRO HD2  H  N N 336 
PRO HD3  H  N N 337 
PRO HXT  H  N N 338 
SER N    N  N N 339 
SER CA   C  N S 340 
SER C    C  N N 341 
SER O    O  N N 342 
SER CB   C  N N 343 
SER OG   O  N N 344 
SER OXT  O  N N 345 
SER H    H  N N 346 
SER H2   H  N N 347 
SER HA   H  N N 348 
SER HB2  H  N N 349 
SER HB3  H  N N 350 
SER HG   H  N N 351 
SER HXT  H  N N 352 
SIA C1   C  N N 353 
SIA C2   C  N R 354 
SIA C3   C  N N 355 
SIA C4   C  N S 356 
SIA C5   C  N R 357 
SIA C6   C  N R 358 
SIA C7   C  N R 359 
SIA C8   C  N R 360 
SIA C9   C  N N 361 
SIA C10  C  N N 362 
SIA C11  C  N N 363 
SIA N5   N  N N 364 
SIA O1A  O  N N 365 
SIA O1B  O  N N 366 
SIA O2   O  N N 367 
SIA O4   O  N N 368 
SIA O6   O  N N 369 
SIA O7   O  N N 370 
SIA O8   O  N N 371 
SIA O9   O  N N 372 
SIA O10  O  N N 373 
SIA H32  H  N N 374 
SIA H31  H  N N 375 
SIA H4   H  N N 376 
SIA H5   H  N N 377 
SIA H6   H  N N 378 
SIA H7   H  N N 379 
SIA H8   H  N N 380 
SIA H92  H  N N 381 
SIA H91  H  N N 382 
SIA H111 H  N N 383 
SIA H113 H  N N 384 
SIA H112 H  N N 385 
SIA HN5  H  N N 386 
SIA HO1B H  N N 387 
SIA HO2  H  N N 388 
SIA HO4  H  N N 389 
SIA HO7  H  N N 390 
SIA HO8  H  N N 391 
SIA HO9  H  N N 392 
THR N    N  N N 393 
THR CA   C  N S 394 
THR C    C  N N 395 
THR O    O  N N 396 
THR CB   C  N R 397 
THR OG1  O  N N 398 
THR CG2  C  N N 399 
THR OXT  O  N N 400 
THR H    H  N N 401 
THR H2   H  N N 402 
THR HA   H  N N 403 
THR HB   H  N N 404 
THR HG1  H  N N 405 
THR HG21 H  N N 406 
THR HG22 H  N N 407 
THR HG23 H  N N 408 
THR HXT  H  N N 409 
TRP N    N  N N 410 
TRP CA   C  N S 411 
TRP C    C  N N 412 
TRP O    O  N N 413 
TRP CB   C  N N 414 
TRP CG   C  Y N 415 
TRP CD1  C  Y N 416 
TRP CD2  C  Y N 417 
TRP NE1  N  Y N 418 
TRP CE2  C  Y N 419 
TRP CE3  C  Y N 420 
TRP CZ2  C  Y N 421 
TRP CZ3  C  Y N 422 
TRP CH2  C  Y N 423 
TRP OXT  O  N N 424 
TRP H    H  N N 425 
TRP H2   H  N N 426 
TRP HA   H  N N 427 
TRP HB2  H  N N 428 
TRP HB3  H  N N 429 
TRP HD1  H  N N 430 
TRP HE1  H  N N 431 
TRP HE3  H  N N 432 
TRP HZ2  H  N N 433 
TRP HZ3  H  N N 434 
TRP HH2  H  N N 435 
TRP HXT  H  N N 436 
TYR N    N  N N 437 
TYR CA   C  N S 438 
TYR C    C  N N 439 
TYR O    O  N N 440 
TYR CB   C  N N 441 
TYR CG   C  Y N 442 
TYR CD1  C  Y N 443 
TYR CD2  C  Y N 444 
TYR CE1  C  Y N 445 
TYR CE2  C  Y N 446 
TYR CZ   C  Y N 447 
TYR OH   O  N N 448 
TYR OXT  O  N N 449 
TYR H    H  N N 450 
TYR H2   H  N N 451 
TYR HA   H  N N 452 
TYR HB2  H  N N 453 
TYR HB3  H  N N 454 
TYR HD1  H  N N 455 
TYR HD2  H  N N 456 
TYR HE1  H  N N 457 
TYR HE2  H  N N 458 
TYR HH   H  N N 459 
TYR HXT  H  N N 460 
VAL N    N  N N 461 
VAL CA   C  N S 462 
VAL C    C  N N 463 
VAL O    O  N N 464 
VAL CB   C  N N 465 
VAL CG1  C  N N 466 
VAL CG2  C  N N 467 
VAL OXT  O  N N 468 
VAL H    H  N N 469 
VAL H2   H  N N 470 
VAL HA   H  N N 471 
VAL HB   H  N N 472 
VAL HG11 H  N N 473 
VAL HG12 H  N N 474 
VAL HG13 H  N N 475 
VAL HG21 H  N N 476 
VAL HG22 H  N N 477 
VAL HG23 H  N N 478 
VAL HXT  H  N N 479 
# 
loop_
_chem_comp_bond.comp_id 
_chem_comp_bond.atom_id_1 
_chem_comp_bond.atom_id_2 
_chem_comp_bond.value_order 
_chem_comp_bond.pdbx_aromatic_flag 
_chem_comp_bond.pdbx_stereo_config 
_chem_comp_bond.pdbx_ordinal 
ALA N   CA   sing N N 1   
ALA N   H    sing N N 2   
ALA N   H2   sing N N 3   
ALA CA  C    sing N N 4   
ALA CA  CB   sing N N 5   
ALA CA  HA   sing N N 6   
ALA C   O    doub N N 7   
ALA C   OXT  sing N N 8   
ALA CB  HB1  sing N N 9   
ALA CB  HB2  sing N N 10  
ALA CB  HB3  sing N N 11  
ALA OXT HXT  sing N N 12  
ARG N   CA   sing N N 13  
ARG N   H    sing N N 14  
ARG N   H2   sing N N 15  
ARG CA  C    sing N N 16  
ARG CA  CB   sing N N 17  
ARG CA  HA   sing N N 18  
ARG C   O    doub N N 19  
ARG C   OXT  sing N N 20  
ARG CB  CG   sing N N 21  
ARG CB  HB2  sing N N 22  
ARG CB  HB3  sing N N 23  
ARG CG  CD   sing N N 24  
ARG CG  HG2  sing N N 25  
ARG CG  HG3  sing N N 26  
ARG CD  NE   sing N N 27  
ARG CD  HD2  sing N N 28  
ARG CD  HD3  sing N N 29  
ARG NE  CZ   sing N N 30  
ARG NE  HE   sing N N 31  
ARG CZ  NH1  sing N N 32  
ARG CZ  NH2  doub N N 33  
ARG NH1 HH11 sing N N 34  
ARG NH1 HH12 sing N N 35  
ARG NH2 HH21 sing N N 36  
ARG NH2 HH22 sing N N 37  
ARG OXT HXT  sing N N 38  
ASN N   CA   sing N N 39  
ASN N   H    sing N N 40  
ASN N   H2   sing N N 41  
ASN CA  C    sing N N 42  
ASN CA  CB   sing N N 43  
ASN CA  HA   sing N N 44  
ASN C   O    doub N N 45  
ASN C   OXT  sing N N 46  
ASN CB  CG   sing N N 47  
ASN CB  HB2  sing N N 48  
ASN CB  HB3  sing N N 49  
ASN CG  OD1  doub N N 50  
ASN CG  ND2  sing N N 51  
ASN ND2 HD21 sing N N 52  
ASN ND2 HD22 sing N N 53  
ASN OXT HXT  sing N N 54  
ASP N   CA   sing N N 55  
ASP N   H    sing N N 56  
ASP N   H2   sing N N 57  
ASP CA  C    sing N N 58  
ASP CA  CB   sing N N 59  
ASP CA  HA   sing N N 60  
ASP C   O    doub N N 61  
ASP C   OXT  sing N N 62  
ASP CB  CG   sing N N 63  
ASP CB  HB2  sing N N 64  
ASP CB  HB3  sing N N 65  
ASP CG  OD1  doub N N 66  
ASP CG  OD2  sing N N 67  
ASP OD2 HD2  sing N N 68  
ASP OXT HXT  sing N N 69  
BGC C2  C3   sing N N 70  
BGC C2  C1   sing N N 71  
BGC C2  O2   sing N N 72  
BGC C2  H2   sing N N 73  
BGC C3  C4   sing N N 74  
BGC C3  O3   sing N N 75  
BGC C3  H3   sing N N 76  
BGC C4  C5   sing N N 77  
BGC C4  O4   sing N N 78  
BGC C4  H4   sing N N 79  
BGC C5  C6   sing N N 80  
BGC C5  O5   sing N N 81  
BGC C5  H5   sing N N 82  
BGC C6  O6   sing N N 83  
BGC C6  H61  sing N N 84  
BGC C6  H62  sing N N 85  
BGC C1  O1   sing N N 86  
BGC C1  O5   sing N N 87  
BGC C1  H1   sing N N 88  
BGC O1  HO1  sing N N 89  
BGC O2  HO2  sing N N 90  
BGC O3  HO3  sing N N 91  
BGC O4  HO4  sing N N 92  
BGC O6  HO6  sing N N 93  
CYS N   CA   sing N N 94  
CYS N   H    sing N N 95  
CYS N   H2   sing N N 96  
CYS CA  C    sing N N 97  
CYS CA  CB   sing N N 98  
CYS CA  HA   sing N N 99  
CYS C   O    doub N N 100 
CYS C   OXT  sing N N 101 
CYS CB  SG   sing N N 102 
CYS CB  HB2  sing N N 103 
CYS CB  HB3  sing N N 104 
CYS SG  HG   sing N N 105 
CYS OXT HXT  sing N N 106 
GAL C1  C2   sing N N 107 
GAL C1  O1   sing N N 108 
GAL C1  O5   sing N N 109 
GAL C1  H1   sing N N 110 
GAL C2  C3   sing N N 111 
GAL C2  O2   sing N N 112 
GAL C2  H2   sing N N 113 
GAL C3  C4   sing N N 114 
GAL C3  O3   sing N N 115 
GAL C3  H3   sing N N 116 
GAL C4  C5   sing N N 117 
GAL C4  O4   sing N N 118 
GAL C4  H4   sing N N 119 
GAL C5  C6   sing N N 120 
GAL C5  O5   sing N N 121 
GAL C5  H5   sing N N 122 
GAL C6  O6   sing N N 123 
GAL C6  H61  sing N N 124 
GAL C6  H62  sing N N 125 
GAL O1  HO1  sing N N 126 
GAL O2  HO2  sing N N 127 
GAL O3  HO3  sing N N 128 
GAL O4  HO4  sing N N 129 
GAL O6  HO6  sing N N 130 
GLN N   CA   sing N N 131 
GLN N   H    sing N N 132 
GLN N   H2   sing N N 133 
GLN CA  C    sing N N 134 
GLN CA  CB   sing N N 135 
GLN CA  HA   sing N N 136 
GLN C   O    doub N N 137 
GLN C   OXT  sing N N 138 
GLN CB  CG   sing N N 139 
GLN CB  HB2  sing N N 140 
GLN CB  HB3  sing N N 141 
GLN CG  CD   sing N N 142 
GLN CG  HG2  sing N N 143 
GLN CG  HG3  sing N N 144 
GLN CD  OE1  doub N N 145 
GLN CD  NE2  sing N N 146 
GLN NE2 HE21 sing N N 147 
GLN NE2 HE22 sing N N 148 
GLN OXT HXT  sing N N 149 
GLU N   CA   sing N N 150 
GLU N   H    sing N N 151 
GLU N   H2   sing N N 152 
GLU CA  C    sing N N 153 
GLU CA  CB   sing N N 154 
GLU CA  HA   sing N N 155 
GLU C   O    doub N N 156 
GLU C   OXT  sing N N 157 
GLU CB  CG   sing N N 158 
GLU CB  HB2  sing N N 159 
GLU CB  HB3  sing N N 160 
GLU CG  CD   sing N N 161 
GLU CG  HG2  sing N N 162 
GLU CG  HG3  sing N N 163 
GLU CD  OE1  doub N N 164 
GLU CD  OE2  sing N N 165 
GLU OE2 HE2  sing N N 166 
GLU OXT HXT  sing N N 167 
GLY N   CA   sing N N 168 
GLY N   H    sing N N 169 
GLY N   H2   sing N N 170 
GLY CA  C    sing N N 171 
GLY CA  HA2  sing N N 172 
GLY CA  HA3  sing N N 173 
GLY C   O    doub N N 174 
GLY C   OXT  sing N N 175 
GLY OXT HXT  sing N N 176 
HIS N   CA   sing N N 177 
HIS N   H    sing N N 178 
HIS N   H2   sing N N 179 
HIS CA  C    sing N N 180 
HIS CA  CB   sing N N 181 
HIS CA  HA   sing N N 182 
HIS C   O    doub N N 183 
HIS C   OXT  sing N N 184 
HIS CB  CG   sing N N 185 
HIS CB  HB2  sing N N 186 
HIS CB  HB3  sing N N 187 
HIS CG  ND1  sing Y N 188 
HIS CG  CD2  doub Y N 189 
HIS ND1 CE1  doub Y N 190 
HIS ND1 HD1  sing N N 191 
HIS CD2 NE2  sing Y N 192 
HIS CD2 HD2  sing N N 193 
HIS CE1 NE2  sing Y N 194 
HIS CE1 HE1  sing N N 195 
HIS NE2 HE2  sing N N 196 
HIS OXT HXT  sing N N 197 
HOH O   H1   sing N N 198 
HOH O   H2   sing N N 199 
ILE N   CA   sing N N 200 
ILE N   H    sing N N 201 
ILE N   H2   sing N N 202 
ILE CA  C    sing N N 203 
ILE CA  CB   sing N N 204 
ILE CA  HA   sing N N 205 
ILE C   O    doub N N 206 
ILE C   OXT  sing N N 207 
ILE CB  CG1  sing N N 208 
ILE CB  CG2  sing N N 209 
ILE CB  HB   sing N N 210 
ILE CG1 CD1  sing N N 211 
ILE CG1 HG12 sing N N 212 
ILE CG1 HG13 sing N N 213 
ILE CG2 HG21 sing N N 214 
ILE CG2 HG22 sing N N 215 
ILE CG2 HG23 sing N N 216 
ILE CD1 HD11 sing N N 217 
ILE CD1 HD12 sing N N 218 
ILE CD1 HD13 sing N N 219 
ILE OXT HXT  sing N N 220 
LEU N   CA   sing N N 221 
LEU N   H    sing N N 222 
LEU N   H2   sing N N 223 
LEU CA  C    sing N N 224 
LEU CA  CB   sing N N 225 
LEU CA  HA   sing N N 226 
LEU C   O    doub N N 227 
LEU C   OXT  sing N N 228 
LEU CB  CG   sing N N 229 
LEU CB  HB2  sing N N 230 
LEU CB  HB3  sing N N 231 
LEU CG  CD1  sing N N 232 
LEU CG  CD2  sing N N 233 
LEU CG  HG   sing N N 234 
LEU CD1 HD11 sing N N 235 
LEU CD1 HD12 sing N N 236 
LEU CD1 HD13 sing N N 237 
LEU CD2 HD21 sing N N 238 
LEU CD2 HD22 sing N N 239 
LEU CD2 HD23 sing N N 240 
LEU OXT HXT  sing N N 241 
LYS N   CA   sing N N 242 
LYS N   H    sing N N 243 
LYS N   H2   sing N N 244 
LYS CA  C    sing N N 245 
LYS CA  CB   sing N N 246 
LYS CA  HA   sing N N 247 
LYS C   O    doub N N 248 
LYS C   OXT  sing N N 249 
LYS CB  CG   sing N N 250 
LYS CB  HB2  sing N N 251 
LYS CB  HB3  sing N N 252 
LYS CG  CD   sing N N 253 
LYS CG  HG2  sing N N 254 
LYS CG  HG3  sing N N 255 
LYS CD  CE   sing N N 256 
LYS CD  HD2  sing N N 257 
LYS CD  HD3  sing N N 258 
LYS CE  NZ   sing N N 259 
LYS CE  HE2  sing N N 260 
LYS CE  HE3  sing N N 261 
LYS NZ  HZ1  sing N N 262 
LYS NZ  HZ2  sing N N 263 
LYS NZ  HZ3  sing N N 264 
LYS OXT HXT  sing N N 265 
MET N   CA   sing N N 266 
MET N   H    sing N N 267 
MET N   H2   sing N N 268 
MET CA  C    sing N N 269 
MET CA  CB   sing N N 270 
MET CA  HA   sing N N 271 
MET C   O    doub N N 272 
MET C   OXT  sing N N 273 
MET CB  CG   sing N N 274 
MET CB  HB2  sing N N 275 
MET CB  HB3  sing N N 276 
MET CG  SD   sing N N 277 
MET CG  HG2  sing N N 278 
MET CG  HG3  sing N N 279 
MET SD  CE   sing N N 280 
MET CE  HE1  sing N N 281 
MET CE  HE2  sing N N 282 
MET CE  HE3  sing N N 283 
MET OXT HXT  sing N N 284 
PHE N   CA   sing N N 285 
PHE N   H    sing N N 286 
PHE N   H2   sing N N 287 
PHE CA  C    sing N N 288 
PHE CA  CB   sing N N 289 
PHE CA  HA   sing N N 290 
PHE C   O    doub N N 291 
PHE C   OXT  sing N N 292 
PHE CB  CG   sing N N 293 
PHE CB  HB2  sing N N 294 
PHE CB  HB3  sing N N 295 
PHE CG  CD1  doub Y N 296 
PHE CG  CD2  sing Y N 297 
PHE CD1 CE1  sing Y N 298 
PHE CD1 HD1  sing N N 299 
PHE CD2 CE2  doub Y N 300 
PHE CD2 HD2  sing N N 301 
PHE CE1 CZ   doub Y N 302 
PHE CE1 HE1  sing N N 303 
PHE CE2 CZ   sing Y N 304 
PHE CE2 HE2  sing N N 305 
PHE CZ  HZ   sing N N 306 
PHE OXT HXT  sing N N 307 
PRO N   CA   sing N N 308 
PRO N   CD   sing N N 309 
PRO N   H    sing N N 310 
PRO CA  C    sing N N 311 
PRO CA  CB   sing N N 312 
PRO CA  HA   sing N N 313 
PRO C   O    doub N N 314 
PRO C   OXT  sing N N 315 
PRO CB  CG   sing N N 316 
PRO CB  HB2  sing N N 317 
PRO CB  HB3  sing N N 318 
PRO CG  CD   sing N N 319 
PRO CG  HG2  sing N N 320 
PRO CG  HG3  sing N N 321 
PRO CD  HD2  sing N N 322 
PRO CD  HD3  sing N N 323 
PRO OXT HXT  sing N N 324 
SER N   CA   sing N N 325 
SER N   H    sing N N 326 
SER N   H2   sing N N 327 
SER CA  C    sing N N 328 
SER CA  CB   sing N N 329 
SER CA  HA   sing N N 330 
SER C   O    doub N N 331 
SER C   OXT  sing N N 332 
SER CB  OG   sing N N 333 
SER CB  HB2  sing N N 334 
SER CB  HB3  sing N N 335 
SER OG  HG   sing N N 336 
SER OXT HXT  sing N N 337 
SIA C1  C2   sing N N 338 
SIA C1  O1A  doub N N 339 
SIA C1  O1B  sing N N 340 
SIA C2  C3   sing N N 341 
SIA C2  O2   sing N N 342 
SIA C2  O6   sing N N 343 
SIA C3  C4   sing N N 344 
SIA C3  H32  sing N N 345 
SIA C3  H31  sing N N 346 
SIA C4  C5   sing N N 347 
SIA C4  O4   sing N N 348 
SIA C4  H4   sing N N 349 
SIA C5  C6   sing N N 350 
SIA C5  N5   sing N N 351 
SIA C5  H5   sing N N 352 
SIA C6  C7   sing N N 353 
SIA C6  O6   sing N N 354 
SIA C6  H6   sing N N 355 
SIA C7  C8   sing N N 356 
SIA C7  O7   sing N N 357 
SIA C7  H7   sing N N 358 
SIA C8  C9   sing N N 359 
SIA C8  O8   sing N N 360 
SIA C8  H8   sing N N 361 
SIA C9  O9   sing N N 362 
SIA C9  H92  sing N N 363 
SIA C9  H91  sing N N 364 
SIA C10 C11  sing N N 365 
SIA C10 N5   sing N N 366 
SIA C10 O10  doub N N 367 
SIA C11 H111 sing N N 368 
SIA C11 H113 sing N N 369 
SIA C11 H112 sing N N 370 
SIA N5  HN5  sing N N 371 
SIA O1B HO1B sing N N 372 
SIA O2  HO2  sing N N 373 
SIA O4  HO4  sing N N 374 
SIA O7  HO7  sing N N 375 
SIA O8  HO8  sing N N 376 
SIA O9  HO9  sing N N 377 
THR N   CA   sing N N 378 
THR N   H    sing N N 379 
THR N   H2   sing N N 380 
THR CA  C    sing N N 381 
THR CA  CB   sing N N 382 
THR CA  HA   sing N N 383 
THR C   O    doub N N 384 
THR C   OXT  sing N N 385 
THR CB  OG1  sing N N 386 
THR CB  CG2  sing N N 387 
THR CB  HB   sing N N 388 
THR OG1 HG1  sing N N 389 
THR CG2 HG21 sing N N 390 
THR CG2 HG22 sing N N 391 
THR CG2 HG23 sing N N 392 
THR OXT HXT  sing N N 393 
TRP N   CA   sing N N 394 
TRP N   H    sing N N 395 
TRP N   H2   sing N N 396 
TRP CA  C    sing N N 397 
TRP CA  CB   sing N N 398 
TRP CA  HA   sing N N 399 
TRP C   O    doub N N 400 
TRP C   OXT  sing N N 401 
TRP CB  CG   sing N N 402 
TRP CB  HB2  sing N N 403 
TRP CB  HB3  sing N N 404 
TRP CG  CD1  doub Y N 405 
TRP CG  CD2  sing Y N 406 
TRP CD1 NE1  sing Y N 407 
TRP CD1 HD1  sing N N 408 
TRP CD2 CE2  doub Y N 409 
TRP CD2 CE3  sing Y N 410 
TRP NE1 CE2  sing Y N 411 
TRP NE1 HE1  sing N N 412 
TRP CE2 CZ2  sing Y N 413 
TRP CE3 CZ3  doub Y N 414 
TRP CE3 HE3  sing N N 415 
TRP CZ2 CH2  doub Y N 416 
TRP CZ2 HZ2  sing N N 417 
TRP CZ3 CH2  sing Y N 418 
TRP CZ3 HZ3  sing N N 419 
TRP CH2 HH2  sing N N 420 
TRP OXT HXT  sing N N 421 
TYR N   CA   sing N N 422 
TYR N   H    sing N N 423 
TYR N   H2   sing N N 424 
TYR CA  C    sing N N 425 
TYR CA  CB   sing N N 426 
TYR CA  HA   sing N N 427 
TYR C   O    doub N N 428 
TYR C   OXT  sing N N 429 
TYR CB  CG   sing N N 430 
TYR CB  HB2  sing N N 431 
TYR CB  HB3  sing N N 432 
TYR CG  CD1  doub Y N 433 
TYR CG  CD2  sing Y N 434 
TYR CD1 CE1  sing Y N 435 
TYR CD1 HD1  sing N N 436 
TYR CD2 CE2  doub Y N 437 
TYR CD2 HD2  sing N N 438 
TYR CE1 CZ   doub Y N 439 
TYR CE1 HE1  sing N N 440 
TYR CE2 CZ   sing Y N 441 
TYR CE2 HE2  sing N N 442 
TYR CZ  OH   sing N N 443 
TYR OH  HH   sing N N 444 
TYR OXT HXT  sing N N 445 
VAL N   CA   sing N N 446 
VAL N   H    sing N N 447 
VAL N   H2   sing N N 448 
VAL CA  C    sing N N 449 
VAL CA  CB   sing N N 450 
VAL CA  HA   sing N N 451 
VAL C   O    doub N N 452 
VAL C   OXT  sing N N 453 
VAL CB  CG1  sing N N 454 
VAL CB  CG2  sing N N 455 
VAL CB  HB   sing N N 456 
VAL CG1 HG11 sing N N 457 
VAL CG1 HG12 sing N N 458 
VAL CG1 HG13 sing N N 459 
VAL CG2 HG21 sing N N 460 
VAL CG2 HG22 sing N N 461 
VAL CG2 HG23 sing N N 462 
VAL OXT HXT  sing N N 463 
# 
loop_
_pdbx_branch_scheme.asym_id 
_pdbx_branch_scheme.entity_id 
_pdbx_branch_scheme.mon_id 
_pdbx_branch_scheme.num 
_pdbx_branch_scheme.pdb_asym_id 
_pdbx_branch_scheme.pdb_mon_id 
_pdbx_branch_scheme.pdb_seq_num 
_pdbx_branch_scheme.auth_asym_id 
_pdbx_branch_scheme.auth_mon_id 
_pdbx_branch_scheme.auth_seq_num 
_pdbx_branch_scheme.hetero 
B 2 BGC 1 B BGC 1 L GLC 502 n 
B 2 GAL 2 B GAL 2 L GAL 501 n 
B 2 SIA 3 B SIA 3 L SIA 500 n 
# 
loop_
_pdbx_chem_comp_identifier.comp_id 
_pdbx_chem_comp_identifier.type 
_pdbx_chem_comp_identifier.program 
_pdbx_chem_comp_identifier.program_version 
_pdbx_chem_comp_identifier.identifier 
BGC 'CONDENSED IUPAC CARBOHYDRATE SYMBOL' GMML     1.0 DGlcpb                         
BGC 'COMMON NAME'                         GMML     1.0 b-D-glucopyranose              
BGC 'IUPAC CARBOHYDRATE SYMBOL'           PDB-CARE 1.0 b-D-Glcp                       
BGC 'SNFG CARBOHYDRATE SYMBOL'            GMML     1.0 Glc                            
GAL 'CONDENSED IUPAC CARBOHYDRATE SYMBOL' GMML     1.0 DGalpb                         
GAL 'COMMON NAME'                         GMML     1.0 b-D-galactopyranose            
GAL 'IUPAC CARBOHYDRATE SYMBOL'           PDB-CARE 1.0 b-D-Galp                       
GAL 'SNFG CARBOHYDRATE SYMBOL'            GMML     1.0 Gal                            
SIA 'CONDENSED IUPAC CARBOHYDRATE SYMBOL' GMML     1.0 DNeup5Aca                      
SIA 'COMMON NAME'                         GMML     1.0 'N-acetyl-a-D-neuraminic acid' 
SIA 'IUPAC CARBOHYDRATE SYMBOL'           PDB-CARE 1.0 a-D-Neup5Ac                    
SIA 'SNFG CARBOHYDRATE SYMBOL'            GMML     1.0 Neu5Ac                         
# 
_pdbx_entity_branch.entity_id   2 
_pdbx_entity_branch.type        oligosaccharide 
# 
loop_
_pdbx_entity_branch_descriptor.ordinal 
_pdbx_entity_branch_descriptor.entity_id 
_pdbx_entity_branch_descriptor.descriptor 
_pdbx_entity_branch_descriptor.type 
_pdbx_entity_branch_descriptor.program 
_pdbx_entity_branch_descriptor.program_version 
1 2 DNeup5Aca2-3DGalpb1-4DGlcpb1-ROH                                                               'Glycam Condensed Sequence' 
GMML       1.0   
2 2 'WURCS=2.0/3,3,2/[a2122h-1b_1-5][a2112h-1b_1-5][Aad21122h-2a_2-6_5*NCC/3=O]/1-2-3/a4-b1_b3-c2' WURCS                       
PDB2Glycan 1.1.0 
3 2 '[][b-D-Glcp]{[(4+1)][b-D-Galp]{[(3+2)][a-D-Neup5Ac]{}}}'                                      LINUCS                      
PDB-CARE   ?     
# 
loop_
_pdbx_entity_branch_link.link_id 
_pdbx_entity_branch_link.entity_id 
_pdbx_entity_branch_link.entity_branch_list_num_1 
_pdbx_entity_branch_link.comp_id_1 
_pdbx_entity_branch_link.atom_id_1 
_pdbx_entity_branch_link.leaving_atom_id_1 
_pdbx_entity_branch_link.entity_branch_list_num_2 
_pdbx_entity_branch_link.comp_id_2 
_pdbx_entity_branch_link.atom_id_2 
_pdbx_entity_branch_link.leaving_atom_id_2 
_pdbx_entity_branch_link.value_order 
_pdbx_entity_branch_link.details 
1 2 2 GAL C1 O1 1 BGC O4 HO4 sing ? 
2 2 3 SIA C2 O2 2 GAL O3 HO3 sing ? 
# 
loop_
_pdbx_entity_branch_list.entity_id 
_pdbx_entity_branch_list.comp_id 
_pdbx_entity_branch_list.num 
_pdbx_entity_branch_list.hetero 
2 BGC 1 n 
2 GAL 2 n 
2 SIA 3 n 
# 
loop_
_pdbx_entity_nonpoly.entity_id 
_pdbx_entity_nonpoly.name 
_pdbx_entity_nonpoly.comp_id 
3 'NICKEL (II) ION' NI  
4 water             HOH 
# 
_pdbx_initial_refinement_model.id               1 
_pdbx_initial_refinement_model.entity_id_list   ? 
_pdbx_initial_refinement_model.type             'experimental model' 
_pdbx_initial_refinement_model.source_name      PDB 
_pdbx_initial_refinement_model.accession_code   3KOE 
_pdbx_initial_refinement_model.details          'PDB entry 3KOE' 
# 
